data_1WLF
# 
_entry.id   1WLF 
# 
_audit_conform.dict_name       mmcif_pdbx.dic 
_audit_conform.dict_version    5.388 
_audit_conform.dict_location   http://mmcif.pdb.org/dictionaries/ascii/mmcif_pdbx.dic 
# 
loop_
_database_2.database_id 
_database_2.database_code 
_database_2.pdbx_database_accession 
_database_2.pdbx_DOI 
PDB   1WLF         pdb_00001wlf 10.2210/pdb1wlf/pdb 
RCSB  RCSB023705   ?            ?                   
WWPDB D_1000023705 ?            ?                   
# 
loop_
_pdbx_audit_revision_history.ordinal 
_pdbx_audit_revision_history.data_content_type 
_pdbx_audit_revision_history.major_revision 
_pdbx_audit_revision_history.minor_revision 
_pdbx_audit_revision_history.revision_date 
1 'Structure model' 1 0 2004-09-07 
2 'Structure model' 1 1 2008-04-30 
3 'Structure model' 1 2 2011-07-13 
4 'Structure model' 1 3 2017-10-11 
5 'Structure model' 1 4 2019-11-06 
6 'Structure model' 1 5 2024-03-13 
# 
_pdbx_audit_revision_details.ordinal             1 
_pdbx_audit_revision_details.revision_ordinal    1 
_pdbx_audit_revision_details.data_content_type   'Structure model' 
_pdbx_audit_revision_details.provider            repository 
_pdbx_audit_revision_details.type                'Initial release' 
_pdbx_audit_revision_details.description         ? 
_pdbx_audit_revision_details.details             ? 
# 
loop_
_pdbx_audit_revision_group.ordinal 
_pdbx_audit_revision_group.revision_ordinal 
_pdbx_audit_revision_group.data_content_type 
_pdbx_audit_revision_group.group 
1 2 'Structure model' 'Version format compliance' 
2 3 'Structure model' 'Version format compliance' 
3 4 'Structure model' 'Refinement description'    
4 5 'Structure model' 'Data collection'           
5 6 'Structure model' 'Data collection'           
6 6 'Structure model' 'Database references'       
7 6 'Structure model' 'Derived calculations'      
# 
loop_
_pdbx_audit_revision_category.ordinal 
_pdbx_audit_revision_category.revision_ordinal 
_pdbx_audit_revision_category.data_content_type 
_pdbx_audit_revision_category.category 
1 4 'Structure model' refine_ls_shell 
2 5 'Structure model' reflns_shell    
3 6 'Structure model' chem_comp_atom  
4 6 'Structure model' chem_comp_bond  
5 6 'Structure model' database_2      
6 6 'Structure model' struct_site     
# 
loop_
_pdbx_audit_revision_item.ordinal 
_pdbx_audit_revision_item.revision_ordinal 
_pdbx_audit_revision_item.data_content_type 
_pdbx_audit_revision_item.item 
1 4 'Structure model' '_refine_ls_shell.number_reflns_obs'  
2 4 'Structure model' '_refine_ls_shell.percent_reflns_obs' 
3 5 'Structure model' '_reflns_shell.Rmerge_I_obs'          
4 5 'Structure model' '_reflns_shell.pdbx_Rsym_value'       
5 6 'Structure model' '_database_2.pdbx_DOI'                
6 6 'Structure model' '_database_2.pdbx_database_accession' 
7 6 'Structure model' '_struct_site.pdbx_auth_asym_id'      
8 6 'Structure model' '_struct_site.pdbx_auth_comp_id'      
9 6 'Structure model' '_struct_site.pdbx_auth_seq_id'       
# 
_pdbx_database_status.status_code                     REL 
_pdbx_database_status.entry_id                        1WLF 
_pdbx_database_status.recvd_initial_deposition_date   2004-06-25 
_pdbx_database_status.deposit_site                    PDBJ 
_pdbx_database_status.process_site                    PDBJ 
_pdbx_database_status.status_code_sf                  REL 
_pdbx_database_status.SG_entry                        . 
_pdbx_database_status.pdb_format_compatible           Y 
_pdbx_database_status.status_code_mr                  ? 
_pdbx_database_status.status_code_cs                  ? 
_pdbx_database_status.methods_development_category    ? 
_pdbx_database_status.status_code_nmr_data            ? 
# 
loop_
_audit_author.name 
_audit_author.pdbx_ordinal 
'Shiozawa, K.'  1  
'Maita, N.'     2  
'Tomii, K.'     3  
'Seto, A.'      4  
'Goda, N.'      5  
'Tochio, H.'    6  
'Akiyama, Y.'   7  
'Shimizu, T.'   8  
'Shirakawa, M.' 9  
'Hiroaki, H.'   10 
# 
_citation.id                        primary 
_citation.title                     
'Structure of the N-terminal Domain of PEX1 AAA-ATPase: CHARACTERIZATION OF A PUTATIVE ADAPTOR-BINDING DOMAIN' 
_citation.journal_abbrev            J.Biol.Chem. 
_citation.journal_volume            279 
_citation.page_first                50060 
_citation.page_last                 50068 
_citation.year                      2004 
_citation.journal_id_ASTM           JBCHA3 
_citation.country                   US 
_citation.journal_id_ISSN           0021-9258 
_citation.journal_id_CSD            0071 
_citation.book_publisher            ? 
_citation.pdbx_database_id_PubMed   15328346 
_citation.pdbx_database_id_DOI      10.1074/jbc.M407837200 
# 
loop_
_citation_author.citation_id 
_citation_author.name 
_citation_author.ordinal 
_citation_author.identifier_ORCID 
primary 'Shiozawa, K.'  1 ? 
primary 'Maita, N.'     2 ? 
primary 'Tomii, K.'     3 ? 
primary 'Seto, A.'      4 ? 
primary 'Goda, N.'      5 ? 
primary 'Akiyama, Y.'   6 ? 
primary 'Shimizu, T.'   7 ? 
primary 'Shirakawa, M.' 8 ? 
primary 'Hiroaki, H.'   9 ? 
# 
loop_
_entity.id 
_entity.type 
_entity.src_method 
_entity.pdbx_description 
_entity.formula_weight 
_entity.pdbx_number_of_molecules 
_entity.pdbx_ec 
_entity.pdbx_mutation 
_entity.pdbx_fragment 
_entity.details 
1 polymer     man 'Peroxisome biogenesis factor 1' 19991.707 1  ? ? ? ? 
2 non-polymer syn 'SULFATE ION'                    96.063    1  ? ? ? ? 
3 water       nat water                            18.015    51 ? ? ? ? 
# 
_entity_name_com.entity_id   1 
_entity_name_com.name        PEX1 
# 
_entity_poly.entity_id                      1 
_entity_poly.type                           'polypeptide(L)' 
_entity_poly.nstd_linkage                   no 
_entity_poly.nstd_monomer                   no 
_entity_poly.pdbx_seq_one_letter_code       
;SSDRLAGAGSGGAVVTVAFTNARDCFLHLPRRLVAQLHLLQNQAIEVASDHQPTYLSWVEGRHFNDQSENVAEINRQVGQ
KLGLSSGDQVFLRPCSHVVSCQQVEVEPLSADDWEILELHAISLEQHLLDQIRIVFPKAVVPIWVDQQTYIFIQIVTLMP
AAPYGRLETNTKLLIQPKT
;
_entity_poly.pdbx_seq_one_letter_code_can   
;SSDRLAGAGSGGAVVTVAFTNARDCFLHLPRRLVAQLHLLQNQAIEVASDHQPTYLSWVEGRHFNDQSENVAEINRQVGQ
KLGLSSGDQVFLRPCSHVVSCQQVEVEPLSADDWEILELHAISLEQHLLDQIRIVFPKAVVPIWVDQQTYIFIQIVTLMP
AAPYGRLETNTKLLIQPKT
;
_entity_poly.pdbx_strand_id                 A 
_entity_poly.pdbx_target_identifier         ? 
# 
loop_
_pdbx_entity_nonpoly.entity_id 
_pdbx_entity_nonpoly.name 
_pdbx_entity_nonpoly.comp_id 
2 'SULFATE ION' SO4 
3 water         HOH 
# 
loop_
_entity_poly_seq.entity_id 
_entity_poly_seq.num 
_entity_poly_seq.mon_id 
_entity_poly_seq.hetero 
1 1   SER n 
1 2   SER n 
1 3   ASP n 
1 4   ARG n 
1 5   LEU n 
1 6   ALA n 
1 7   GLY n 
1 8   ALA n 
1 9   GLY n 
1 10  SER n 
1 11  GLY n 
1 12  GLY n 
1 13  ALA n 
1 14  VAL n 
1 15  VAL n 
1 16  THR n 
1 17  VAL n 
1 18  ALA n 
1 19  PHE n 
1 20  THR n 
1 21  ASN n 
1 22  ALA n 
1 23  ARG n 
1 24  ASP n 
1 25  CYS n 
1 26  PHE n 
1 27  LEU n 
1 28  HIS n 
1 29  LEU n 
1 30  PRO n 
1 31  ARG n 
1 32  ARG n 
1 33  LEU n 
1 34  VAL n 
1 35  ALA n 
1 36  GLN n 
1 37  LEU n 
1 38  HIS n 
1 39  LEU n 
1 40  LEU n 
1 41  GLN n 
1 42  ASN n 
1 43  GLN n 
1 44  ALA n 
1 45  ILE n 
1 46  GLU n 
1 47  VAL n 
1 48  ALA n 
1 49  SER n 
1 50  ASP n 
1 51  HIS n 
1 52  GLN n 
1 53  PRO n 
1 54  THR n 
1 55  TYR n 
1 56  LEU n 
1 57  SER n 
1 58  TRP n 
1 59  VAL n 
1 60  GLU n 
1 61  GLY n 
1 62  ARG n 
1 63  HIS n 
1 64  PHE n 
1 65  ASN n 
1 66  ASP n 
1 67  GLN n 
1 68  SER n 
1 69  GLU n 
1 70  ASN n 
1 71  VAL n 
1 72  ALA n 
1 73  GLU n 
1 74  ILE n 
1 75  ASN n 
1 76  ARG n 
1 77  GLN n 
1 78  VAL n 
1 79  GLY n 
1 80  GLN n 
1 81  LYS n 
1 82  LEU n 
1 83  GLY n 
1 84  LEU n 
1 85  SER n 
1 86  SER n 
1 87  GLY n 
1 88  ASP n 
1 89  GLN n 
1 90  VAL n 
1 91  PHE n 
1 92  LEU n 
1 93  ARG n 
1 94  PRO n 
1 95  CYS n 
1 96  SER n 
1 97  HIS n 
1 98  VAL n 
1 99  VAL n 
1 100 SER n 
1 101 CYS n 
1 102 GLN n 
1 103 GLN n 
1 104 VAL n 
1 105 GLU n 
1 106 VAL n 
1 107 GLU n 
1 108 PRO n 
1 109 LEU n 
1 110 SER n 
1 111 ALA n 
1 112 ASP n 
1 113 ASP n 
1 114 TRP n 
1 115 GLU n 
1 116 ILE n 
1 117 LEU n 
1 118 GLU n 
1 119 LEU n 
1 120 HIS n 
1 121 ALA n 
1 122 ILE n 
1 123 SER n 
1 124 LEU n 
1 125 GLU n 
1 126 GLN n 
1 127 HIS n 
1 128 LEU n 
1 129 LEU n 
1 130 ASP n 
1 131 GLN n 
1 132 ILE n 
1 133 ARG n 
1 134 ILE n 
1 135 VAL n 
1 136 PHE n 
1 137 PRO n 
1 138 LYS n 
1 139 ALA n 
1 140 VAL n 
1 141 VAL n 
1 142 PRO n 
1 143 ILE n 
1 144 TRP n 
1 145 VAL n 
1 146 ASP n 
1 147 GLN n 
1 148 GLN n 
1 149 THR n 
1 150 TYR n 
1 151 ILE n 
1 152 PHE n 
1 153 ILE n 
1 154 GLN n 
1 155 ILE n 
1 156 VAL n 
1 157 THR n 
1 158 LEU n 
1 159 MET n 
1 160 PRO n 
1 161 ALA n 
1 162 ALA n 
1 163 PRO n 
1 164 TYR n 
1 165 GLY n 
1 166 ARG n 
1 167 LEU n 
1 168 GLU n 
1 169 THR n 
1 170 ASN n 
1 171 THR n 
1 172 LYS n 
1 173 LEU n 
1 174 LEU n 
1 175 ILE n 
1 176 GLN n 
1 177 PRO n 
1 178 LYS n 
1 179 THR n 
# 
_entity_src_gen.entity_id                          1 
_entity_src_gen.pdbx_src_id                        1 
_entity_src_gen.pdbx_alt_source_flag               sample 
_entity_src_gen.pdbx_seq_type                      ? 
_entity_src_gen.pdbx_beg_seq_num                   ? 
_entity_src_gen.pdbx_end_seq_num                   ? 
_entity_src_gen.gene_src_common_name               'house mouse' 
_entity_src_gen.gene_src_genus                     Mus 
_entity_src_gen.pdbx_gene_src_gene                 ? 
_entity_src_gen.gene_src_species                   ? 
_entity_src_gen.gene_src_strain                    ? 
_entity_src_gen.gene_src_tissue                    ? 
_entity_src_gen.gene_src_tissue_fraction           ? 
_entity_src_gen.gene_src_details                   ? 
_entity_src_gen.pdbx_gene_src_fragment             ? 
_entity_src_gen.pdbx_gene_src_scientific_name      'Mus musculus' 
_entity_src_gen.pdbx_gene_src_ncbi_taxonomy_id     10090 
_entity_src_gen.pdbx_gene_src_variant              ? 
_entity_src_gen.pdbx_gene_src_cell_line            ? 
_entity_src_gen.pdbx_gene_src_atcc                 ? 
_entity_src_gen.pdbx_gene_src_organ                ? 
_entity_src_gen.pdbx_gene_src_organelle            ? 
_entity_src_gen.pdbx_gene_src_cell                 ? 
_entity_src_gen.pdbx_gene_src_cellular_location    ? 
_entity_src_gen.host_org_common_name               ? 
_entity_src_gen.pdbx_host_org_scientific_name      'Escherichia coli' 
_entity_src_gen.pdbx_host_org_ncbi_taxonomy_id     562 
_entity_src_gen.host_org_genus                     Escherichia 
_entity_src_gen.pdbx_host_org_gene                 ? 
_entity_src_gen.pdbx_host_org_organ                ? 
_entity_src_gen.host_org_species                   ? 
_entity_src_gen.pdbx_host_org_tissue               ? 
_entity_src_gen.pdbx_host_org_tissue_fraction      ? 
_entity_src_gen.pdbx_host_org_strain               ? 
_entity_src_gen.pdbx_host_org_variant              ? 
_entity_src_gen.pdbx_host_org_cell_line            ? 
_entity_src_gen.pdbx_host_org_atcc                 ? 
_entity_src_gen.pdbx_host_org_culture_collection   ? 
_entity_src_gen.pdbx_host_org_cell                 ? 
_entity_src_gen.pdbx_host_org_organelle            ? 
_entity_src_gen.pdbx_host_org_cellular_location    ? 
_entity_src_gen.pdbx_host_org_vector_type          PLASMID 
_entity_src_gen.pdbx_host_org_vector               ? 
_entity_src_gen.host_org_details                   ? 
_entity_src_gen.expression_system_id               ? 
_entity_src_gen.plasmid_name                       ? 
_entity_src_gen.plasmid_details                    ? 
_entity_src_gen.pdbx_description                   ? 
# 
loop_
_chem_comp.id 
_chem_comp.type 
_chem_comp.mon_nstd_flag 
_chem_comp.name 
_chem_comp.pdbx_synonyms 
_chem_comp.formula 
_chem_comp.formula_weight 
ALA 'L-peptide linking' y ALANINE         ? 'C3 H7 N O2'     89.093  
ARG 'L-peptide linking' y ARGININE        ? 'C6 H15 N4 O2 1' 175.209 
ASN 'L-peptide linking' y ASPARAGINE      ? 'C4 H8 N2 O3'    132.118 
ASP 'L-peptide linking' y 'ASPARTIC ACID' ? 'C4 H7 N O4'     133.103 
CYS 'L-peptide linking' y CYSTEINE        ? 'C3 H7 N O2 S'   121.158 
GLN 'L-peptide linking' y GLUTAMINE       ? 'C5 H10 N2 O3'   146.144 
GLU 'L-peptide linking' y 'GLUTAMIC ACID' ? 'C5 H9 N O4'     147.129 
GLY 'peptide linking'   y GLYCINE         ? 'C2 H5 N O2'     75.067  
HIS 'L-peptide linking' y HISTIDINE       ? 'C6 H10 N3 O2 1' 156.162 
HOH non-polymer         . WATER           ? 'H2 O'           18.015  
ILE 'L-peptide linking' y ISOLEUCINE      ? 'C6 H13 N O2'    131.173 
LEU 'L-peptide linking' y LEUCINE         ? 'C6 H13 N O2'    131.173 
LYS 'L-peptide linking' y LYSINE          ? 'C6 H15 N2 O2 1' 147.195 
MET 'L-peptide linking' y METHIONINE      ? 'C5 H11 N O2 S'  149.211 
PHE 'L-peptide linking' y PHENYLALANINE   ? 'C9 H11 N O2'    165.189 
PRO 'L-peptide linking' y PROLINE         ? 'C5 H9 N O2'     115.130 
SER 'L-peptide linking' y SERINE          ? 'C3 H7 N O3'     105.093 
SO4 non-polymer         . 'SULFATE ION'   ? 'O4 S -2'        96.063  
THR 'L-peptide linking' y THREONINE       ? 'C4 H9 N O3'     119.119 
TRP 'L-peptide linking' y TRYPTOPHAN      ? 'C11 H12 N2 O2'  204.225 
TYR 'L-peptide linking' y TYROSINE        ? 'C9 H11 N O3'    181.189 
VAL 'L-peptide linking' y VALINE          ? 'C5 H11 N O2'    117.146 
# 
loop_
_pdbx_poly_seq_scheme.asym_id 
_pdbx_poly_seq_scheme.entity_id 
_pdbx_poly_seq_scheme.seq_id 
_pdbx_poly_seq_scheme.mon_id 
_pdbx_poly_seq_scheme.ndb_seq_num 
_pdbx_poly_seq_scheme.pdb_seq_num 
_pdbx_poly_seq_scheme.auth_seq_num 
_pdbx_poly_seq_scheme.pdb_mon_id 
_pdbx_poly_seq_scheme.auth_mon_id 
_pdbx_poly_seq_scheme.pdb_strand_id 
_pdbx_poly_seq_scheme.pdb_ins_code 
_pdbx_poly_seq_scheme.hetero 
A 1 1   SER 1   3   ?   ?   ?   A . n 
A 1 2   SER 2   4   ?   ?   ?   A . n 
A 1 3   ASP 3   5   ?   ?   ?   A . n 
A 1 4   ARG 4   6   ?   ?   ?   A . n 
A 1 5   LEU 5   7   ?   ?   ?   A . n 
A 1 6   ALA 6   8   ?   ?   ?   A . n 
A 1 7   GLY 7   9   ?   ?   ?   A . n 
A 1 8   ALA 8   10  ?   ?   ?   A . n 
A 1 9   GLY 9   11  ?   ?   ?   A . n 
A 1 10  SER 10  12  ?   ?   ?   A . n 
A 1 11  GLY 11  13  13  GLY GLY A . n 
A 1 12  GLY 12  14  14  GLY GLY A . n 
A 1 13  ALA 13  15  15  ALA ALA A . n 
A 1 14  VAL 14  16  16  VAL VAL A . n 
A 1 15  VAL 15  17  17  VAL VAL A . n 
A 1 16  THR 16  18  18  THR THR A . n 
A 1 17  VAL 17  19  19  VAL VAL A . n 
A 1 18  ALA 18  20  20  ALA ALA A . n 
A 1 19  PHE 19  21  21  PHE PHE A . n 
A 1 20  THR 20  22  22  THR THR A . n 
A 1 21  ASN 21  23  23  ASN ASN A . n 
A 1 22  ALA 22  24  24  ALA ALA A . n 
A 1 23  ARG 23  25  25  ARG ARG A . n 
A 1 24  ASP 24  26  26  ASP ASP A . n 
A 1 25  CYS 25  27  27  CYS CYS A . n 
A 1 26  PHE 26  28  28  PHE PHE A . n 
A 1 27  LEU 27  29  29  LEU LEU A . n 
A 1 28  HIS 28  30  30  HIS HIS A . n 
A 1 29  LEU 29  31  31  LEU LEU A . n 
A 1 30  PRO 30  32  32  PRO PRO A . n 
A 1 31  ARG 31  33  33  ARG ARG A . n 
A 1 32  ARG 32  34  34  ARG ARG A . n 
A 1 33  LEU 33  35  35  LEU LEU A . n 
A 1 34  VAL 34  36  36  VAL VAL A . n 
A 1 35  ALA 35  37  37  ALA ALA A . n 
A 1 36  GLN 36  38  38  GLN GLN A . n 
A 1 37  LEU 37  39  39  LEU LEU A . n 
A 1 38  HIS 38  40  40  HIS HIS A . n 
A 1 39  LEU 39  41  41  LEU LEU A . n 
A 1 40  LEU 40  42  42  LEU LEU A . n 
A 1 41  GLN 41  43  43  GLN GLN A . n 
A 1 42  ASN 42  44  44  ASN ASN A . n 
A 1 43  GLN 43  45  45  GLN GLN A . n 
A 1 44  ALA 44  46  46  ALA ALA A . n 
A 1 45  ILE 45  47  47  ILE ILE A . n 
A 1 46  GLU 46  48  48  GLU GLU A . n 
A 1 47  VAL 47  49  49  VAL VAL A . n 
A 1 48  ALA 48  50  50  ALA ALA A . n 
A 1 49  SER 49  51  51  SER SER A . n 
A 1 50  ASP 50  52  52  ASP ASP A . n 
A 1 51  HIS 51  53  53  HIS HIS A . n 
A 1 52  GLN 52  54  54  GLN GLN A . n 
A 1 53  PRO 53  55  55  PRO PRO A . n 
A 1 54  THR 54  56  56  THR THR A . n 
A 1 55  TYR 55  57  57  TYR TYR A . n 
A 1 56  LEU 56  58  58  LEU LEU A . n 
A 1 57  SER 57  59  59  SER SER A . n 
A 1 58  TRP 58  60  60  TRP TRP A . n 
A 1 59  VAL 59  61  61  VAL VAL A . n 
A 1 60  GLU 60  62  62  GLU GLU A . n 
A 1 61  GLY 61  63  63  GLY GLY A . n 
A 1 62  ARG 62  64  64  ARG ARG A . n 
A 1 63  HIS 63  65  65  HIS HIS A . n 
A 1 64  PHE 64  66  66  PHE PHE A . n 
A 1 65  ASN 65  67  67  ASN ALA A . n 
A 1 66  ASP 66  68  ?   ?   ?   A . n 
A 1 67  GLN 67  69  ?   ?   ?   A . n 
A 1 68  SER 68  70  ?   ?   ?   A . n 
A 1 69  GLU 69  71  71  GLU ALA A . n 
A 1 70  ASN 70  72  72  ASN ASN A . n 
A 1 71  VAL 71  73  73  VAL VAL A . n 
A 1 72  ALA 72  74  74  ALA ALA A . n 
A 1 73  GLU 73  75  75  GLU GLU A . n 
A 1 74  ILE 74  76  76  ILE ILE A . n 
A 1 75  ASN 75  77  77  ASN ASN A . n 
A 1 76  ARG 76  78  78  ARG ARG A . n 
A 1 77  GLN 77  79  79  GLN GLN A . n 
A 1 78  VAL 78  80  80  VAL VAL A . n 
A 1 79  GLY 79  81  81  GLY GLY A . n 
A 1 80  GLN 80  82  82  GLN GLN A . n 
A 1 81  LYS 81  83  83  LYS LYS A . n 
A 1 82  LEU 82  84  84  LEU LEU A . n 
A 1 83  GLY 83  85  85  GLY GLY A . n 
A 1 84  LEU 84  86  86  LEU LEU A . n 
A 1 85  SER 85  87  87  SER SER A . n 
A 1 86  SER 86  88  88  SER SER A . n 
A 1 87  GLY 87  89  89  GLY GLY A . n 
A 1 88  ASP 88  90  90  ASP ASP A . n 
A 1 89  GLN 89  91  91  GLN GLN A . n 
A 1 90  VAL 90  92  92  VAL VAL A . n 
A 1 91  PHE 91  93  93  PHE PHE A . n 
A 1 92  LEU 92  94  94  LEU LEU A . n 
A 1 93  ARG 93  95  95  ARG ARG A . n 
A 1 94  PRO 94  96  96  PRO PRO A . n 
A 1 95  CYS 95  97  97  CYS CYS A . n 
A 1 96  SER 96  98  98  SER SER A . n 
A 1 97  HIS 97  99  99  HIS HIS A . n 
A 1 98  VAL 98  100 100 VAL VAL A . n 
A 1 99  VAL 99  101 101 VAL VAL A . n 
A 1 100 SER 100 102 102 SER SER A . n 
A 1 101 CYS 101 103 103 CYS CYS A . n 
A 1 102 GLN 102 104 104 GLN GLN A . n 
A 1 103 GLN 103 105 105 GLN GLN A . n 
A 1 104 VAL 104 106 106 VAL VAL A . n 
A 1 105 GLU 105 107 107 GLU GLU A . n 
A 1 106 VAL 106 108 108 VAL VAL A . n 
A 1 107 GLU 107 109 109 GLU GLU A . n 
A 1 108 PRO 108 110 110 PRO PRO A . n 
A 1 109 LEU 109 111 111 LEU LEU A . n 
A 1 110 SER 110 112 112 SER SER A . n 
A 1 111 ALA 111 113 113 ALA ALA A . n 
A 1 112 ASP 112 114 114 ASP ASP A . n 
A 1 113 ASP 113 115 115 ASP ASP A . n 
A 1 114 TRP 114 116 116 TRP TRP A . n 
A 1 115 GLU 115 117 117 GLU GLU A . n 
A 1 116 ILE 116 118 118 ILE ILE A . n 
A 1 117 LEU 117 119 119 LEU LEU A . n 
A 1 118 GLU 118 120 120 GLU GLU A . n 
A 1 119 LEU 119 121 121 LEU LEU A . n 
A 1 120 HIS 120 122 122 HIS HIS A . n 
A 1 121 ALA 121 123 123 ALA ALA A . n 
A 1 122 ILE 122 124 124 ILE ALA A . n 
A 1 123 SER 123 125 125 SER ALA A . n 
A 1 124 LEU 124 126 126 LEU LEU A . n 
A 1 125 GLU 125 127 127 GLU GLU A . n 
A 1 126 GLN 126 128 128 GLN GLN A . n 
A 1 127 HIS 127 129 129 HIS HIS A . n 
A 1 128 LEU 128 130 130 LEU LEU A . n 
A 1 129 LEU 129 131 131 LEU LEU A . n 
A 1 130 ASP 130 132 132 ASP ASP A . n 
A 1 131 GLN 131 133 133 GLN GLN A . n 
A 1 132 ILE 132 134 134 ILE ILE A . n 
A 1 133 ARG 133 135 135 ARG ARG A . n 
A 1 134 ILE 134 136 136 ILE ILE A . n 
A 1 135 VAL 135 137 137 VAL VAL A . n 
A 1 136 PHE 136 138 138 PHE PHE A . n 
A 1 137 PRO 137 139 139 PRO PRO A . n 
A 1 138 LYS 138 140 140 LYS LYS A . n 
A 1 139 ALA 139 141 141 ALA ALA A . n 
A 1 140 VAL 140 142 142 VAL VAL A . n 
A 1 141 VAL 141 143 143 VAL VAL A . n 
A 1 142 PRO 142 144 144 PRO PRO A . n 
A 1 143 ILE 143 145 145 ILE ILE A . n 
A 1 144 TRP 144 146 146 TRP TRP A . n 
A 1 145 VAL 145 147 147 VAL VAL A . n 
A 1 146 ASP 146 148 148 ASP ASP A . n 
A 1 147 GLN 147 149 149 GLN GLN A . n 
A 1 148 GLN 148 150 150 GLN GLN A . n 
A 1 149 THR 149 151 151 THR THR A . n 
A 1 150 TYR 150 152 152 TYR TYR A . n 
A 1 151 ILE 151 153 153 ILE ILE A . n 
A 1 152 PHE 152 154 154 PHE PHE A . n 
A 1 153 ILE 153 155 155 ILE ILE A . n 
A 1 154 GLN 154 156 156 GLN GLN A . n 
A 1 155 ILE 155 157 157 ILE ILE A . n 
A 1 156 VAL 156 158 158 VAL VAL A . n 
A 1 157 THR 157 159 159 THR THR A . n 
A 1 158 LEU 158 160 160 LEU LEU A . n 
A 1 159 MET 159 161 161 MET MET A . n 
A 1 160 PRO 160 162 162 PRO PRO A . n 
A 1 161 ALA 161 163 163 ALA ALA A . n 
A 1 162 ALA 162 164 164 ALA ALA A . n 
A 1 163 PRO 163 165 165 PRO PRO A . n 
A 1 164 TYR 164 166 166 TYR TYR A . n 
A 1 165 GLY 165 167 167 GLY GLY A . n 
A 1 166 ARG 166 168 168 ARG ARG A . n 
A 1 167 LEU 167 169 169 LEU LEU A . n 
A 1 168 GLU 168 170 170 GLU GLU A . n 
A 1 169 THR 169 171 171 THR THR A . n 
A 1 170 ASN 170 172 172 ASN ASN A . n 
A 1 171 THR 171 173 173 THR THR A . n 
A 1 172 LYS 172 174 174 LYS LYS A . n 
A 1 173 LEU 173 175 175 LEU LEU A . n 
A 1 174 LEU 174 176 176 LEU LEU A . n 
A 1 175 ILE 175 177 177 ILE ILE A . n 
A 1 176 GLN 176 178 178 GLN GLN A . n 
A 1 177 PRO 177 179 179 PRO PRO A . n 
A 1 178 LYS 178 180 ?   ?   ?   A . n 
A 1 179 THR 179 181 ?   ?   ?   A . n 
# 
loop_
_pdbx_nonpoly_scheme.asym_id 
_pdbx_nonpoly_scheme.entity_id 
_pdbx_nonpoly_scheme.mon_id 
_pdbx_nonpoly_scheme.ndb_seq_num 
_pdbx_nonpoly_scheme.pdb_seq_num 
_pdbx_nonpoly_scheme.auth_seq_num 
_pdbx_nonpoly_scheme.pdb_mon_id 
_pdbx_nonpoly_scheme.auth_mon_id 
_pdbx_nonpoly_scheme.pdb_strand_id 
_pdbx_nonpoly_scheme.pdb_ins_code 
B 2 SO4 1  182 1  SO4 SO4 A . 
C 3 HOH 1  183 1  HOH WAT A . 
C 3 HOH 2  184 2  HOH WAT A . 
C 3 HOH 3  185 3  HOH WAT A . 
C 3 HOH 4  186 4  HOH WAT A . 
C 3 HOH 5  187 5  HOH WAT A . 
C 3 HOH 6  188 6  HOH WAT A . 
C 3 HOH 7  189 7  HOH WAT A . 
C 3 HOH 8  190 8  HOH WAT A . 
C 3 HOH 9  191 9  HOH WAT A . 
C 3 HOH 10 192 10 HOH WAT A . 
C 3 HOH 11 193 11 HOH WAT A . 
C 3 HOH 12 194 12 HOH WAT A . 
C 3 HOH 13 195 13 HOH WAT A . 
C 3 HOH 14 196 14 HOH WAT A . 
C 3 HOH 15 197 15 HOH WAT A . 
C 3 HOH 16 198 16 HOH WAT A . 
C 3 HOH 17 199 17 HOH WAT A . 
C 3 HOH 18 200 18 HOH WAT A . 
C 3 HOH 19 201 19 HOH WAT A . 
C 3 HOH 20 202 20 HOH WAT A . 
C 3 HOH 21 203 21 HOH WAT A . 
C 3 HOH 22 204 22 HOH WAT A . 
C 3 HOH 23 205 23 HOH WAT A . 
C 3 HOH 24 206 24 HOH WAT A . 
C 3 HOH 25 207 25 HOH WAT A . 
C 3 HOH 26 208 26 HOH WAT A . 
C 3 HOH 27 209 27 HOH WAT A . 
C 3 HOH 28 210 28 HOH WAT A . 
C 3 HOH 29 211 29 HOH WAT A . 
C 3 HOH 30 212 30 HOH WAT A . 
C 3 HOH 31 213 31 HOH WAT A . 
C 3 HOH 32 214 32 HOH WAT A . 
C 3 HOH 33 215 33 HOH WAT A . 
C 3 HOH 34 216 34 HOH WAT A . 
C 3 HOH 35 217 35 HOH WAT A . 
C 3 HOH 36 218 36 HOH WAT A . 
C 3 HOH 37 219 37 HOH WAT A . 
C 3 HOH 38 220 38 HOH WAT A . 
C 3 HOH 39 221 39 HOH WAT A . 
C 3 HOH 40 222 40 HOH WAT A . 
C 3 HOH 41 223 41 HOH WAT A . 
C 3 HOH 42 224 42 HOH WAT A . 
C 3 HOH 43 225 43 HOH WAT A . 
C 3 HOH 44 226 44 HOH WAT A . 
C 3 HOH 45 227 45 HOH WAT A . 
C 3 HOH 46 228 46 HOH WAT A . 
C 3 HOH 47 229 47 HOH WAT A . 
C 3 HOH 48 230 48 HOH WAT A . 
C 3 HOH 49 231 49 HOH WAT A . 
C 3 HOH 50 232 50 HOH WAT A . 
C 3 HOH 51 233 51 HOH WAT A . 
# 
loop_
_pdbx_unobs_or_zero_occ_atoms.id 
_pdbx_unobs_or_zero_occ_atoms.PDB_model_num 
_pdbx_unobs_or_zero_occ_atoms.polymer_flag 
_pdbx_unobs_or_zero_occ_atoms.occupancy_flag 
_pdbx_unobs_or_zero_occ_atoms.auth_asym_id 
_pdbx_unobs_or_zero_occ_atoms.auth_comp_id 
_pdbx_unobs_or_zero_occ_atoms.auth_seq_id 
_pdbx_unobs_or_zero_occ_atoms.PDB_ins_code 
_pdbx_unobs_or_zero_occ_atoms.auth_atom_id 
_pdbx_unobs_or_zero_occ_atoms.label_alt_id 
_pdbx_unobs_or_zero_occ_atoms.label_asym_id 
_pdbx_unobs_or_zero_occ_atoms.label_comp_id 
_pdbx_unobs_or_zero_occ_atoms.label_seq_id 
_pdbx_unobs_or_zero_occ_atoms.label_atom_id 
1  1 Y 1 A ASN 67  ? CG  ? A ASN 65  CG  
2  1 Y 1 A ASN 67  ? OD1 ? A ASN 65  OD1 
3  1 Y 1 A ASN 67  ? ND2 ? A ASN 65  ND2 
4  1 Y 1 A GLU 71  ? CG  ? A GLU 69  CG  
5  1 Y 1 A GLU 71  ? CD  ? A GLU 69  CD  
6  1 Y 1 A GLU 71  ? OE1 ? A GLU 69  OE1 
7  1 Y 1 A GLU 71  ? OE2 ? A GLU 69  OE2 
8  1 Y 1 A ILE 124 ? CG1 ? A ILE 122 CG1 
9  1 Y 1 A ILE 124 ? CG2 ? A ILE 122 CG2 
10 1 Y 1 A ILE 124 ? CD1 ? A ILE 122 CD1 
11 1 Y 1 A SER 125 ? OG  ? A SER 123 OG  
# 
loop_
_software.name 
_software.classification 
_software.version 
_software.citation_id 
_software.pdbx_ordinal 
MOSFLM    'data reduction' . ? 1 
SCALEPACK 'data scaling'   . ? 2 
MLPHARE   phasing          . ? 3 
CNS       refinement       . ? 4 
HKL-2000  'data reduction' . ? 5 
HKL-2000  'data scaling'   . ? 6 
# 
_cell.entry_id           1WLF 
_cell.length_a           63.560 
_cell.length_b           63.560 
_cell.length_c           33.514 
_cell.angle_alpha        90.00 
_cell.angle_beta         90.00 
_cell.angle_gamma        120.00 
_cell.Z_PDB              3 
_cell.pdbx_unique_axis   ? 
# 
_symmetry.entry_id                         1WLF 
_symmetry.space_group_name_H-M             'P 32' 
_symmetry.pdbx_full_space_group_name_H-M   ? 
_symmetry.cell_setting                     ? 
_symmetry.Int_Tables_number                145 
_symmetry.space_group_name_Hall            ? 
# 
_exptl.entry_id          1WLF 
_exptl.method            'X-RAY DIFFRACTION' 
_exptl.crystals_number   3 
# 
_exptl_crystal.id                    1 
_exptl_crystal.density_meas          ? 
_exptl_crystal.density_Matthews      1.96 
_exptl_crystal.density_percent_sol   37.08 
_exptl_crystal.description           ? 
_exptl_crystal.F_000                 ? 
_exptl_crystal.preparation           ? 
# 
_exptl_crystal_grow.crystal_id      1 
_exptl_crystal_grow.method          'VAPOR DIFFUSION, HANGING DROP' 
_exptl_crystal_grow.temp            293 
_exptl_crystal_grow.temp_details    ? 
_exptl_crystal_grow.pH              7.5 
_exptl_crystal_grow.pdbx_details    '30% PEG4000, 0.2M ammonium sulfate, VAPOR DIFFUSION, HANGING DROP, temperature 293K, pH 7.5' 
_exptl_crystal_grow.pdbx_pH_range   . 
# 
_diffrn.id                     1 
_diffrn.ambient_temp           100 
_diffrn.ambient_temp_details   ? 
_diffrn.crystal_id             1 
# 
_diffrn_detector.diffrn_id              1 
_diffrn_detector.detector               'IMAGE PLATE' 
_diffrn_detector.type                   'RIGAKU RAXIS IV' 
_diffrn_detector.pdbx_collection_date   2004-01-30 
_diffrn_detector.details                osmic 
# 
_diffrn_radiation.diffrn_id                        1 
_diffrn_radiation.wavelength_id                    1 
_diffrn_radiation.pdbx_monochromatic_or_laue_m_l   M 
_diffrn_radiation.monochromator                    ? 
_diffrn_radiation.pdbx_diffrn_protocol             'SINGLE WAVELENGTH' 
_diffrn_radiation.pdbx_scattering_type             x-ray 
# 
_diffrn_radiation_wavelength.id           1 
_diffrn_radiation_wavelength.wavelength   1.5418 
_diffrn_radiation_wavelength.wt           1.0 
# 
_diffrn_source.diffrn_id                   1 
_diffrn_source.source                      'ROTATING ANODE' 
_diffrn_source.type                        RIGAKU 
_diffrn_source.pdbx_synchrotron_site       ? 
_diffrn_source.pdbx_synchrotron_beamline   ? 
_diffrn_source.pdbx_wavelength             ? 
_diffrn_source.pdbx_wavelength_list        1.5418 
# 
_reflns.entry_id                     1WLF 
_reflns.observed_criterion_sigma_F   ? 
_reflns.observed_criterion_sigma_I   ? 
_reflns.d_resolution_high            2.05 
_reflns.d_resolution_low             30.0 
_reflns.number_all                   ? 
_reflns.number_obs                   52572 
_reflns.percent_possible_obs         99.8 
_reflns.pdbx_Rmerge_I_obs            0.073 
_reflns.pdbx_Rsym_value              0.073 
_reflns.pdbx_netI_over_sigmaI        5.4 
_reflns.B_iso_Wilson_estimate        32.58 
_reflns.pdbx_redundancy              5.6 
_reflns.R_free_details               ? 
_reflns.limit_h_max                  ? 
_reflns.limit_h_min                  ? 
_reflns.limit_k_max                  ? 
_reflns.limit_k_min                  ? 
_reflns.limit_l_max                  ? 
_reflns.limit_l_min                  ? 
_reflns.observed_criterion_F_max     ? 
_reflns.observed_criterion_F_min     ? 
_reflns.pdbx_chi_squared             ? 
_reflns.pdbx_scaling_rejects         ? 
_reflns.pdbx_diffrn_id               1 
_reflns.pdbx_ordinal                 1 
_reflns.pdbx_CC_half                 ? 
_reflns.pdbx_Rpim_I_all              ? 
_reflns.pdbx_Rrim_I_all              ? 
# 
_reflns_shell.d_res_high             2.05 
_reflns_shell.d_res_low              2.15 
_reflns_shell.percent_possible_all   ? 
_reflns_shell.Rmerge_I_obs           0.23 
_reflns_shell.pdbx_Rsym_value        0.23 
_reflns_shell.meanI_over_sigI_obs    0.25 
_reflns_shell.pdbx_redundancy        5.5 
_reflns_shell.percent_possible_obs   99.8 
_reflns_shell.number_unique_all      1353 
_reflns_shell.number_measured_all    ? 
_reflns_shell.number_measured_obs    ? 
_reflns_shell.number_unique_obs      ? 
_reflns_shell.pdbx_chi_squared       ? 
_reflns_shell.pdbx_diffrn_id         ? 
_reflns_shell.pdbx_ordinal           1 
_reflns_shell.pdbx_CC_half           ? 
_reflns_shell.pdbx_Rpim_I_all        ? 
_reflns_shell.pdbx_Rrim_I_all        ? 
# 
_refine.entry_id                                 1WLF 
_refine.ls_d_res_high                            2.05 
_refine.ls_d_res_low                             15.0 
_refine.pdbx_ls_sigma_F                          0 
_refine.pdbx_ls_sigma_I                          ? 
_refine.ls_number_reflns_all                     9449 
_refine.ls_number_reflns_obs                     9434 
_refine.ls_number_reflns_R_free                  771 
_refine.ls_percent_reflns_obs                    99.8 
_refine.ls_R_factor_all                          ? 
_refine.ls_R_factor_obs                          ? 
_refine.ls_R_factor_R_work                       0.2134 
_refine.ls_R_factor_R_free                       0.2575 
_refine.ls_redundancy_reflns_obs                 ? 
_refine.pdbx_data_cutoff_high_absF               ? 
_refine.pdbx_data_cutoff_low_absF                ? 
_refine.ls_number_parameters                     ? 
_refine.ls_number_restraints                     ? 
_refine.ls_percent_reflns_R_free                 ? 
_refine.ls_R_factor_R_free_error                 ? 
_refine.ls_R_factor_R_free_error_details         ? 
_refine.pdbx_method_to_determine_struct          SIR 
_refine.pdbx_starting_model                      ? 
_refine.pdbx_ls_cross_valid_method               ? 
_refine.pdbx_R_Free_selection_details            RANDOM 
_refine.pdbx_stereochem_target_val_spec_case     ? 
_refine.pdbx_stereochemistry_target_values       'Engh & Huber' 
_refine.solvent_model_details                    ? 
_refine.solvent_model_param_bsol                 ? 
_refine.solvent_model_param_ksol                 ? 
_refine.occupancy_max                            ? 
_refine.occupancy_min                            ? 
_refine.pdbx_isotropic_thermal_model             ? 
_refine.B_iso_mean                               ? 
_refine.aniso_B[1][1]                            ? 
_refine.aniso_B[1][2]                            ? 
_refine.aniso_B[1][3]                            ? 
_refine.aniso_B[2][2]                            ? 
_refine.aniso_B[2][3]                            ? 
_refine.aniso_B[3][3]                            ? 
_refine.details                                  ? 
_refine.B_iso_min                                ? 
_refine.B_iso_max                                ? 
_refine.correlation_coeff_Fo_to_Fc               ? 
_refine.correlation_coeff_Fo_to_Fc_free          ? 
_refine.pdbx_solvent_vdw_probe_radii             ? 
_refine.pdbx_solvent_ion_probe_radii             ? 
_refine.pdbx_solvent_shrinkage_radii             ? 
_refine.overall_SU_R_Cruickshank_DPI             ? 
_refine.overall_SU_R_free                        ? 
_refine.overall_SU_B                             ? 
_refine.overall_SU_ML                            ? 
_refine.pdbx_overall_ESU_R                       ? 
_refine.pdbx_overall_ESU_R_Free                  ? 
_refine.pdbx_data_cutoff_high_rms_absF           ? 
_refine.ls_wR_factor_R_free                      ? 
_refine.ls_wR_factor_R_work                      ? 
_refine.overall_FOM_free_R_set                   ? 
_refine.overall_FOM_work_R_set                   ? 
_refine.pdbx_refine_id                           'X-RAY DIFFRACTION' 
_refine.pdbx_diffrn_id                           1 
_refine.pdbx_TLS_residual_ADP_flag               ? 
_refine.pdbx_overall_phase_error                 ? 
_refine.pdbx_overall_SU_R_free_Cruickshank_DPI   ? 
_refine.pdbx_overall_SU_R_Blow_DPI               ? 
_refine.pdbx_overall_SU_R_free_Blow_DPI          ? 
# 
_refine_hist.pdbx_refine_id                   'X-RAY DIFFRACTION' 
_refine_hist.cycle_id                         LAST 
_refine_hist.pdbx_number_atoms_protein        1295 
_refine_hist.pdbx_number_atoms_nucleic_acid   0 
_refine_hist.pdbx_number_atoms_ligand         5 
_refine_hist.number_atoms_solvent             51 
_refine_hist.number_atoms_total               1351 
_refine_hist.d_res_high                       2.05 
_refine_hist.d_res_low                        15.0 
# 
loop_
_refine_ls_restr.type 
_refine_ls_restr.dev_ideal 
_refine_ls_restr.dev_ideal_target 
_refine_ls_restr.weight 
_refine_ls_restr.number 
_refine_ls_restr.pdbx_refine_id 
_refine_ls_restr.pdbx_restraint_function 
c_bond_d           0.0057 ? ? ? 'X-RAY DIFFRACTION' ? 
c_angle_deg        1.26   ? ? ? 'X-RAY DIFFRACTION' ? 
c_dihedral_angle_d 24.46  ? ? ? 'X-RAY DIFFRACTION' ? 
c_improper_angle_d 0.809  ? ? ? 'X-RAY DIFFRACTION' ? 
# 
_refine_ls_shell.pdbx_total_number_of_bins_used   ? 
_refine_ls_shell.d_res_high                       2.05 
_refine_ls_shell.d_res_low                        2.12 
_refine_ls_shell.number_reflns_R_work             ? 
_refine_ls_shell.R_factor_R_work                  0.2463 
_refine_ls_shell.percent_reflns_obs               ? 
_refine_ls_shell.R_factor_R_free                  0.3203 
_refine_ls_shell.R_factor_R_free_error            ? 
_refine_ls_shell.percent_reflns_R_free            ? 
_refine_ls_shell.number_reflns_R_free             78 
_refine_ls_shell.number_reflns_obs                928 
_refine_ls_shell.redundancy_reflns_obs            ? 
_refine_ls_shell.number_reflns_all                ? 
_refine_ls_shell.pdbx_refine_id                   'X-RAY DIFFRACTION' 
_refine_ls_shell.R_factor_all                     ? 
_refine_ls_shell.R_factor_obs                     ? 
# 
_struct.entry_id                  1WLF 
_struct.title                     
'Structure of the N-terminal domain of PEX1 AAA-ATPase: Characterization of a putative adaptor-binding domain' 
_struct.pdbx_model_details        ? 
_struct.pdbx_CASP_flag            ? 
_struct.pdbx_model_type_details   ? 
# 
_struct_keywords.entry_id        1WLF 
_struct_keywords.pdbx_keywords   'PROTEIN TRANSPORT' 
_struct_keywords.text            'N-TERMINAL DOMAIN, PROTEIN TRANSPORT' 
# 
loop_
_struct_asym.id 
_struct_asym.pdbx_blank_PDB_chainid_flag 
_struct_asym.pdbx_modified 
_struct_asym.entity_id 
_struct_asym.details 
A N N 1 ? 
B N N 2 ? 
C N N 3 ? 
# 
_struct_ref.id                         1 
_struct_ref.entity_id                  1 
_struct_ref.db_name                    UNP 
_struct_ref.db_code                    PEX1_MOUSE 
_struct_ref.pdbx_db_accession          Q5BL07 
_struct_ref.pdbx_db_isoform            ? 
_struct_ref.pdbx_seq_one_letter_code   ? 
_struct_ref.pdbx_align_begin           ? 
# 
_struct_ref_seq.align_id                      1 
_struct_ref_seq.ref_id                        1 
_struct_ref_seq.pdbx_PDB_id_code              1WLF 
_struct_ref_seq.pdbx_strand_id                A 
_struct_ref_seq.seq_align_beg                 1 
_struct_ref_seq.pdbx_seq_align_beg_ins_code   ? 
_struct_ref_seq.seq_align_end                 179 
_struct_ref_seq.pdbx_seq_align_end_ins_code   ? 
_struct_ref_seq.pdbx_db_accession             Q5BL07 
_struct_ref_seq.db_align_beg                  3 
_struct_ref_seq.pdbx_db_align_beg_ins_code    ? 
_struct_ref_seq.db_align_end                  181 
_struct_ref_seq.pdbx_db_align_end_ins_code    ? 
_struct_ref_seq.pdbx_auth_seq_align_beg       3 
_struct_ref_seq.pdbx_auth_seq_align_end       181 
# 
_pdbx_struct_assembly.id                   1 
_pdbx_struct_assembly.details              author_defined_assembly 
_pdbx_struct_assembly.method_details       ? 
_pdbx_struct_assembly.oligomeric_details   monomeric 
_pdbx_struct_assembly.oligomeric_count     1 
# 
_pdbx_struct_assembly_gen.assembly_id       1 
_pdbx_struct_assembly_gen.oper_expression   1 
_pdbx_struct_assembly_gen.asym_id_list      A,B,C 
# 
_pdbx_struct_oper_list.id                   1 
_pdbx_struct_oper_list.type                 'identity operation' 
_pdbx_struct_oper_list.name                 1_555 
_pdbx_struct_oper_list.symmetry_operation   x,y,z 
_pdbx_struct_oper_list.matrix[1][1]         1.0000000000 
_pdbx_struct_oper_list.matrix[1][2]         0.0000000000 
_pdbx_struct_oper_list.matrix[1][3]         0.0000000000 
_pdbx_struct_oper_list.vector[1]            0.0000000000 
_pdbx_struct_oper_list.matrix[2][1]         0.0000000000 
_pdbx_struct_oper_list.matrix[2][2]         1.0000000000 
_pdbx_struct_oper_list.matrix[2][3]         0.0000000000 
_pdbx_struct_oper_list.vector[2]            0.0000000000 
_pdbx_struct_oper_list.matrix[3][1]         0.0000000000 
_pdbx_struct_oper_list.matrix[3][2]         0.0000000000 
_pdbx_struct_oper_list.matrix[3][3]         1.0000000000 
_pdbx_struct_oper_list.vector[3]            0.0000000000 
# 
loop_
_struct_conf.conf_type_id 
_struct_conf.id 
_struct_conf.pdbx_PDB_helix_id 
_struct_conf.beg_label_comp_id 
_struct_conf.beg_label_asym_id 
_struct_conf.beg_label_seq_id 
_struct_conf.pdbx_beg_PDB_ins_code 
_struct_conf.end_label_comp_id 
_struct_conf.end_label_asym_id 
_struct_conf.end_label_seq_id 
_struct_conf.pdbx_end_PDB_ins_code 
_struct_conf.beg_auth_comp_id 
_struct_conf.beg_auth_asym_id 
_struct_conf.beg_auth_seq_id 
_struct_conf.end_auth_comp_id 
_struct_conf.end_auth_asym_id 
_struct_conf.end_auth_seq_id 
_struct_conf.pdbx_PDB_helix_class 
_struct_conf.details 
_struct_conf.pdbx_PDB_helix_length 
HELX_P HELX_P1 1 PRO A 30  ? LEU A 37  ? PRO A 32  LEU A 39  1 ? 8  
HELX_P HELX_P2 2 ARG A 76  ? LEU A 82  ? ARG A 78  LEU A 84  1 ? 7  
HELX_P HELX_P3 3 SER A 110 ? HIS A 120 ? SER A 112 HIS A 122 1 ? 11 
HELX_P HELX_P4 4 SER A 123 ? ILE A 132 ? SER A 125 ILE A 134 1 ? 10 
# 
_struct_conf_type.id          HELX_P 
_struct_conf_type.criteria    ? 
_struct_conf_type.reference   ? 
# 
_struct_mon_prot_cis.pdbx_id                1 
_struct_mon_prot_cis.label_comp_id          MET 
_struct_mon_prot_cis.label_seq_id           159 
_struct_mon_prot_cis.label_asym_id          A 
_struct_mon_prot_cis.label_alt_id           . 
_struct_mon_prot_cis.pdbx_PDB_ins_code      ? 
_struct_mon_prot_cis.auth_comp_id           MET 
_struct_mon_prot_cis.auth_seq_id            161 
_struct_mon_prot_cis.auth_asym_id           A 
_struct_mon_prot_cis.pdbx_label_comp_id_2   PRO 
_struct_mon_prot_cis.pdbx_label_seq_id_2    160 
_struct_mon_prot_cis.pdbx_label_asym_id_2   A 
_struct_mon_prot_cis.pdbx_PDB_ins_code_2    ? 
_struct_mon_prot_cis.pdbx_auth_comp_id_2    PRO 
_struct_mon_prot_cis.pdbx_auth_seq_id_2     162 
_struct_mon_prot_cis.pdbx_auth_asym_id_2    A 
_struct_mon_prot_cis.pdbx_PDB_model_num     1 
_struct_mon_prot_cis.pdbx_omega_angle       0.16 
# 
loop_
_struct_sheet.id 
_struct_sheet.type 
_struct_sheet.number_strands 
_struct_sheet.details 
A ? 5 ? 
B ? 2 ? 
C ? 3 ? 
D ? 4 ? 
# 
loop_
_struct_sheet_order.sheet_id 
_struct_sheet_order.range_id_1 
_struct_sheet_order.range_id_2 
_struct_sheet_order.offset 
_struct_sheet_order.sense 
A 1 2 ? anti-parallel 
A 2 3 ? anti-parallel 
A 3 4 ? anti-parallel 
A 4 5 ? parallel      
B 1 2 ? parallel      
C 1 2 ? parallel      
C 2 3 ? anti-parallel 
D 1 2 ? anti-parallel 
D 2 3 ? anti-parallel 
D 3 4 ? parallel      
# 
loop_
_struct_sheet_range.sheet_id 
_struct_sheet_range.id 
_struct_sheet_range.beg_label_comp_id 
_struct_sheet_range.beg_label_asym_id 
_struct_sheet_range.beg_label_seq_id 
_struct_sheet_range.pdbx_beg_PDB_ins_code 
_struct_sheet_range.end_label_comp_id 
_struct_sheet_range.end_label_asym_id 
_struct_sheet_range.end_label_seq_id 
_struct_sheet_range.pdbx_end_PDB_ins_code 
_struct_sheet_range.beg_auth_comp_id 
_struct_sheet_range.beg_auth_asym_id 
_struct_sheet_range.beg_auth_seq_id 
_struct_sheet_range.end_auth_comp_id 
_struct_sheet_range.end_auth_asym_id 
_struct_sheet_range.end_auth_seq_id 
A 1 THR A 54  ? LEU A 56  ? THR A 56  LEU A 58  
A 2 ILE A 45  ? ALA A 48  ? ILE A 47  ALA A 50  
A 3 GLN A 89  ? PRO A 94  ? GLN A 91  PRO A 96  
A 4 ALA A 13  ? THR A 20  ? ALA A 15  THR A 22  
A 5 VAL A 71  ? ASN A 75  ? VAL A 73  ASN A 77  
B 1 LEU A 27  ? LEU A 29  ? LEU A 29  LEU A 31  
B 2 TRP A 58  ? GLU A 60  ? TRP A 60  GLU A 62  
C 1 VAL A 99  ? SER A 100 ? VAL A 101 SER A 102 
C 2 GLY A 165 ? ARG A 166 ? GLY A 167 ARG A 168 
C 3 ILE A 134 ? VAL A 135 ? ILE A 136 VAL A 137 
D 1 VAL A 140 ? TRP A 144 ? VAL A 142 TRP A 146 
D 2 TYR A 150 ? MET A 159 ? TYR A 152 MET A 161 
D 3 GLN A 103 ? PRO A 108 ? GLN A 105 PRO A 110 
D 4 LYS A 172 ? ILE A 175 ? LYS A 174 ILE A 177 
# 
loop_
_pdbx_struct_sheet_hbond.sheet_id 
_pdbx_struct_sheet_hbond.range_id_1 
_pdbx_struct_sheet_hbond.range_id_2 
_pdbx_struct_sheet_hbond.range_1_label_atom_id 
_pdbx_struct_sheet_hbond.range_1_label_comp_id 
_pdbx_struct_sheet_hbond.range_1_label_asym_id 
_pdbx_struct_sheet_hbond.range_1_label_seq_id 
_pdbx_struct_sheet_hbond.range_1_PDB_ins_code 
_pdbx_struct_sheet_hbond.range_1_auth_atom_id 
_pdbx_struct_sheet_hbond.range_1_auth_comp_id 
_pdbx_struct_sheet_hbond.range_1_auth_asym_id 
_pdbx_struct_sheet_hbond.range_1_auth_seq_id 
_pdbx_struct_sheet_hbond.range_2_label_atom_id 
_pdbx_struct_sheet_hbond.range_2_label_comp_id 
_pdbx_struct_sheet_hbond.range_2_label_asym_id 
_pdbx_struct_sheet_hbond.range_2_label_seq_id 
_pdbx_struct_sheet_hbond.range_2_PDB_ins_code 
_pdbx_struct_sheet_hbond.range_2_auth_atom_id 
_pdbx_struct_sheet_hbond.range_2_auth_comp_id 
_pdbx_struct_sheet_hbond.range_2_auth_asym_id 
_pdbx_struct_sheet_hbond.range_2_auth_seq_id 
A 1 2 O THR A 54  ? O THR A 56  N VAL A 47  ? N VAL A 49  
A 2 3 N GLU A 46  ? N GLU A 48  O ARG A 93  ? O ARG A 95  
A 3 4 O LEU A 92  ? O LEU A 94  N ALA A 13  ? N ALA A 15  
A 4 5 N ALA A 18  ? N ALA A 20  O ALA A 72  ? O ALA A 74  
B 1 2 N LEU A 29  ? N LEU A 31  O VAL A 59  ? O VAL A 61  
C 1 2 N VAL A 99  ? N VAL A 101 O ARG A 166 ? O ARG A 168 
C 2 3 O GLY A 165 ? O GLY A 167 N VAL A 135 ? N VAL A 137 
D 1 2 N ILE A 143 ? N ILE A 145 O ILE A 151 ? O ILE A 153 
D 2 3 O GLN A 154 ? O GLN A 156 N GLU A 107 ? N GLU A 109 
D 3 4 N VAL A 104 ? N VAL A 106 O LEU A 174 ? O LEU A 176 
# 
_struct_site.id                   AC1 
_struct_site.pdbx_evidence_code   Software 
_struct_site.pdbx_auth_asym_id    A 
_struct_site.pdbx_auth_comp_id    SO4 
_struct_site.pdbx_auth_seq_id     182 
_struct_site.pdbx_auth_ins_code   ? 
_struct_site.pdbx_num_residues    5 
_struct_site.details              'BINDING SITE FOR RESIDUE SO4 A 182' 
# 
loop_
_struct_site_gen.id 
_struct_site_gen.site_id 
_struct_site_gen.pdbx_num_res 
_struct_site_gen.label_comp_id 
_struct_site_gen.label_asym_id 
_struct_site_gen.label_seq_id 
_struct_site_gen.pdbx_auth_ins_code 
_struct_site_gen.auth_comp_id 
_struct_site_gen.auth_asym_id 
_struct_site_gen.auth_seq_id 
_struct_site_gen.label_atom_id 
_struct_site_gen.label_alt_id 
_struct_site_gen.symmetry 
_struct_site_gen.details 
1 AC1 5 HIS A 28 ? HIS A 30  . ? 1_555 ? 
2 AC1 5 GLY A 61 ? GLY A 63  . ? 1_555 ? 
3 AC1 5 ARG A 62 ? ARG A 64  . ? 1_555 ? 
4 AC1 5 HIS A 63 ? HIS A 65  . ? 1_555 ? 
5 AC1 5 HOH C .  ? HOH A 197 . ? 1_555 ? 
# 
loop_
_pdbx_validate_torsion.id 
_pdbx_validate_torsion.PDB_model_num 
_pdbx_validate_torsion.auth_comp_id 
_pdbx_validate_torsion.auth_asym_id 
_pdbx_validate_torsion.auth_seq_id 
_pdbx_validate_torsion.PDB_ins_code 
_pdbx_validate_torsion.label_alt_id 
_pdbx_validate_torsion.phi 
_pdbx_validate_torsion.psi 
1 1 ARG A 25 ? ? -89.79  48.30   
2 1 SER A 51 ? ? -153.11 -156.95 
3 1 HIS A 65 ? ? -114.96 52.20   
4 1 PHE A 66 ? ? -129.91 -165.10 
# 
loop_
_pdbx_unobs_or_zero_occ_residues.id 
_pdbx_unobs_or_zero_occ_residues.PDB_model_num 
_pdbx_unobs_or_zero_occ_residues.polymer_flag 
_pdbx_unobs_or_zero_occ_residues.occupancy_flag 
_pdbx_unobs_or_zero_occ_residues.auth_asym_id 
_pdbx_unobs_or_zero_occ_residues.auth_comp_id 
_pdbx_unobs_or_zero_occ_residues.auth_seq_id 
_pdbx_unobs_or_zero_occ_residues.PDB_ins_code 
_pdbx_unobs_or_zero_occ_residues.label_asym_id 
_pdbx_unobs_or_zero_occ_residues.label_comp_id 
_pdbx_unobs_or_zero_occ_residues.label_seq_id 
1  1 Y 1 A SER 3   ? A SER 1   
2  1 Y 1 A SER 4   ? A SER 2   
3  1 Y 1 A ASP 5   ? A ASP 3   
4  1 Y 1 A ARG 6   ? A ARG 4   
5  1 Y 1 A LEU 7   ? A LEU 5   
6  1 Y 1 A ALA 8   ? A ALA 6   
7  1 Y 1 A GLY 9   ? A GLY 7   
8  1 Y 1 A ALA 10  ? A ALA 8   
9  1 Y 1 A GLY 11  ? A GLY 9   
10 1 Y 1 A SER 12  ? A SER 10  
11 1 Y 1 A ASP 68  ? A ASP 66  
12 1 Y 1 A GLN 69  ? A GLN 67  
13 1 Y 1 A SER 70  ? A SER 68  
14 1 Y 1 A LYS 180 ? A LYS 178 
15 1 Y 1 A THR 181 ? A THR 179 
# 
loop_
_chem_comp_atom.comp_id 
_chem_comp_atom.atom_id 
_chem_comp_atom.type_symbol 
_chem_comp_atom.pdbx_aromatic_flag 
_chem_comp_atom.pdbx_stereo_config 
_chem_comp_atom.pdbx_ordinal 
ALA N    N N N 1   
ALA CA   C N S 2   
ALA C    C N N 3   
ALA O    O N N 4   
ALA CB   C N N 5   
ALA OXT  O N N 6   
ALA H    H N N 7   
ALA H2   H N N 8   
ALA HA   H N N 9   
ALA HB1  H N N 10  
ALA HB2  H N N 11  
ALA HB3  H N N 12  
ALA HXT  H N N 13  
ARG N    N N N 14  
ARG CA   C N S 15  
ARG C    C N N 16  
ARG O    O N N 17  
ARG CB   C N N 18  
ARG CG   C N N 19  
ARG CD   C N N 20  
ARG NE   N N N 21  
ARG CZ   C N N 22  
ARG NH1  N N N 23  
ARG NH2  N N N 24  
ARG OXT  O N N 25  
ARG H    H N N 26  
ARG H2   H N N 27  
ARG HA   H N N 28  
ARG HB2  H N N 29  
ARG HB3  H N N 30  
ARG HG2  H N N 31  
ARG HG3  H N N 32  
ARG HD2  H N N 33  
ARG HD3  H N N 34  
ARG HE   H N N 35  
ARG HH11 H N N 36  
ARG HH12 H N N 37  
ARG HH21 H N N 38  
ARG HH22 H N N 39  
ARG HXT  H N N 40  
ASN N    N N N 41  
ASN CA   C N S 42  
ASN C    C N N 43  
ASN O    O N N 44  
ASN CB   C N N 45  
ASN CG   C N N 46  
ASN OD1  O N N 47  
ASN ND2  N N N 48  
ASN OXT  O N N 49  
ASN H    H N N 50  
ASN H2   H N N 51  
ASN HA   H N N 52  
ASN HB2  H N N 53  
ASN HB3  H N N 54  
ASN HD21 H N N 55  
ASN HD22 H N N 56  
ASN HXT  H N N 57  
ASP N    N N N 58  
ASP CA   C N S 59  
ASP C    C N N 60  
ASP O    O N N 61  
ASP CB   C N N 62  
ASP CG   C N N 63  
ASP OD1  O N N 64  
ASP OD2  O N N 65  
ASP OXT  O N N 66  
ASP H    H N N 67  
ASP H2   H N N 68  
ASP HA   H N N 69  
ASP HB2  H N N 70  
ASP HB3  H N N 71  
ASP HD2  H N N 72  
ASP HXT  H N N 73  
CYS N    N N N 74  
CYS CA   C N R 75  
CYS C    C N N 76  
CYS O    O N N 77  
CYS CB   C N N 78  
CYS SG   S N N 79  
CYS OXT  O N N 80  
CYS H    H N N 81  
CYS H2   H N N 82  
CYS HA   H N N 83  
CYS HB2  H N N 84  
CYS HB3  H N N 85  
CYS HG   H N N 86  
CYS HXT  H N N 87  
GLN N    N N N 88  
GLN CA   C N S 89  
GLN C    C N N 90  
GLN O    O N N 91  
GLN CB   C N N 92  
GLN CG   C N N 93  
GLN CD   C N N 94  
GLN OE1  O N N 95  
GLN NE2  N N N 96  
GLN OXT  O N N 97  
GLN H    H N N 98  
GLN H2   H N N 99  
GLN HA   H N N 100 
GLN HB2  H N N 101 
GLN HB3  H N N 102 
GLN HG2  H N N 103 
GLN HG3  H N N 104 
GLN HE21 H N N 105 
GLN HE22 H N N 106 
GLN HXT  H N N 107 
GLU N    N N N 108 
GLU CA   C N S 109 
GLU C    C N N 110 
GLU O    O N N 111 
GLU CB   C N N 112 
GLU CG   C N N 113 
GLU CD   C N N 114 
GLU OE1  O N N 115 
GLU OE2  O N N 116 
GLU OXT  O N N 117 
GLU H    H N N 118 
GLU H2   H N N 119 
GLU HA   H N N 120 
GLU HB2  H N N 121 
GLU HB3  H N N 122 
GLU HG2  H N N 123 
GLU HG3  H N N 124 
GLU HE2  H N N 125 
GLU HXT  H N N 126 
GLY N    N N N 127 
GLY CA   C N N 128 
GLY C    C N N 129 
GLY O    O N N 130 
GLY OXT  O N N 131 
GLY H    H N N 132 
GLY H2   H N N 133 
GLY HA2  H N N 134 
GLY HA3  H N N 135 
GLY HXT  H N N 136 
HIS N    N N N 137 
HIS CA   C N S 138 
HIS C    C N N 139 
HIS O    O N N 140 
HIS CB   C N N 141 
HIS CG   C Y N 142 
HIS ND1  N Y N 143 
HIS CD2  C Y N 144 
HIS CE1  C Y N 145 
HIS NE2  N Y N 146 
HIS OXT  O N N 147 
HIS H    H N N 148 
HIS H2   H N N 149 
HIS HA   H N N 150 
HIS HB2  H N N 151 
HIS HB3  H N N 152 
HIS HD1  H N N 153 
HIS HD2  H N N 154 
HIS HE1  H N N 155 
HIS HE2  H N N 156 
HIS HXT  H N N 157 
HOH O    O N N 158 
HOH H1   H N N 159 
HOH H2   H N N 160 
ILE N    N N N 161 
ILE CA   C N S 162 
ILE C    C N N 163 
ILE O    O N N 164 
ILE CB   C N S 165 
ILE CG1  C N N 166 
ILE CG2  C N N 167 
ILE CD1  C N N 168 
ILE OXT  O N N 169 
ILE H    H N N 170 
ILE H2   H N N 171 
ILE HA   H N N 172 
ILE HB   H N N 173 
ILE HG12 H N N 174 
ILE HG13 H N N 175 
ILE HG21 H N N 176 
ILE HG22 H N N 177 
ILE HG23 H N N 178 
ILE HD11 H N N 179 
ILE HD12 H N N 180 
ILE HD13 H N N 181 
ILE HXT  H N N 182 
LEU N    N N N 183 
LEU CA   C N S 184 
LEU C    C N N 185 
LEU O    O N N 186 
LEU CB   C N N 187 
LEU CG   C N N 188 
LEU CD1  C N N 189 
LEU CD2  C N N 190 
LEU OXT  O N N 191 
LEU H    H N N 192 
LEU H2   H N N 193 
LEU HA   H N N 194 
LEU HB2  H N N 195 
LEU HB3  H N N 196 
LEU HG   H N N 197 
LEU HD11 H N N 198 
LEU HD12 H N N 199 
LEU HD13 H N N 200 
LEU HD21 H N N 201 
LEU HD22 H N N 202 
LEU HD23 H N N 203 
LEU HXT  H N N 204 
LYS N    N N N 205 
LYS CA   C N S 206 
LYS C    C N N 207 
LYS O    O N N 208 
LYS CB   C N N 209 
LYS CG   C N N 210 
LYS CD   C N N 211 
LYS CE   C N N 212 
LYS NZ   N N N 213 
LYS OXT  O N N 214 
LYS H    H N N 215 
LYS H2   H N N 216 
LYS HA   H N N 217 
LYS HB2  H N N 218 
LYS HB3  H N N 219 
LYS HG2  H N N 220 
LYS HG3  H N N 221 
LYS HD2  H N N 222 
LYS HD3  H N N 223 
LYS HE2  H N N 224 
LYS HE3  H N N 225 
LYS HZ1  H N N 226 
LYS HZ2  H N N 227 
LYS HZ3  H N N 228 
LYS HXT  H N N 229 
MET N    N N N 230 
MET CA   C N S 231 
MET C    C N N 232 
MET O    O N N 233 
MET CB   C N N 234 
MET CG   C N N 235 
MET SD   S N N 236 
MET CE   C N N 237 
MET OXT  O N N 238 
MET H    H N N 239 
MET H2   H N N 240 
MET HA   H N N 241 
MET HB2  H N N 242 
MET HB3  H N N 243 
MET HG2  H N N 244 
MET HG3  H N N 245 
MET HE1  H N N 246 
MET HE2  H N N 247 
MET HE3  H N N 248 
MET HXT  H N N 249 
PHE N    N N N 250 
PHE CA   C N S 251 
PHE C    C N N 252 
PHE O    O N N 253 
PHE CB   C N N 254 
PHE CG   C Y N 255 
PHE CD1  C Y N 256 
PHE CD2  C Y N 257 
PHE CE1  C Y N 258 
PHE CE2  C Y N 259 
PHE CZ   C Y N 260 
PHE OXT  O N N 261 
PHE H    H N N 262 
PHE H2   H N N 263 
PHE HA   H N N 264 
PHE HB2  H N N 265 
PHE HB3  H N N 266 
PHE HD1  H N N 267 
PHE HD2  H N N 268 
PHE HE1  H N N 269 
PHE HE2  H N N 270 
PHE HZ   H N N 271 
PHE HXT  H N N 272 
PRO N    N N N 273 
PRO CA   C N S 274 
PRO C    C N N 275 
PRO O    O N N 276 
PRO CB   C N N 277 
PRO CG   C N N 278 
PRO CD   C N N 279 
PRO OXT  O N N 280 
PRO H    H N N 281 
PRO HA   H N N 282 
PRO HB2  H N N 283 
PRO HB3  H N N 284 
PRO HG2  H N N 285 
PRO HG3  H N N 286 
PRO HD2  H N N 287 
PRO HD3  H N N 288 
PRO HXT  H N N 289 
SER N    N N N 290 
SER CA   C N S 291 
SER C    C N N 292 
SER O    O N N 293 
SER CB   C N N 294 
SER OG   O N N 295 
SER OXT  O N N 296 
SER H    H N N 297 
SER H2   H N N 298 
SER HA   H N N 299 
SER HB2  H N N 300 
SER HB3  H N N 301 
SER HG   H N N 302 
SER HXT  H N N 303 
SO4 S    S N N 304 
SO4 O1   O N N 305 
SO4 O2   O N N 306 
SO4 O3   O N N 307 
SO4 O4   O N N 308 
THR N    N N N 309 
THR CA   C N S 310 
THR C    C N N 311 
THR O    O N N 312 
THR CB   C N R 313 
THR OG1  O N N 314 
THR CG2  C N N 315 
THR OXT  O N N 316 
THR H    H N N 317 
THR H2   H N N 318 
THR HA   H N N 319 
THR HB   H N N 320 
THR HG1  H N N 321 
THR HG21 H N N 322 
THR HG22 H N N 323 
THR HG23 H N N 324 
THR HXT  H N N 325 
TRP N    N N N 326 
TRP CA   C N S 327 
TRP C    C N N 328 
TRP O    O N N 329 
TRP CB   C N N 330 
TRP CG   C Y N 331 
TRP CD1  C Y N 332 
TRP CD2  C Y N 333 
TRP NE1  N Y N 334 
TRP CE2  C Y N 335 
TRP CE3  C Y N 336 
TRP CZ2  C Y N 337 
TRP CZ3  C Y N 338 
TRP CH2  C Y N 339 
TRP OXT  O N N 340 
TRP H    H N N 341 
TRP H2   H N N 342 
TRP HA   H N N 343 
TRP HB2  H N N 344 
TRP HB3  H N N 345 
TRP HD1  H N N 346 
TRP HE1  H N N 347 
TRP HE3  H N N 348 
TRP HZ2  H N N 349 
TRP HZ3  H N N 350 
TRP HH2  H N N 351 
TRP HXT  H N N 352 
TYR N    N N N 353 
TYR CA   C N S 354 
TYR C    C N N 355 
TYR O    O N N 356 
TYR CB   C N N 357 
TYR CG   C Y N 358 
TYR CD1  C Y N 359 
TYR CD2  C Y N 360 
TYR CE1  C Y N 361 
TYR CE2  C Y N 362 
TYR CZ   C Y N 363 
TYR OH   O N N 364 
TYR OXT  O N N 365 
TYR H    H N N 366 
TYR H2   H N N 367 
TYR HA   H N N 368 
TYR HB2  H N N 369 
TYR HB3  H N N 370 
TYR HD1  H N N 371 
TYR HD2  H N N 372 
TYR HE1  H N N 373 
TYR HE2  H N N 374 
TYR HH   H N N 375 
TYR HXT  H N N 376 
VAL N    N N N 377 
VAL CA   C N S 378 
VAL C    C N N 379 
VAL O    O N N 380 
VAL CB   C N N 381 
VAL CG1  C N N 382 
VAL CG2  C N N 383 
VAL OXT  O N N 384 
VAL H    H N N 385 
VAL H2   H N N 386 
VAL HA   H N N 387 
VAL HB   H N N 388 
VAL HG11 H N N 389 
VAL HG12 H N N 390 
VAL HG13 H N N 391 
VAL HG21 H N N 392 
VAL HG22 H N N 393 
VAL HG23 H N N 394 
VAL HXT  H N N 395 
# 
loop_
_chem_comp_bond.comp_id 
_chem_comp_bond.atom_id_1 
_chem_comp_bond.atom_id_2 
_chem_comp_bond.value_order 
_chem_comp_bond.pdbx_aromatic_flag 
_chem_comp_bond.pdbx_stereo_config 
_chem_comp_bond.pdbx_ordinal 
ALA N   CA   sing N N 1   
ALA N   H    sing N N 2   
ALA N   H2   sing N N 3   
ALA CA  C    sing N N 4   
ALA CA  CB   sing N N 5   
ALA CA  HA   sing N N 6   
ALA C   O    doub N N 7   
ALA C   OXT  sing N N 8   
ALA CB  HB1  sing N N 9   
ALA CB  HB2  sing N N 10  
ALA CB  HB3  sing N N 11  
ALA OXT HXT  sing N N 12  
ARG N   CA   sing N N 13  
ARG N   H    sing N N 14  
ARG N   H2   sing N N 15  
ARG CA  C    sing N N 16  
ARG CA  CB   sing N N 17  
ARG CA  HA   sing N N 18  
ARG C   O    doub N N 19  
ARG C   OXT  sing N N 20  
ARG CB  CG   sing N N 21  
ARG CB  HB2  sing N N 22  
ARG CB  HB3  sing N N 23  
ARG CG  CD   sing N N 24  
ARG CG  HG2  sing N N 25  
ARG CG  HG3  sing N N 26  
ARG CD  NE   sing N N 27  
ARG CD  HD2  sing N N 28  
ARG CD  HD3  sing N N 29  
ARG NE  CZ   sing N N 30  
ARG NE  HE   sing N N 31  
ARG CZ  NH1  sing N N 32  
ARG CZ  NH2  doub N N 33  
ARG NH1 HH11 sing N N 34  
ARG NH1 HH12 sing N N 35  
ARG NH2 HH21 sing N N 36  
ARG NH2 HH22 sing N N 37  
ARG OXT HXT  sing N N 38  
ASN N   CA   sing N N 39  
ASN N   H    sing N N 40  
ASN N   H2   sing N N 41  
ASN CA  C    sing N N 42  
ASN CA  CB   sing N N 43  
ASN CA  HA   sing N N 44  
ASN C   O    doub N N 45  
ASN C   OXT  sing N N 46  
ASN CB  CG   sing N N 47  
ASN CB  HB2  sing N N 48  
ASN CB  HB3  sing N N 49  
ASN CG  OD1  doub N N 50  
ASN CG  ND2  sing N N 51  
ASN ND2 HD21 sing N N 52  
ASN ND2 HD22 sing N N 53  
ASN OXT HXT  sing N N 54  
ASP N   CA   sing N N 55  
ASP N   H    sing N N 56  
ASP N   H2   sing N N 57  
ASP CA  C    sing N N 58  
ASP CA  CB   sing N N 59  
ASP CA  HA   sing N N 60  
ASP C   O    doub N N 61  
ASP C   OXT  sing N N 62  
ASP CB  CG   sing N N 63  
ASP CB  HB2  sing N N 64  
ASP CB  HB3  sing N N 65  
ASP CG  OD1  doub N N 66  
ASP CG  OD2  sing N N 67  
ASP OD2 HD2  sing N N 68  
ASP OXT HXT  sing N N 69  
CYS N   CA   sing N N 70  
CYS N   H    sing N N 71  
CYS N   H2   sing N N 72  
CYS CA  C    sing N N 73  
CYS CA  CB   sing N N 74  
CYS CA  HA   sing N N 75  
CYS C   O    doub N N 76  
CYS C   OXT  sing N N 77  
CYS CB  SG   sing N N 78  
CYS CB  HB2  sing N N 79  
CYS CB  HB3  sing N N 80  
CYS SG  HG   sing N N 81  
CYS OXT HXT  sing N N 82  
GLN N   CA   sing N N 83  
GLN N   H    sing N N 84  
GLN N   H2   sing N N 85  
GLN CA  C    sing N N 86  
GLN CA  CB   sing N N 87  
GLN CA  HA   sing N N 88  
GLN C   O    doub N N 89  
GLN C   OXT  sing N N 90  
GLN CB  CG   sing N N 91  
GLN CB  HB2  sing N N 92  
GLN CB  HB3  sing N N 93  
GLN CG  CD   sing N N 94  
GLN CG  HG2  sing N N 95  
GLN CG  HG3  sing N N 96  
GLN CD  OE1  doub N N 97  
GLN CD  NE2  sing N N 98  
GLN NE2 HE21 sing N N 99  
GLN NE2 HE22 sing N N 100 
GLN OXT HXT  sing N N 101 
GLU N   CA   sing N N 102 
GLU N   H    sing N N 103 
GLU N   H2   sing N N 104 
GLU CA  C    sing N N 105 
GLU CA  CB   sing N N 106 
GLU CA  HA   sing N N 107 
GLU C   O    doub N N 108 
GLU C   OXT  sing N N 109 
GLU CB  CG   sing N N 110 
GLU CB  HB2  sing N N 111 
GLU CB  HB3  sing N N 112 
GLU CG  CD   sing N N 113 
GLU CG  HG2  sing N N 114 
GLU CG  HG3  sing N N 115 
GLU CD  OE1  doub N N 116 
GLU CD  OE2  sing N N 117 
GLU OE2 HE2  sing N N 118 
GLU OXT HXT  sing N N 119 
GLY N   CA   sing N N 120 
GLY N   H    sing N N 121 
GLY N   H2   sing N N 122 
GLY CA  C    sing N N 123 
GLY CA  HA2  sing N N 124 
GLY CA  HA3  sing N N 125 
GLY C   O    doub N N 126 
GLY C   OXT  sing N N 127 
GLY OXT HXT  sing N N 128 
HIS N   CA   sing N N 129 
HIS N   H    sing N N 130 
HIS N   H2   sing N N 131 
HIS CA  C    sing N N 132 
HIS CA  CB   sing N N 133 
HIS CA  HA   sing N N 134 
HIS C   O    doub N N 135 
HIS C   OXT  sing N N 136 
HIS CB  CG   sing N N 137 
HIS CB  HB2  sing N N 138 
HIS CB  HB3  sing N N 139 
HIS CG  ND1  sing Y N 140 
HIS CG  CD2  doub Y N 141 
HIS ND1 CE1  doub Y N 142 
HIS ND1 HD1  sing N N 143 
HIS CD2 NE2  sing Y N 144 
HIS CD2 HD2  sing N N 145 
HIS CE1 NE2  sing Y N 146 
HIS CE1 HE1  sing N N 147 
HIS NE2 HE2  sing N N 148 
HIS OXT HXT  sing N N 149 
HOH O   H1   sing N N 150 
HOH O   H2   sing N N 151 
ILE N   CA   sing N N 152 
ILE N   H    sing N N 153 
ILE N   H2   sing N N 154 
ILE CA  C    sing N N 155 
ILE CA  CB   sing N N 156 
ILE CA  HA   sing N N 157 
ILE C   O    doub N N 158 
ILE C   OXT  sing N N 159 
ILE CB  CG1  sing N N 160 
ILE CB  CG2  sing N N 161 
ILE CB  HB   sing N N 162 
ILE CG1 CD1  sing N N 163 
ILE CG1 HG12 sing N N 164 
ILE CG1 HG13 sing N N 165 
ILE CG2 HG21 sing N N 166 
ILE CG2 HG22 sing N N 167 
ILE CG2 HG23 sing N N 168 
ILE CD1 HD11 sing N N 169 
ILE CD1 HD12 sing N N 170 
ILE CD1 HD13 sing N N 171 
ILE OXT HXT  sing N N 172 
LEU N   CA   sing N N 173 
LEU N   H    sing N N 174 
LEU N   H2   sing N N 175 
LEU CA  C    sing N N 176 
LEU CA  CB   sing N N 177 
LEU CA  HA   sing N N 178 
LEU C   O    doub N N 179 
LEU C   OXT  sing N N 180 
LEU CB  CG   sing N N 181 
LEU CB  HB2  sing N N 182 
LEU CB  HB3  sing N N 183 
LEU CG  CD1  sing N N 184 
LEU CG  CD2  sing N N 185 
LEU CG  HG   sing N N 186 
LEU CD1 HD11 sing N N 187 
LEU CD1 HD12 sing N N 188 
LEU CD1 HD13 sing N N 189 
LEU CD2 HD21 sing N N 190 
LEU CD2 HD22 sing N N 191 
LEU CD2 HD23 sing N N 192 
LEU OXT HXT  sing N N 193 
LYS N   CA   sing N N 194 
LYS N   H    sing N N 195 
LYS N   H2   sing N N 196 
LYS CA  C    sing N N 197 
LYS CA  CB   sing N N 198 
LYS CA  HA   sing N N 199 
LYS C   O    doub N N 200 
LYS C   OXT  sing N N 201 
LYS CB  CG   sing N N 202 
LYS CB  HB2  sing N N 203 
LYS CB  HB3  sing N N 204 
LYS CG  CD   sing N N 205 
LYS CG  HG2  sing N N 206 
LYS CG  HG3  sing N N 207 
LYS CD  CE   sing N N 208 
LYS CD  HD2  sing N N 209 
LYS CD  HD3  sing N N 210 
LYS CE  NZ   sing N N 211 
LYS CE  HE2  sing N N 212 
LYS CE  HE3  sing N N 213 
LYS NZ  HZ1  sing N N 214 
LYS NZ  HZ2  sing N N 215 
LYS NZ  HZ3  sing N N 216 
LYS OXT HXT  sing N N 217 
MET N   CA   sing N N 218 
MET N   H    sing N N 219 
MET N   H2   sing N N 220 
MET CA  C    sing N N 221 
MET CA  CB   sing N N 222 
MET CA  HA   sing N N 223 
MET C   O    doub N N 224 
MET C   OXT  sing N N 225 
MET CB  CG   sing N N 226 
MET CB  HB2  sing N N 227 
MET CB  HB3  sing N N 228 
MET CG  SD   sing N N 229 
MET CG  HG2  sing N N 230 
MET CG  HG3  sing N N 231 
MET SD  CE   sing N N 232 
MET CE  HE1  sing N N 233 
MET CE  HE2  sing N N 234 
MET CE  HE3  sing N N 235 
MET OXT HXT  sing N N 236 
PHE N   CA   sing N N 237 
PHE N   H    sing N N 238 
PHE N   H2   sing N N 239 
PHE CA  C    sing N N 240 
PHE CA  CB   sing N N 241 
PHE CA  HA   sing N N 242 
PHE C   O    doub N N 243 
PHE C   OXT  sing N N 244 
PHE CB  CG   sing N N 245 
PHE CB  HB2  sing N N 246 
PHE CB  HB3  sing N N 247 
PHE CG  CD1  doub Y N 248 
PHE CG  CD2  sing Y N 249 
PHE CD1 CE1  sing Y N 250 
PHE CD1 HD1  sing N N 251 
PHE CD2 CE2  doub Y N 252 
PHE CD2 HD2  sing N N 253 
PHE CE1 CZ   doub Y N 254 
PHE CE1 HE1  sing N N 255 
PHE CE2 CZ   sing Y N 256 
PHE CE2 HE2  sing N N 257 
PHE CZ  HZ   sing N N 258 
PHE OXT HXT  sing N N 259 
PRO N   CA   sing N N 260 
PRO N   CD   sing N N 261 
PRO N   H    sing N N 262 
PRO CA  C    sing N N 263 
PRO CA  CB   sing N N 264 
PRO CA  HA   sing N N 265 
PRO C   O    doub N N 266 
PRO C   OXT  sing N N 267 
PRO CB  CG   sing N N 268 
PRO CB  HB2  sing N N 269 
PRO CB  HB3  sing N N 270 
PRO CG  CD   sing N N 271 
PRO CG  HG2  sing N N 272 
PRO CG  HG3  sing N N 273 
PRO CD  HD2  sing N N 274 
PRO CD  HD3  sing N N 275 
PRO OXT HXT  sing N N 276 
SER N   CA   sing N N 277 
SER N   H    sing N N 278 
SER N   H2   sing N N 279 
SER CA  C    sing N N 280 
SER CA  CB   sing N N 281 
SER CA  HA   sing N N 282 
SER C   O    doub N N 283 
SER C   OXT  sing N N 284 
SER CB  OG   sing N N 285 
SER CB  HB2  sing N N 286 
SER CB  HB3  sing N N 287 
SER OG  HG   sing N N 288 
SER OXT HXT  sing N N 289 
SO4 S   O1   doub N N 290 
SO4 S   O2   doub N N 291 
SO4 S   O3   sing N N 292 
SO4 S   O4   sing N N 293 
THR N   CA   sing N N 294 
THR N   H    sing N N 295 
THR N   H2   sing N N 296 
THR CA  C    sing N N 297 
THR CA  CB   sing N N 298 
THR CA  HA   sing N N 299 
THR C   O    doub N N 300 
THR C   OXT  sing N N 301 
THR CB  OG1  sing N N 302 
THR CB  CG2  sing N N 303 
THR CB  HB   sing N N 304 
THR OG1 HG1  sing N N 305 
THR CG2 HG21 sing N N 306 
THR CG2 HG22 sing N N 307 
THR CG2 HG23 sing N N 308 
THR OXT HXT  sing N N 309 
TRP N   CA   sing N N 310 
TRP N   H    sing N N 311 
TRP N   H2   sing N N 312 
TRP CA  C    sing N N 313 
TRP CA  CB   sing N N 314 
TRP CA  HA   sing N N 315 
TRP C   O    doub N N 316 
TRP C   OXT  sing N N 317 
TRP CB  CG   sing N N 318 
TRP CB  HB2  sing N N 319 
TRP CB  HB3  sing N N 320 
TRP CG  CD1  doub Y N 321 
TRP CG  CD2  sing Y N 322 
TRP CD1 NE1  sing Y N 323 
TRP CD1 HD1  sing N N 324 
TRP CD2 CE2  doub Y N 325 
TRP CD2 CE3  sing Y N 326 
TRP NE1 CE2  sing Y N 327 
TRP NE1 HE1  sing N N 328 
TRP CE2 CZ2  sing Y N 329 
TRP CE3 CZ3  doub Y N 330 
TRP CE3 HE3  sing N N 331 
TRP CZ2 CH2  doub Y N 332 
TRP CZ2 HZ2  sing N N 333 
TRP CZ3 CH2  sing Y N 334 
TRP CZ3 HZ3  sing N N 335 
TRP CH2 HH2  sing N N 336 
TRP OXT HXT  sing N N 337 
TYR N   CA   sing N N 338 
TYR N   H    sing N N 339 
TYR N   H2   sing N N 340 
TYR CA  C    sing N N 341 
TYR CA  CB   sing N N 342 
TYR CA  HA   sing N N 343 
TYR C   O    doub N N 344 
TYR C   OXT  sing N N 345 
TYR CB  CG   sing N N 346 
TYR CB  HB2  sing N N 347 
TYR CB  HB3  sing N N 348 
TYR CG  CD1  doub Y N 349 
TYR CG  CD2  sing Y N 350 
TYR CD1 CE1  sing Y N 351 
TYR CD1 HD1  sing N N 352 
TYR CD2 CE2  doub Y N 353 
TYR CD2 HD2  sing N N 354 
TYR CE1 CZ   doub Y N 355 
TYR CE1 HE1  sing N N 356 
TYR CE2 CZ   sing Y N 357 
TYR CE2 HE2  sing N N 358 
TYR CZ  OH   sing N N 359 
TYR OH  HH   sing N N 360 
TYR OXT HXT  sing N N 361 
VAL N   CA   sing N N 362 
VAL N   H    sing N N 363 
VAL N   H2   sing N N 364 
VAL CA  C    sing N N 365 
VAL CA  CB   sing N N 366 
VAL CA  HA   sing N N 367 
VAL C   O    doub N N 368 
VAL C   OXT  sing N N 369 
VAL CB  CG1  sing N N 370 
VAL CB  CG2  sing N N 371 
VAL CB  HB   sing N N 372 
VAL CG1 HG11 sing N N 373 
VAL CG1 HG12 sing N N 374 
VAL CG1 HG13 sing N N 375 
VAL CG2 HG21 sing N N 376 
VAL CG2 HG22 sing N N 377 
VAL CG2 HG23 sing N N 378 
VAL OXT HXT  sing N N 379 
# 
_atom_sites.entry_id                    1WLF 
_atom_sites.fract_transf_matrix[1][1]   0.00632209 
_atom_sites.fract_transf_matrix[1][2]   -0.01354810 
_atom_sites.fract_transf_matrix[1][3]   0.01032117 
_atom_sites.fract_transf_matrix[2][1]   -0.00036108 
_atom_sites.fract_transf_matrix[2][2]   -0.01707256 
_atom_sites.fract_transf_matrix[2][3]   -0.00619977 
_atom_sites.fract_transf_matrix[3][1]   0.02716369 
_atom_sites.fract_transf_matrix[3][2]   0.00370271 
_atom_sites.fract_transf_matrix[3][3]   -0.01177837 
_atom_sites.fract_transf_vector[1]      0.145147 
_atom_sites.fract_transf_vector[2]      0.347058 
_atom_sites.fract_transf_vector[3]      0.082227 
# 
loop_
_atom_type.symbol 
C 
N 
O 
S 
# 
loop_
_atom_site.group_PDB 
_atom_site.id 
_atom_site.type_symbol 
_atom_site.label_atom_id 
_atom_site.label_alt_id 
_atom_site.label_comp_id 
_atom_site.label_asym_id 
_atom_site.label_entity_id 
_atom_site.label_seq_id 
_atom_site.pdbx_PDB_ins_code 
_atom_site.Cartn_x 
_atom_site.Cartn_y 
_atom_site.Cartn_z 
_atom_site.occupancy 
_atom_site.B_iso_or_equiv 
_atom_site.pdbx_formal_charge 
_atom_site.auth_seq_id 
_atom_site.auth_comp_id 
_atom_site.auth_asym_id 
_atom_site.auth_atom_id 
_atom_site.pdbx_PDB_model_num 
ATOM   1    N N   . GLY A 1 11  ? -8.861  13.354  -15.230 1.00 39.50 ? 13  GLY A N   1 
ATOM   2    C CA  . GLY A 1 11  ? -7.529  12.874  -14.769 1.00 37.87 ? 13  GLY A CA  1 
ATOM   3    C C   . GLY A 1 11  ? -7.675  11.773  -13.741 1.00 36.52 ? 13  GLY A C   1 
ATOM   4    O O   . GLY A 1 11  ? -7.080  11.834  -12.668 1.00 36.56 ? 13  GLY A O   1 
ATOM   5    N N   . GLY A 1 12  ? -8.478  10.766  -14.069 1.00 35.82 ? 14  GLY A N   1 
ATOM   6    C CA  . GLY A 1 12  ? -8.695  9.654   -13.164 1.00 32.19 ? 14  GLY A CA  1 
ATOM   7    C C   . GLY A 1 12  ? -9.944  8.877   -13.529 1.00 31.63 ? 14  GLY A C   1 
ATOM   8    O O   . GLY A 1 12  ? -10.487 9.037   -14.626 1.00 30.50 ? 14  GLY A O   1 
ATOM   9    N N   . ALA A 1 13  ? -10.410 8.037   -12.607 1.00 29.05 ? 15  ALA A N   1 
ATOM   10   C CA  . ALA A 1 13  ? -11.604 7.241   -12.853 1.00 28.88 ? 15  ALA A CA  1 
ATOM   11   C C   . ALA A 1 13  ? -12.271 6.838   -11.554 1.00 26.88 ? 15  ALA A C   1 
ATOM   12   O O   . ALA A 1 13  ? -11.611 6.591   -10.545 1.00 24.49 ? 15  ALA A O   1 
ATOM   13   C CB  . ALA A 1 13  ? -11.251 5.985   -13.662 1.00 28.31 ? 15  ALA A CB  1 
ATOM   14   N N   . VAL A 1 14  ? -13.594 6.773   -11.590 1.00 28.35 ? 16  VAL A N   1 
ATOM   15   C CA  . VAL A 1 14  ? -14.363 6.378   -10.423 1.00 27.23 ? 16  VAL A CA  1 
ATOM   16   C C   . VAL A 1 14  ? -14.456 4.867   -10.474 1.00 27.02 ? 16  VAL A C   1 
ATOM   17   O O   . VAL A 1 14  ? -14.714 4.295   -11.533 1.00 25.41 ? 16  VAL A O   1 
ATOM   18   C CB  . VAL A 1 14  ? -15.779 6.978   -10.460 1.00 28.66 ? 16  VAL A CB  1 
ATOM   19   C CG1 . VAL A 1 14  ? -16.566 6.547   -9.232  1.00 27.45 ? 16  VAL A CG1 1 
ATOM   20   C CG2 . VAL A 1 14  ? -15.689 8.489   -10.525 1.00 27.02 ? 16  VAL A CG2 1 
ATOM   21   N N   . VAL A 1 15  ? -14.233 4.219   -9.338  1.00 24.41 ? 17  VAL A N   1 
ATOM   22   C CA  . VAL A 1 15  ? -14.294 2.768   -9.299  1.00 26.23 ? 17  VAL A CA  1 
ATOM   23   C C   . VAL A 1 15  ? -14.997 2.269   -8.049  1.00 26.03 ? 17  VAL A C   1 
ATOM   24   O O   . VAL A 1 15  ? -15.226 3.022   -7.101  1.00 24.27 ? 17  VAL A O   1 
ATOM   25   C CB  . VAL A 1 15  ? -12.880 2.144   -9.331  1.00 26.20 ? 17  VAL A CB  1 
ATOM   26   C CG1 . VAL A 1 15  ? -12.109 2.671   -10.527 1.00 25.03 ? 17  VAL A CG1 1 
ATOM   27   C CG2 . VAL A 1 15  ? -12.142 2.457   -8.037  1.00 26.35 ? 17  VAL A CG2 1 
ATOM   28   N N   . THR A 1 16  ? -15.341 0.990   -8.063  1.00 26.15 ? 18  THR A N   1 
ATOM   29   C CA  . THR A 1 16  ? -15.984 0.360   -6.930  1.00 25.14 ? 18  THR A CA  1 
ATOM   30   C C   . THR A 1 16  ? -14.933 -0.497  -6.250  1.00 26.21 ? 18  THR A C   1 
ATOM   31   O O   . THR A 1 16  ? -14.236 -1.285  -6.908  1.00 22.30 ? 18  THR A O   1 
ATOM   32   C CB  . THR A 1 16  ? -17.149 -0.542  -7.369  1.00 27.69 ? 18  THR A CB  1 
ATOM   33   O OG1 . THR A 1 16  ? -18.146 0.251   -8.023  1.00 28.98 ? 18  THR A OG1 1 
ATOM   34   C CG2 . THR A 1 16  ? -17.770 -1.235  -6.157  1.00 26.44 ? 18  THR A CG2 1 
ATOM   35   N N   . VAL A 1 17  ? -14.820 -0.333  -4.936  1.00 25.81 ? 19  VAL A N   1 
ATOM   36   C CA  . VAL A 1 17  ? -13.862 -1.080  -4.143  1.00 25.00 ? 19  VAL A CA  1 
ATOM   37   C C   . VAL A 1 17  ? -14.359 -2.488  -3.865  1.00 26.73 ? 19  VAL A C   1 
ATOM   38   O O   . VAL A 1 17  ? -15.481 -2.680  -3.388  1.00 26.02 ? 19  VAL A O   1 
ATOM   39   C CB  . VAL A 1 17  ? -13.597 -0.386  -2.790  1.00 26.55 ? 19  VAL A CB  1 
ATOM   40   C CG1 . VAL A 1 17  ? -12.627 -1.214  -1.961  1.00 25.45 ? 19  VAL A CG1 1 
ATOM   41   C CG2 . VAL A 1 17  ? -13.051 1.018   -3.022  1.00 25.99 ? 19  VAL A CG2 1 
ATOM   42   N N   . ALA A 1 18  ? -13.517 -3.470  -4.170  1.00 24.05 ? 20  ALA A N   1 
ATOM   43   C CA  . ALA A 1 18  ? -13.845 -4.866  -3.928  1.00 25.84 ? 20  ALA A CA  1 
ATOM   44   C C   . ALA A 1 18  ? -12.759 -5.419  -3.009  1.00 25.91 ? 20  ALA A C   1 
ATOM   45   O O   . ALA A 1 18  ? -11.576 -5.375  -3.346  1.00 24.45 ? 20  ALA A O   1 
ATOM   46   C CB  . ALA A 1 18  ? -13.876 -5.639  -5.245  1.00 24.25 ? 20  ALA A CB  1 
ATOM   47   N N   . PHE A 1 19  ? -13.160 -5.922  -1.843  1.00 26.03 ? 21  PHE A N   1 
ATOM   48   C CA  . PHE A 1 19  ? -12.211 -6.474  -0.882  1.00 26.50 ? 21  PHE A CA  1 
ATOM   49   C C   . PHE A 1 19  ? -11.843 -7.904  -1.235  1.00 26.16 ? 21  PHE A C   1 
ATOM   50   O O   . PHE A 1 19  ? -12.667 -8.655  -1.759  1.00 25.57 ? 21  PHE A O   1 
ATOM   51   C CB  . PHE A 1 19  ? -12.796 -6.420  0.534   1.00 28.83 ? 21  PHE A CB  1 
ATOM   52   C CG  . PHE A 1 19  ? -12.752 -5.045  1.161   1.00 30.61 ? 21  PHE A CG  1 
ATOM   53   C CD1 . PHE A 1 19  ? -13.466 -4.777  2.329   1.00 28.96 ? 21  PHE A CD1 1 
ATOM   54   C CD2 . PHE A 1 19  ? -11.996 -4.018  0.589   1.00 30.23 ? 21  PHE A CD2 1 
ATOM   55   C CE1 . PHE A 1 19  ? -13.429 -3.509  2.920   1.00 31.91 ? 21  PHE A CE1 1 
ATOM   56   C CE2 . PHE A 1 19  ? -11.950 -2.745  1.171   1.00 32.72 ? 21  PHE A CE2 1 
ATOM   57   C CZ  . PHE A 1 19  ? -12.670 -2.491  2.341   1.00 33.21 ? 21  PHE A CZ  1 
ATOM   58   N N   . THR A 1 20  ? -10.599 -8.280  -0.949  1.00 26.31 ? 22  THR A N   1 
ATOM   59   C CA  . THR A 1 20  ? -10.110 -9.627  -1.243  1.00 26.13 ? 22  THR A CA  1 
ATOM   60   C C   . THR A 1 20  ? -9.283  -10.141 -0.073  1.00 26.37 ? 22  THR A C   1 
ATOM   61   O O   . THR A 1 20  ? -9.177  -9.480  0.960   1.00 25.92 ? 22  THR A O   1 
ATOM   62   C CB  . THR A 1 20  ? -9.174  -9.640  -2.461  1.00 26.30 ? 22  THR A CB  1 
ATOM   63   O OG1 . THR A 1 20  ? -7.916  -9.072  -2.082  1.00 28.44 ? 22  THR A OG1 1 
ATOM   64   C CG2 . THR A 1 20  ? -9.761  -8.835  -3.606  1.00 27.83 ? 22  THR A CG2 1 
ATOM   65   N N   . ASN A 1 21  ? -8.674  -11.309 -0.264  1.00 27.23 ? 23  ASN A N   1 
ATOM   66   C CA  . ASN A 1 21  ? -7.818  -11.922 0.746   1.00 29.12 ? 23  ASN A CA  1 
ATOM   67   C C   . ASN A 1 21  ? -6.369  -11.956 0.232   1.00 28.25 ? 23  ASN A C   1 
ATOM   68   O O   . ASN A 1 21  ? -5.544  -12.731 0.722   1.00 26.78 ? 23  ASN A O   1 
ATOM   69   C CB  . ASN A 1 21  ? -8.288  -13.350 1.037   1.00 33.59 ? 23  ASN A CB  1 
ATOM   70   C CG  . ASN A 1 21  ? -7.955  -14.310 -0.085  1.00 36.84 ? 23  ASN A CG  1 
ATOM   71   O OD1 . ASN A 1 21  ? -8.154  -14.001 -1.261  1.00 40.88 ? 23  ASN A OD1 1 
ATOM   72   N ND2 . ASN A 1 21  ? -7.445  -15.486 0.272   1.00 41.28 ? 23  ASN A ND2 1 
ATOM   73   N N   . ALA A 1 22  ? -6.070  -11.115 -0.755  1.00 26.60 ? 24  ALA A N   1 
ATOM   74   C CA  . ALA A 1 22  ? -4.725  -11.054 -1.330  1.00 27.35 ? 24  ALA A CA  1 
ATOM   75   C C   . ALA A 1 22  ? -3.706  -10.734 -0.247  1.00 26.93 ? 24  ALA A C   1 
ATOM   76   O O   . ALA A 1 22  ? -3.975  -9.940  0.653   1.00 26.07 ? 24  ALA A O   1 
ATOM   77   C CB  . ALA A 1 22  ? -4.665  -9.999  -2.436  1.00 25.49 ? 24  ALA A CB  1 
ATOM   78   N N   . ARG A 1 23  ? -2.533  -11.349 -0.345  1.00 25.43 ? 25  ARG A N   1 
ATOM   79   C CA  . ARG A 1 23  ? -1.494  -11.131 0.647   1.00 26.31 ? 25  ARG A CA  1 
ATOM   80   C C   . ARG A 1 23  ? -0.551  -9.976  0.338   1.00 24.08 ? 25  ARG A C   1 
ATOM   81   O O   . ARG A 1 23  ? 0.669   -10.120 0.412   1.00 23.12 ? 25  ARG A O   1 
ATOM   82   C CB  . ARG A 1 23  ? -0.699  -12.419 0.866   1.00 27.12 ? 25  ARG A CB  1 
ATOM   83   C CG  . ARG A 1 23  ? -1.536  -13.532 1.465   1.00 30.90 ? 25  ARG A CG  1 
ATOM   84   C CD  . ARG A 1 23  ? -0.666  -14.613 2.068   1.00 33.59 ? 25  ARG A CD  1 
ATOM   85   N NE  . ARG A 1 23  ? -1.462  -15.584 2.812   1.00 34.09 ? 25  ARG A NE  1 
ATOM   86   C CZ  . ARG A 1 23  ? -0.961  -16.404 3.727   1.00 34.03 ? 25  ARG A CZ  1 
ATOM   87   N NH1 . ARG A 1 23  ? 0.334   -16.367 4.012   1.00 30.71 ? 25  ARG A NH1 1 
ATOM   88   N NH2 . ARG A 1 23  ? -1.756  -17.261 4.356   1.00 33.42 ? 25  ARG A NH2 1 
ATOM   89   N N   . ASP A 1 24  ? -1.124  -8.827  -0.011  1.00 21.72 ? 26  ASP A N   1 
ATOM   90   C CA  . ASP A 1 24  ? -0.330  -7.643  -0.284  1.00 20.59 ? 26  ASP A CA  1 
ATOM   91   C C   . ASP A 1 24  ? -1.191  -6.405  -0.089  1.00 19.42 ? 26  ASP A C   1 
ATOM   92   O O   . ASP A 1 24  ? -2.400  -6.514  0.102   1.00 18.35 ? 26  ASP A O   1 
ATOM   93   C CB  . ASP A 1 24  ? 0.269   -7.678  -1.698  1.00 21.00 ? 26  ASP A CB  1 
ATOM   94   C CG  . ASP A 1 24  ? -0.781  -7.733  -2.785  1.00 21.37 ? 26  ASP A CG  1 
ATOM   95   O OD1 . ASP A 1 24  ? -0.747  -8.698  -3.576  1.00 19.60 ? 26  ASP A OD1 1 
ATOM   96   O OD2 . ASP A 1 24  ? -1.631  -6.816  -2.861  1.00 21.22 ? 26  ASP A OD2 1 
ATOM   97   N N   . CYS A 1 25  ? -0.557  -5.239  -0.110  1.00 17.23 ? 27  CYS A N   1 
ATOM   98   C CA  . CYS A 1 25  ? -1.254  -3.970  0.080   1.00 19.25 ? 27  CYS A CA  1 
ATOM   99   C C   . CYS A 1 25  ? -1.513  -3.234  -1.233  1.00 18.10 ? 27  CYS A C   1 
ATOM   100  O O   . CYS A 1 25  ? -1.872  -2.053  -1.227  1.00 18.97 ? 27  CYS A O   1 
ATOM   101  C CB  . CYS A 1 25  ? -0.436  -3.070  1.002   1.00 17.65 ? 27  CYS A CB  1 
ATOM   102  S SG  . CYS A 1 25  ? -0.049  -3.845  2.573   1.00 20.39 ? 27  CYS A SG  1 
ATOM   103  N N   . PHE A 1 26  ? -1.348  -3.923  -2.357  1.00 20.06 ? 28  PHE A N   1 
ATOM   104  C CA  . PHE A 1 26  ? -1.560  -3.268  -3.657  1.00 20.65 ? 28  PHE A CA  1 
ATOM   105  C C   . PHE A 1 26  ? -3.009  -3.151  -4.077  1.00 21.32 ? 28  PHE A C   1 
ATOM   106  O O   . PHE A 1 26  ? -3.878  -3.884  -3.608  1.00 20.70 ? 28  PHE A O   1 
ATOM   107  C CB  . PHE A 1 26  ? -0.859  -4.014  -4.789  1.00 20.06 ? 28  PHE A CB  1 
ATOM   108  C CG  . PHE A 1 26  ? 0.570   -4.339  -4.522  1.00 20.31 ? 28  PHE A CG  1 
ATOM   109  C CD1 . PHE A 1 26  ? 1.463   -3.356  -4.116  1.00 22.50 ? 28  PHE A CD1 1 
ATOM   110  C CD2 . PHE A 1 26  ? 1.038   -5.633  -4.717  1.00 23.09 ? 28  PHE A CD2 1 
ATOM   111  C CE1 . PHE A 1 26  ? 2.809   -3.662  -3.909  1.00 24.60 ? 28  PHE A CE1 1 
ATOM   112  C CE2 . PHE A 1 26  ? 2.383   -5.947  -4.515  1.00 24.58 ? 28  PHE A CE2 1 
ATOM   113  C CZ  . PHE A 1 26  ? 3.268   -4.960  -4.111  1.00 23.80 ? 28  PHE A CZ  1 
ATOM   114  N N   . LEU A 1 27  ? -3.246  -2.220  -4.994  1.00 20.27 ? 29  LEU A N   1 
ATOM   115  C CA  . LEU A 1 27  ? -4.550  -2.016  -5.588  1.00 22.38 ? 29  LEU A CA  1 
ATOM   116  C C   . LEU A 1 27  ? -4.421  -2.931  -6.811  1.00 20.85 ? 29  LEU A C   1 
ATOM   117  O O   . LEU A 1 27  ? -3.469  -2.786  -7.576  1.00 19.23 ? 29  LEU A O   1 
ATOM   118  C CB  . LEU A 1 27  ? -4.675  -0.558  -6.035  1.00 23.57 ? 29  LEU A CB  1 
ATOM   119  C CG  . LEU A 1 27  ? -5.991  0.208   -6.046  1.00 29.50 ? 29  LEU A CG  1 
ATOM   120  C CD1 . LEU A 1 27  ? -6.722  0.062   -4.715  1.00 25.38 ? 29  LEU A CD1 1 
ATOM   121  C CD2 . LEU A 1 27  ? -5.671  1.685   -6.331  1.00 29.85 ? 29  LEU A CD2 1 
ATOM   122  N N   . HIS A 1 28  ? -5.335  -3.882  -6.983  1.00 20.20 ? 30  HIS A N   1 
ATOM   123  C CA  . HIS A 1 28  ? -5.266  -4.776  -8.138  1.00 20.00 ? 30  HIS A CA  1 
ATOM   124  C C   . HIS A 1 28  ? -6.260  -4.277  -9.177  1.00 20.67 ? 30  HIS A C   1 
ATOM   125  O O   . HIS A 1 28  ? -7.475  -4.308  -8.962  1.00 18.81 ? 30  HIS A O   1 
ATOM   126  C CB  . HIS A 1 28  ? -5.578  -6.216  -7.731  1.00 20.85 ? 30  HIS A CB  1 
ATOM   127  C CG  . HIS A 1 28  ? -4.555  -6.821  -6.821  1.00 18.48 ? 30  HIS A CG  1 
ATOM   128  N ND1 . HIS A 1 28  ? -4.244  -6.283  -5.590  1.00 21.22 ? 30  HIS A ND1 1 
ATOM   129  C CD2 . HIS A 1 28  ? -3.797  -7.937  -6.944  1.00 17.20 ? 30  HIS A CD2 1 
ATOM   130  C CE1 . HIS A 1 28  ? -3.345  -7.045  -4.994  1.00 21.66 ? 30  HIS A CE1 1 
ATOM   131  N NE2 . HIS A 1 28  ? -3.056  -8.056  -5.793  1.00 20.51 ? 30  HIS A NE2 1 
ATOM   132  N N   . LEU A 1 29  ? -5.731  -3.820  -10.308 1.00 20.55 ? 31  LEU A N   1 
ATOM   133  C CA  . LEU A 1 29  ? -6.554  -3.231  -11.367 1.00 21.21 ? 31  LEU A CA  1 
ATOM   134  C C   . LEU A 1 29  ? -6.726  -4.022  -12.665 1.00 22.03 ? 31  LEU A C   1 
ATOM   135  O O   . LEU A 1 29  ? -5.811  -4.713  -13.117 1.00 22.45 ? 31  LEU A O   1 
ATOM   136  C CB  . LEU A 1 29  ? -5.987  -1.853  -11.712 1.00 20.51 ? 31  LEU A CB  1 
ATOM   137  C CG  . LEU A 1 29  ? -5.754  -0.906  -10.523 1.00 21.56 ? 31  LEU A CG  1 
ATOM   138  C CD1 . LEU A 1 29  ? -4.939  0.306   -10.979 1.00 19.47 ? 31  LEU A CD1 1 
ATOM   139  C CD2 . LEU A 1 29  ? -7.098  -0.465  -9.946  1.00 19.17 ? 31  LEU A CD2 1 
ATOM   140  N N   . PRO A 1 30  ? -7.914  -3.921  -13.281 1.00 23.18 ? 32  PRO A N   1 
ATOM   141  C CA  . PRO A 1 30  ? -8.196  -4.622  -14.541 1.00 23.03 ? 32  PRO A CA  1 
ATOM   142  C C   . PRO A 1 30  ? -7.373  -3.911  -15.624 1.00 23.67 ? 32  PRO A C   1 
ATOM   143  O O   . PRO A 1 30  ? -7.109  -2.705  -15.516 1.00 16.41 ? 32  PRO A O   1 
ATOM   144  C CB  . PRO A 1 30  ? -9.697  -4.406  -14.743 1.00 21.46 ? 32  PRO A CB  1 
ATOM   145  C CG  . PRO A 1 30  ? -10.223 -4.144  -13.344 1.00 26.11 ? 32  PRO A CG  1 
ATOM   146  C CD  . PRO A 1 30  ? -9.133  -3.287  -12.742 1.00 22.15 ? 32  PRO A CD  1 
ATOM   147  N N   . ARG A 1 31  ? -6.967  -4.641  -16.656 1.00 24.81 ? 33  ARG A N   1 
ATOM   148  C CA  . ARG A 1 31  ? -6.169  -4.030  -17.708 1.00 27.84 ? 33  ARG A CA  1 
ATOM   149  C C   . ARG A 1 31  ? -6.815  -2.792  -18.323 1.00 26.64 ? 33  ARG A C   1 
ATOM   150  O O   . ARG A 1 31  ? -6.121  -1.868  -18.729 1.00 25.15 ? 33  ARG A O   1 
ATOM   151  C CB  . ARG A 1 31  ? -5.822  -5.051  -18.800 1.00 32.65 ? 33  ARG A CB  1 
ATOM   152  C CG  . ARG A 1 31  ? -6.983  -5.830  -19.392 1.00 39.48 ? 33  ARG A CG  1 
ATOM   153  C CD  . ARG A 1 31  ? -6.449  -6.789  -20.457 1.00 46.93 ? 33  ARG A CD  1 
ATOM   154  N NE  . ARG A 1 31  ? -7.488  -7.583  -21.108 1.00 50.59 ? 33  ARG A NE  1 
ATOM   155  C CZ  . ARG A 1 31  ? -7.261  -8.413  -22.123 1.00 52.43 ? 33  ARG A CZ  1 
ATOM   156  N NH1 . ARG A 1 31  ? -6.030  -8.557  -22.602 1.00 52.58 ? 33  ARG A NH1 1 
ATOM   157  N NH2 . ARG A 1 31  ? -8.263  -9.099  -22.664 1.00 53.38 ? 33  ARG A NH2 1 
ATOM   158  N N   . ARG A 1 32  ? -8.139  -2.764  -18.394 1.00 27.95 ? 34  ARG A N   1 
ATOM   159  C CA  . ARG A 1 32  ? -8.824  -1.601  -18.960 1.00 30.62 ? 34  ARG A CA  1 
ATOM   160  C C   . ARG A 1 32  ? -8.439  -0.315  -18.224 1.00 27.74 ? 34  ARG A C   1 
ATOM   161  O O   . ARG A 1 32  ? -8.169  0.716   -18.846 1.00 26.48 ? 34  ARG A O   1 
ATOM   162  C CB  . ARG A 1 32  ? -10.347 -1.788  -18.887 1.00 34.50 ? 34  ARG A CB  1 
ATOM   163  C CG  . ARG A 1 32  ? -11.153 -0.579  -19.356 1.00 41.35 ? 34  ARG A CG  1 
ATOM   164  C CD  . ARG A 1 32  ? -12.624 -0.725  -18.975 1.00 46.65 ? 34  ARG A CD  1 
ATOM   165  N NE  . ARG A 1 32  ? -13.140 0.486   -18.344 1.00 50.10 ? 34  ARG A NE  1 
ATOM   166  C CZ  . ARG A 1 32  ? -13.278 1.655   -18.965 1.00 53.26 ? 34  ARG A CZ  1 
ATOM   167  N NH1 . ARG A 1 32  ? -12.942 1.780   -20.244 1.00 53.99 ? 34  ARG A NH1 1 
ATOM   168  N NH2 . ARG A 1 32  ? -13.747 2.705   -18.302 1.00 53.24 ? 34  ARG A NH2 1 
ATOM   169  N N   . LEU A 1 33  ? -8.405  -0.381  -16.897 1.00 25.34 ? 35  LEU A N   1 
ATOM   170  C CA  . LEU A 1 33  ? -8.072  0.794   -16.095 1.00 25.89 ? 35  LEU A CA  1 
ATOM   171  C C   . LEU A 1 33  ? -6.601  1.149   -16.164 1.00 24.93 ? 35  LEU A C   1 
ATOM   172  O O   . LEU A 1 33  ? -6.245  2.329   -16.171 1.00 25.02 ? 35  LEU A O   1 
ATOM   173  C CB  . LEU A 1 33  ? -8.500  0.586   -14.639 1.00 27.52 ? 35  LEU A CB  1 
ATOM   174  C CG  . LEU A 1 33  ? -10.010 0.683   -14.393 1.00 30.51 ? 35  LEU A CG  1 
ATOM   175  C CD1 . LEU A 1 33  ? -10.331 0.288   -12.960 1.00 31.66 ? 35  LEU A CD1 1 
ATOM   176  C CD2 . LEU A 1 33  ? -10.487 2.109   -14.677 1.00 32.90 ? 35  LEU A CD2 1 
ATOM   177  N N   . VAL A 1 34  ? -5.740  0.134   -16.205 1.00 22.94 ? 36  VAL A N   1 
ATOM   178  C CA  . VAL A 1 34  ? -4.318  0.377   -16.309 1.00 23.28 ? 36  VAL A CA  1 
ATOM   179  C C   . VAL A 1 34  ? -4.112  1.144   -17.617 1.00 24.73 ? 36  VAL A C   1 
ATOM   180  O O   . VAL A 1 34  ? -3.326  2.087   -17.683 1.00 23.46 ? 36  VAL A O   1 
ATOM   181  C CB  . VAL A 1 34  ? -3.518  -0.954  -16.345 1.00 23.95 ? 36  VAL A CB  1 
ATOM   182  C CG1 . VAL A 1 34  ? -2.049  -0.672  -16.633 1.00 21.11 ? 36  VAL A CG1 1 
ATOM   183  C CG2 . VAL A 1 34  ? -3.649  -1.673  -15.004 1.00 23.57 ? 36  VAL A CG2 1 
ATOM   184  N N   . ALA A 1 35  ? -4.842  0.736   -18.649 1.00 23.99 ? 37  ALA A N   1 
ATOM   185  C CA  . ALA A 1 35  ? -4.762  1.382   -19.955 1.00 28.85 ? 37  ALA A CA  1 
ATOM   186  C C   . ALA A 1 35  ? -5.379  2.785   -19.928 1.00 29.32 ? 37  ALA A C   1 
ATOM   187  O O   . ALA A 1 35  ? -4.712  3.773   -20.234 1.00 29.02 ? 37  ALA A O   1 
ATOM   188  C CB  . ALA A 1 35  ? -5.476  0.526   -20.997 1.00 26.74 ? 37  ALA A CB  1 
ATOM   189  N N   . GLN A 1 36  ? -6.652  2.863   -19.550 1.00 31.09 ? 38  GLN A N   1 
ATOM   190  C CA  . GLN A 1 36  ? -7.377  4.136   -19.500 1.00 31.85 ? 38  GLN A CA  1 
ATOM   191  C C   . GLN A 1 36  ? -6.668  5.212   -18.675 1.00 32.28 ? 38  GLN A C   1 
ATOM   192  O O   . GLN A 1 36  ? -6.635  6.388   -19.059 1.00 31.74 ? 38  GLN A O   1 
ATOM   193  C CB  . GLN A 1 36  ? -8.783  3.913   -18.934 1.00 35.56 ? 38  GLN A CB  1 
ATOM   194  C CG  . GLN A 1 36  ? -9.684  5.140   -19.005 1.00 40.87 ? 38  GLN A CG  1 
ATOM   195  C CD  . GLN A 1 36  ? -10.725 5.166   -17.903 1.00 43.01 ? 38  GLN A CD  1 
ATOM   196  O OE1 . GLN A 1 36  ? -11.538 4.249   -17.773 1.00 44.78 ? 38  GLN A OE1 1 
ATOM   197  N NE2 . GLN A 1 36  ? -10.704 6.224   -17.099 1.00 45.67 ? 38  GLN A NE2 1 
ATOM   198  N N   . LEU A 1 37  ? -6.116  4.810   -17.534 1.00 30.81 ? 39  LEU A N   1 
ATOM   199  C CA  . LEU A 1 37  ? -5.415  5.732   -16.647 1.00 29.48 ? 39  LEU A CA  1 
ATOM   200  C C   . LEU A 1 37  ? -3.991  5.995   -17.116 1.00 29.41 ? 39  LEU A C   1 
ATOM   201  O O   . LEU A 1 37  ? -3.293  6.836   -16.552 1.00 30.37 ? 39  LEU A O   1 
ATOM   202  C CB  . LEU A 1 37  ? -5.381  5.169   -15.222 1.00 29.42 ? 39  LEU A CB  1 
ATOM   203  C CG  . LEU A 1 37  ? -6.720  4.990   -14.498 1.00 30.01 ? 39  LEU A CG  1 
ATOM   204  C CD1 . LEU A 1 37  ? -6.489  4.298   -13.169 1.00 31.28 ? 39  LEU A CD1 1 
ATOM   205  C CD2 . LEU A 1 37  ? -7.385  6.344   -14.285 1.00 30.15 ? 39  LEU A CD2 1 
ATOM   206  N N   . HIS A 1 38  ? -3.558  5.266   -18.140 1.00 29.29 ? 40  HIS A N   1 
ATOM   207  C CA  . HIS A 1 38  ? -2.209  5.428   -18.677 1.00 30.35 ? 40  HIS A CA  1 
ATOM   208  C C   . HIS A 1 38  ? -1.181  5.298   -17.569 1.00 28.64 ? 40  HIS A C   1 
ATOM   209  O O   . HIS A 1 38  ? -0.214  6.059   -17.517 1.00 27.24 ? 40  HIS A O   1 
ATOM   210  C CB  . HIS A 1 38  ? -2.071  6.799   -19.343 1.00 35.32 ? 40  HIS A CB  1 
ATOM   211  C CG  . HIS A 1 38  ? -3.024  7.009   -20.477 1.00 40.33 ? 40  HIS A CG  1 
ATOM   212  N ND1 . HIS A 1 38  ? -2.960  6.281   -21.645 1.00 43.79 ? 40  HIS A ND1 1 
ATOM   213  C CD2 . HIS A 1 38  ? -4.089  7.834   -20.606 1.00 42.86 ? 40  HIS A CD2 1 
ATOM   214  C CE1 . HIS A 1 38  ? -3.946  6.647   -22.444 1.00 45.03 ? 40  HIS A CE1 1 
ATOM   215  N NE2 . HIS A 1 38  ? -4.647  7.588   -21.836 1.00 44.99 ? 40  HIS A NE2 1 
ATOM   216  N N   . LEU A 1 39  ? -1.388  4.330   -16.683 1.00 25.81 ? 41  LEU A N   1 
ATOM   217  C CA  . LEU A 1 39  ? -0.473  4.129   -15.571 1.00 24.78 ? 41  LEU A CA  1 
ATOM   218  C C   . LEU A 1 39  ? 0.927   3.737   -16.019 1.00 24.70 ? 41  LEU A C   1 
ATOM   219  O O   . LEU A 1 39  ? 1.101   2.882   -16.885 1.00 23.36 ? 41  LEU A O   1 
ATOM   220  C CB  . LEU A 1 39  ? -1.013  3.056   -14.624 1.00 22.62 ? 41  LEU A CB  1 
ATOM   221  C CG  . LEU A 1 39  ? -2.377  3.320   -13.984 1.00 24.87 ? 41  LEU A CG  1 
ATOM   222  C CD1 . LEU A 1 39  ? -2.714  2.181   -13.035 1.00 23.72 ? 41  LEU A CD1 1 
ATOM   223  C CD2 . LEU A 1 39  ? -2.349  4.646   -13.234 1.00 24.99 ? 41  LEU A CD2 1 
ATOM   224  N N   . LEU A 1 40  ? 1.920   4.372   -15.411 1.00 25.55 ? 42  LEU A N   1 
ATOM   225  C CA  . LEU A 1 40  ? 3.312   4.101   -15.714 1.00 27.53 ? 42  LEU A CA  1 
ATOM   226  C C   . LEU A 1 40  ? 3.875   3.200   -14.623 1.00 28.60 ? 42  LEU A C   1 
ATOM   227  O O   . LEU A 1 40  ? 3.313   3.117   -13.530 1.00 27.29 ? 42  LEU A O   1 
ATOM   228  C CB  . LEU A 1 40  ? 4.101   5.408   -15.756 1.00 28.99 ? 42  LEU A CB  1 
ATOM   229  C CG  . LEU A 1 40  ? 3.630   6.477   -16.750 1.00 31.29 ? 42  LEU A CG  1 
ATOM   230  C CD1 . LEU A 1 40  ? 4.491   7.725   -16.579 1.00 30.22 ? 42  LEU A CD1 1 
ATOM   231  C CD2 . LEU A 1 40  ? 3.723   5.947   -18.179 1.00 29.94 ? 42  LEU A CD2 1 
ATOM   232  N N   . GLN A 1 41  ? 4.984   2.535   -14.922 1.00 29.29 ? 43  GLN A N   1 
ATOM   233  C CA  . GLN A 1 41  ? 5.621   1.644   -13.960 1.00 31.84 ? 43  GLN A CA  1 
ATOM   234  C C   . GLN A 1 41  ? 5.911   2.347   -12.639 1.00 31.42 ? 43  GLN A C   1 
ATOM   235  O O   . GLN A 1 41  ? 6.506   3.426   -12.610 1.00 32.47 ? 43  GLN A O   1 
ATOM   236  C CB  . GLN A 1 41  ? 6.924   1.080   -14.542 1.00 33.39 ? 43  GLN A CB  1 
ATOM   237  C CG  . GLN A 1 41  ? 7.753   0.274   -13.548 1.00 33.41 ? 43  GLN A CG  1 
ATOM   238  C CD  . GLN A 1 41  ? 8.962   -0.383  -14.193 1.00 36.01 ? 43  GLN A CD  1 
ATOM   239  O OE1 . GLN A 1 41  ? 9.519   0.134   -15.161 1.00 36.34 ? 43  GLN A OE1 1 
ATOM   240  N NE2 . GLN A 1 41  ? 9.384   -1.518  -13.646 1.00 34.15 ? 43  GLN A NE2 1 
ATOM   241  N N   . ASN A 1 42  ? 5.471   1.721   -11.551 1.00 32.05 ? 44  ASN A N   1 
ATOM   242  C CA  . ASN A 1 42  ? 5.661   2.222   -10.192 1.00 32.05 ? 44  ASN A CA  1 
ATOM   243  C C   . ASN A 1 42  ? 5.068   3.604   -9.906  1.00 30.93 ? 44  ASN A C   1 
ATOM   244  O O   . ASN A 1 42  ? 5.481   4.284   -8.966  1.00 31.40 ? 44  ASN A O   1 
ATOM   245  C CB  . ASN A 1 42  ? 7.150   2.204   -9.830  1.00 35.64 ? 44  ASN A CB  1 
ATOM   246  C CG  . ASN A 1 42  ? 7.754   0.812   -9.929  1.00 39.64 ? 44  ASN A CG  1 
ATOM   247  O OD1 . ASN A 1 42  ? 7.229   -0.148  -9.361  1.00 43.64 ? 44  ASN A OD1 1 
ATOM   248  N ND2 . ASN A 1 42  ? 8.861   0.698   -10.650 1.00 41.62 ? 44  ASN A ND2 1 
ATOM   249  N N   . GLN A 1 43  ? 4.099   4.017   -10.716 1.00 30.85 ? 45  GLN A N   1 
ATOM   250  C CA  . GLN A 1 43  ? 3.439   5.303   -10.512 1.00 29.12 ? 45  GLN A CA  1 
ATOM   251  C C   . GLN A 1 43  ? 2.446   5.139   -9.368  1.00 27.63 ? 45  GLN A C   1 
ATOM   252  O O   . GLN A 1 43  ? 1.729   4.138   -9.304  1.00 28.49 ? 45  GLN A O   1 
ATOM   253  C CB  . GLN A 1 43  ? 2.701   5.729   -11.781 1.00 29.29 ? 45  GLN A CB  1 
ATOM   254  C CG  . GLN A 1 43  ? 1.863   6.998   -11.637 1.00 30.44 ? 45  GLN A CG  1 
ATOM   255  C CD  . GLN A 1 43  ? 1.308   7.481   -12.970 1.00 31.73 ? 45  GLN A CD  1 
ATOM   256  O OE1 . GLN A 1 43  ? 1.015   6.684   -13.858 1.00 29.39 ? 45  GLN A OE1 1 
ATOM   257  N NE2 . GLN A 1 43  ? 1.147   8.791   -13.104 1.00 32.22 ? 45  GLN A NE2 1 
ATOM   258  N N   . ALA A 1 44  ? 2.405   6.118   -8.471  1.00 24.61 ? 46  ALA A N   1 
ATOM   259  C CA  . ALA A 1 44  ? 1.504   6.068   -7.324  1.00 23.94 ? 46  ALA A CA  1 
ATOM   260  C C   . ALA A 1 44  ? 0.093   6.459   -7.734  1.00 23.41 ? 46  ALA A C   1 
ATOM   261  O O   . ALA A 1 44  ? -0.097  7.158   -8.728  1.00 22.85 ? 46  ALA A O   1 
ATOM   262  C CB  . ALA A 1 44  ? 2.007   7.009   -6.224  1.00 25.22 ? 46  ALA A CB  1 
ATOM   263  N N   . ILE A 1 45  ? -0.893  5.991   -6.977  1.00 21.41 ? 47  ILE A N   1 
ATOM   264  C CA  . ILE A 1 45  ? -2.286  6.319   -7.253  1.00 21.82 ? 47  ILE A CA  1 
ATOM   265  C C   . ILE A 1 45  ? -2.945  6.906   -6.015  1.00 21.30 ? 47  ILE A C   1 
ATOM   266  O O   . ILE A 1 45  ? -2.862  6.342   -4.919  1.00 19.89 ? 47  ILE A O   1 
ATOM   267  C CB  . ILE A 1 45  ? -3.118  5.083   -7.678  1.00 22.54 ? 47  ILE A CB  1 
ATOM   268  C CG1 . ILE A 1 45  ? -2.679  4.599   -9.060  1.00 25.17 ? 47  ILE A CG1 1 
ATOM   269  C CG2 . ILE A 1 45  ? -4.614  5.441   -7.707  1.00 20.26 ? 47  ILE A CG2 1 
ATOM   270  C CD1 . ILE A 1 45  ? -3.581  3.514   -9.644  1.00 26.72 ? 47  ILE A CD1 1 
ATOM   271  N N   . GLU A 1 46  ? -3.593  8.048   -6.186  1.00 21.27 ? 48  GLU A N   1 
ATOM   272  C CA  . GLU A 1 46  ? -4.287  8.658   -5.066  1.00 22.97 ? 48  GLU A CA  1 
ATOM   273  C C   . GLU A 1 46  ? -5.702  8.099   -5.039  1.00 23.27 ? 48  GLU A C   1 
ATOM   274  O O   . GLU A 1 46  ? -6.372  8.041   -6.066  1.00 25.48 ? 48  GLU A O   1 
ATOM   275  C CB  . GLU A 1 46  ? -4.372  10.182  -5.214  1.00 22.80 ? 48  GLU A CB  1 
ATOM   276  C CG  . GLU A 1 46  ? -4.976  10.855  -3.977  1.00 22.18 ? 48  GLU A CG  1 
ATOM   277  C CD  . GLU A 1 46  ? -5.530  12.249  -4.235  1.00 23.91 ? 48  GLU A CD  1 
ATOM   278  O OE1 . GLU A 1 46  ? -6.085  12.832  -3.286  1.00 25.76 ? 48  GLU A OE1 1 
ATOM   279  O OE2 . GLU A 1 46  ? -5.424  12.763  -5.367  1.00 21.83 ? 48  GLU A OE2 1 
ATOM   280  N N   . VAL A 1 47  ? -6.136  7.651   -3.870  1.00 23.26 ? 49  VAL A N   1 
ATOM   281  C CA  . VAL A 1 47  ? -7.490  7.158   -3.701  1.00 23.04 ? 49  VAL A CA  1 
ATOM   282  C C   . VAL A 1 47  ? -8.207  8.338   -3.042  1.00 25.05 ? 49  VAL A C   1 
ATOM   283  O O   . VAL A 1 47  ? -8.044  8.584   -1.846  1.00 25.04 ? 49  VAL A O   1 
ATOM   284  C CB  . VAL A 1 47  ? -7.532  5.932   -2.771  1.00 24.44 ? 49  VAL A CB  1 
ATOM   285  C CG1 . VAL A 1 47  ? -8.980  5.549   -2.460  1.00 22.08 ? 49  VAL A CG1 1 
ATOM   286  C CG2 . VAL A 1 47  ? -6.816  4.757   -3.451  1.00 21.57 ? 49  VAL A CG2 1 
ATOM   287  N N   . ALA A 1 48  ? -8.956  9.090   -3.843  1.00 24.34 ? 50  ALA A N   1 
ATOM   288  C CA  . ALA A 1 48  ? -9.678  10.262  -3.359  1.00 27.19 ? 50  ALA A CA  1 
ATOM   289  C C   . ALA A 1 48  ? -11.123 9.933   -3.024  1.00 29.49 ? 50  ALA A C   1 
ATOM   290  O O   . ALA A 1 48  ? -11.794 9.205   -3.761  1.00 27.53 ? 50  ALA A O   1 
ATOM   291  C CB  . ALA A 1 48  ? -9.627  11.376  -4.405  1.00 25.12 ? 50  ALA A CB  1 
ATOM   292  N N   . SER A 1 49  ? -11.600 10.489  -1.912  1.00 33.16 ? 51  SER A N   1 
ATOM   293  C CA  . SER A 1 49  ? -12.965 10.257  -1.452  1.00 36.42 ? 51  SER A CA  1 
ATOM   294  C C   . SER A 1 49  ? -13.463 11.435  -0.620  1.00 38.65 ? 51  SER A C   1 
ATOM   295  O O   . SER A 1 49  ? -12.967 12.556  -0.754  1.00 39.60 ? 51  SER A O   1 
ATOM   296  C CB  . SER A 1 49  ? -13.006 8.994   -0.597  1.00 34.54 ? 51  SER A CB  1 
ATOM   297  O OG  . SER A 1 49  ? -12.205 9.171   0.563   1.00 32.99 ? 51  SER A OG  1 
ATOM   298  N N   . ASP A 1 50  ? -14.455 11.163  0.228   1.00 40.69 ? 52  ASP A N   1 
ATOM   299  C CA  . ASP A 1 50  ? -15.035 12.158  1.130   1.00 42.27 ? 52  ASP A CA  1 
ATOM   300  C C   . ASP A 1 50  ? -14.038 12.420  2.248   1.00 41.28 ? 52  ASP A C   1 
ATOM   301  O O   . ASP A 1 50  ? -14.002 13.506  2.825   1.00 42.13 ? 52  ASP A O   1 
ATOM   302  C CB  . ASP A 1 50  ? -16.326 11.630  1.765   1.00 45.00 ? 52  ASP A CB  1 
ATOM   303  C CG  . ASP A 1 50  ? -17.525 11.770  0.862   1.00 48.33 ? 52  ASP A CG  1 
ATOM   304  O OD1 . ASP A 1 50  ? -17.910 12.919  0.564   1.00 51.79 ? 52  ASP A OD1 1 
ATOM   305  O OD2 . ASP A 1 50  ? -18.090 10.733  0.455   1.00 51.90 ? 52  ASP A OD2 1 
ATOM   306  N N   . HIS A 1 51  ? -13.248 11.401  2.569   1.00 38.88 ? 53  HIS A N   1 
ATOM   307  C CA  . HIS A 1 51  ? -12.256 11.524  3.626   1.00 37.64 ? 53  HIS A CA  1 
ATOM   308  C C   . HIS A 1 51  ? -10.868 11.807  3.071   1.00 35.09 ? 53  HIS A C   1 
ATOM   309  O O   . HIS A 1 51  ? -10.694 11.984  1.860   1.00 31.24 ? 53  HIS A O   1 
ATOM   310  C CB  . HIS A 1 51  ? -12.261 10.268  4.509   1.00 39.39 ? 53  HIS A CB  1 
ATOM   311  C CG  . HIS A 1 51  ? -12.416 8.984   3.751   1.00 41.90 ? 53  HIS A CG  1 
ATOM   312  N ND1 . HIS A 1 51  ? -11.351 8.159   3.454   1.00 41.87 ? 53  HIS A ND1 1 
ATOM   313  C CD2 . HIS A 1 51  ? -13.514 8.379   3.237   1.00 41.58 ? 53  HIS A CD2 1 
ATOM   314  C CE1 . HIS A 1 51  ? -11.786 7.102   2.790   1.00 40.77 ? 53  HIS A CE1 1 
ATOM   315  N NE2 . HIS A 1 51  ? -13.095 7.211   2.644   1.00 42.69 ? 53  HIS A NE2 1 
ATOM   316  N N   . GLN A 1 52  ? -9.881  11.867  3.959   1.00 34.45 ? 54  GLN A N   1 
ATOM   317  C CA  . GLN A 1 52  ? -8.515  12.159  3.551   1.00 33.30 ? 54  GLN A CA  1 
ATOM   318  C C   . GLN A 1 52  ? -7.983  11.131  2.563   1.00 32.18 ? 54  GLN A C   1 
ATOM   319  O O   . GLN A 1 52  ? -8.183  9.926   2.727   1.00 30.81 ? 54  GLN A O   1 
ATOM   320  C CB  . GLN A 1 52  ? -7.608  12.253  4.776   1.00 33.79 ? 54  GLN A CB  1 
ATOM   321  C CG  . GLN A 1 52  ? -7.969  13.409  5.720   1.00 37.19 ? 54  GLN A CG  1 
ATOM   322  C CD  . GLN A 1 52  ? -8.054  14.763  5.010   1.00 37.02 ? 54  GLN A CD  1 
ATOM   323  O OE1 . GLN A 1 52  ? -7.081  15.238  4.423   1.00 36.45 ? 54  GLN A OE1 1 
ATOM   324  N NE2 . GLN A 1 52  ? -9.222  15.389  5.071   1.00 37.56 ? 54  GLN A NE2 1 
ATOM   325  N N   . PRO A 1 53  ? -7.303  11.603  1.508   1.00 31.06 ? 55  PRO A N   1 
ATOM   326  C CA  . PRO A 1 53  ? -6.749  10.705  0.494   1.00 30.17 ? 55  PRO A CA  1 
ATOM   327  C C   . PRO A 1 53  ? -5.656  9.771   0.993   1.00 28.84 ? 55  PRO A C   1 
ATOM   328  O O   . PRO A 1 53  ? -4.988  10.038  1.988   1.00 27.68 ? 55  PRO A O   1 
ATOM   329  C CB  . PRO A 1 53  ? -6.233  11.668  -0.571  1.00 31.19 ? 55  PRO A CB  1 
ATOM   330  C CG  . PRO A 1 53  ? -5.805  12.851  0.242   1.00 32.16 ? 55  PRO A CG  1 
ATOM   331  C CD  . PRO A 1 53  ? -6.963  13.005  1.205   1.00 30.96 ? 55  PRO A CD  1 
ATOM   332  N N   . THR A 1 54  ? -5.506  8.651   0.301   1.00 28.49 ? 56  THR A N   1 
ATOM   333  C CA  . THR A 1 54  ? -4.469  7.688   0.627   1.00 27.14 ? 56  THR A CA  1 
ATOM   334  C C   . THR A 1 54  ? -3.702  7.472   -0.663  1.00 26.86 ? 56  THR A C   1 
ATOM   335  O O   . THR A 1 54  ? -4.182  7.813   -1.746  1.00 26.00 ? 56  THR A O   1 
ATOM   336  C CB  . THR A 1 54  ? -5.047  6.358   1.118   1.00 26.74 ? 56  THR A CB  1 
ATOM   337  O OG1 . THR A 1 54  ? -6.019  5.876   0.179   1.00 23.56 ? 56  THR A OG1 1 
ATOM   338  C CG2 . THR A 1 54  ? -5.688  6.540   2.491   1.00 28.94 ? 56  THR A CG2 1 
ATOM   339  N N   . TYR A 1 55  ? -2.503  6.923   -0.546  1.00 26.21 ? 57  TYR A N   1 
ATOM   340  C CA  . TYR A 1 55  ? -1.682  6.697   -1.716  1.00 25.14 ? 57  TYR A CA  1 
ATOM   341  C C   . TYR A 1 55  ? -1.251  5.251   -1.766  1.00 23.70 ? 57  TYR A C   1 
ATOM   342  O O   . TYR A 1 55  ? -0.632  4.724   -0.841  1.00 21.04 ? 57  TYR A O   1 
ATOM   343  C CB  . TYR A 1 55  ? -0.491  7.646   -1.687  1.00 26.59 ? 57  TYR A CB  1 
ATOM   344  C CG  . TYR A 1 55  ? -0.940  9.081   -1.554  1.00 26.85 ? 57  TYR A CG  1 
ATOM   345  C CD1 . TYR A 1 55  ? -1.066  9.677   -0.303  1.00 28.99 ? 57  TYR A CD1 1 
ATOM   346  C CD2 . TYR A 1 55  ? -1.300  9.823   -2.675  1.00 26.70 ? 57  TYR A CD2 1 
ATOM   347  C CE1 . TYR A 1 55  ? -1.542  10.996  -0.167  1.00 31.47 ? 57  TYR A CE1 1 
ATOM   348  C CE2 . TYR A 1 55  ? -1.782  11.139  -2.555  1.00 29.33 ? 57  TYR A CE2 1 
ATOM   349  C CZ  . TYR A 1 55  ? -1.896  11.715  -1.298  1.00 30.25 ? 57  TYR A CZ  1 
ATOM   350  O OH  . TYR A 1 55  ? -2.345  13.009  -1.173  1.00 29.89 ? 57  TYR A OH  1 
ATOM   351  N N   . LEU A 1 56  ? -1.612  4.608   -2.864  1.00 23.02 ? 58  LEU A N   1 
ATOM   352  C CA  . LEU A 1 56  ? -1.319  3.204   -3.054  1.00 21.15 ? 58  LEU A CA  1 
ATOM   353  C C   . LEU A 1 56  ? -0.433  2.903   -4.239  1.00 21.65 ? 58  LEU A C   1 
ATOM   354  O O   . LEU A 1 56  ? -0.240  3.732   -5.137  1.00 18.89 ? 58  LEU A O   1 
ATOM   355  C CB  . LEU A 1 56  ? -2.629  2.436   -3.241  1.00 24.52 ? 58  LEU A CB  1 
ATOM   356  C CG  . LEU A 1 56  ? -3.549  2.325   -2.029  1.00 26.46 ? 58  LEU A CG  1 
ATOM   357  C CD1 . LEU A 1 56  ? -4.878  1.720   -2.441  1.00 28.29 ? 58  LEU A CD1 1 
ATOM   358  C CD2 . LEU A 1 56  ? -2.878  1.488   -0.963  1.00 26.96 ? 58  LEU A CD2 1 
ATOM   359  N N   . SER A 1 57  ? 0.092   1.684   -4.214  1.00 20.81 ? 59  SER A N   1 
ATOM   360  C CA  . SER A 1 57  ? 0.906   1.138   -5.279  1.00 23.91 ? 59  SER A CA  1 
ATOM   361  C C   . SER A 1 57  ? -0.110  0.237   -5.999  1.00 22.57 ? 59  SER A C   1 
ATOM   362  O O   . SER A 1 57  ? -1.110  -0.133  -5.403  1.00 21.77 ? 59  SER A O   1 
ATOM   363  C CB  . SER A 1 57  ? 2.034   0.295   -4.684  1.00 26.15 ? 59  SER A CB  1 
ATOM   364  O OG  . SER A 1 57  ? 2.955   -0.068  -5.689  1.00 35.04 ? 59  SER A OG  1 
ATOM   365  N N   . TRP A 1 58  ? 0.117   -0.097  -7.266  1.00 23.23 ? 60  TRP A N   1 
ATOM   366  C CA  . TRP A 1 58  ? -0.832  -0.942  -7.997  1.00 22.04 ? 60  TRP A CA  1 
ATOM   367  C C   . TRP A 1 58  ? -0.165  -2.063  -8.785  1.00 19.90 ? 60  TRP A C   1 
ATOM   368  O O   . TRP A 1 58  ? 1.039   -2.050  -9.019  1.00 18.72 ? 60  TRP A O   1 
ATOM   369  C CB  . TRP A 1 58  ? -1.663  -0.108  -8.986  1.00 20.99 ? 60  TRP A CB  1 
ATOM   370  C CG  . TRP A 1 58  ? -0.818  0.530   -10.065 1.00 22.87 ? 60  TRP A CG  1 
ATOM   371  C CD1 . TRP A 1 58  ? -0.146  1.711   -9.981  1.00 22.45 ? 60  TRP A CD1 1 
ATOM   372  C CD2 . TRP A 1 58  ? -0.457  -0.043  -11.333 1.00 24.81 ? 60  TRP A CD2 1 
ATOM   373  N NE1 . TRP A 1 58  ? 0.616   1.909   -11.102 1.00 23.89 ? 60  TRP A NE1 1 
ATOM   374  C CE2 . TRP A 1 58  ? 0.448   0.849   -11.950 1.00 23.91 ? 60  TRP A CE2 1 
ATOM   375  C CE3 . TRP A 1 58  ? -0.806  -1.228  -12.003 1.00 24.82 ? 60  TRP A CE3 1 
ATOM   376  C CZ2 . TRP A 1 58  ? 1.011   0.599   -13.206 1.00 23.31 ? 60  TRP A CZ2 1 
ATOM   377  C CZ3 . TRP A 1 58  ? -0.240  -1.480  -13.259 1.00 25.62 ? 60  TRP A CZ3 1 
ATOM   378  C CH2 . TRP A 1 58  ? 0.659   -0.567  -13.842 1.00 24.56 ? 60  TRP A CH2 1 
ATOM   379  N N   . VAL A 1 59  ? -0.969  -3.049  -9.168  1.00 19.64 ? 61  VAL A N   1 
ATOM   380  C CA  . VAL A 1 59  ? -0.510  -4.158  -9.995  1.00 21.13 ? 61  VAL A CA  1 
ATOM   381  C C   . VAL A 1 59  ? -1.711  -4.500  -10.870 1.00 21.02 ? 61  VAL A C   1 
ATOM   382  O O   . VAL A 1 59  ? -2.856  -4.173  -10.529 1.00 19.54 ? 61  VAL A O   1 
ATOM   383  C CB  . VAL A 1 59  ? -0.099  -5.419  -9.173  1.00 21.94 ? 61  VAL A CB  1 
ATOM   384  C CG1 . VAL A 1 59  ? 1.028   -5.072  -8.207  1.00 24.47 ? 61  VAL A CG1 1 
ATOM   385  C CG2 . VAL A 1 59  ? -1.308  -6.000  -8.441  1.00 22.11 ? 61  VAL A CG2 1 
ATOM   386  N N   . GLU A 1 60  ? -1.454  -5.124  -12.007 1.00 21.34 ? 62  GLU A N   1 
ATOM   387  C CA  . GLU A 1 60  ? -2.530  -5.495  -12.905 1.00 22.86 ? 62  GLU A CA  1 
ATOM   388  C C   . GLU A 1 60  ? -3.090  -6.829  -12.455 1.00 25.33 ? 62  GLU A C   1 
ATOM   389  O O   . GLU A 1 60  ? -2.377  -7.837  -12.446 1.00 23.99 ? 62  GLU A O   1 
ATOM   390  C CB  . GLU A 1 60  ? -2.011  -5.593  -14.341 1.00 23.39 ? 62  GLU A CB  1 
ATOM   391  C CG  . GLU A 1 60  ? -3.084  -5.929  -15.367 1.00 23.92 ? 62  GLU A CG  1 
ATOM   392  C CD  . GLU A 1 60  ? -2.555  -5.892  -16.791 1.00 27.36 ? 62  GLU A CD  1 
ATOM   393  O OE1 . GLU A 1 60  ? -3.351  -6.139  -17.722 1.00 29.72 ? 62  GLU A OE1 1 
ATOM   394  O OE2 . GLU A 1 60  ? -1.347  -5.617  -16.975 1.00 23.99 ? 62  GLU A OE2 1 
ATOM   395  N N   . GLY A 1 61  ? -4.361  -6.832  -12.060 1.00 27.26 ? 63  GLY A N   1 
ATOM   396  C CA  . GLY A 1 61  ? -4.979  -8.064  -11.609 1.00 31.24 ? 63  GLY A CA  1 
ATOM   397  C C   . GLY A 1 61  ? -4.965  -9.130  -12.690 1.00 35.05 ? 63  GLY A C   1 
ATOM   398  O O   . GLY A 1 61  ? -5.061  -8.813  -13.877 1.00 32.89 ? 63  GLY A O   1 
ATOM   399  N N   . ARG A 1 62  ? -4.836  -10.392 -12.285 1.00 38.00 ? 64  ARG A N   1 
ATOM   400  C CA  . ARG A 1 62  ? -4.821  -11.497 -13.238 1.00 43.04 ? 64  ARG A CA  1 
ATOM   401  C C   . ARG A 1 62  ? -6.188  -12.173 -13.329 1.00 46.82 ? 64  ARG A C   1 
ATOM   402  O O   . ARG A 1 62  ? -6.393  -13.056 -14.162 1.00 49.53 ? 64  ARG A O   1 
ATOM   403  C CB  . ARG A 1 62  ? -3.776  -12.544 -12.841 1.00 42.20 ? 64  ARG A CB  1 
ATOM   404  C CG  . ARG A 1 62  ? -2.379  -11.998 -12.594 1.00 42.43 ? 64  ARG A CG  1 
ATOM   405  C CD  . ARG A 1 62  ? -1.348  -13.088 -12.829 1.00 42.60 ? 64  ARG A CD  1 
ATOM   406  N NE  . ARG A 1 62  ? -0.468  -13.305 -11.690 1.00 42.02 ? 64  ARG A NE  1 
ATOM   407  C CZ  . ARG A 1 62  ? 0.537   -14.178 -11.684 1.00 42.08 ? 64  ARG A CZ  1 
ATOM   408  N NH1 . ARG A 1 62  ? 0.792   -14.915 -12.760 1.00 39.53 ? 64  ARG A NH1 1 
ATOM   409  N NH2 . ARG A 1 62  ? 1.289   -14.309 -10.603 1.00 40.99 ? 64  ARG A NH2 1 
ATOM   410  N N   . HIS A 1 63  ? -7.118  -11.761 -12.468 1.00 51.05 ? 65  HIS A N   1 
ATOM   411  C CA  . HIS A 1 63  ? -8.465  -12.330 -12.456 1.00 54.18 ? 65  HIS A CA  1 
ATOM   412  C C   . HIS A 1 63  ? -9.536  -11.310 -12.839 1.00 54.81 ? 65  HIS A C   1 
ATOM   413  O O   . HIS A 1 63  ? -10.521 -11.137 -12.117 1.00 55.42 ? 65  HIS A O   1 
ATOM   414  C CB  . HIS A 1 63  ? -8.790  -12.900 -11.071 1.00 56.31 ? 65  HIS A CB  1 
ATOM   415  C CG  . HIS A 1 63  ? -7.939  -14.066 -10.682 1.00 58.94 ? 65  HIS A CG  1 
ATOM   416  N ND1 . HIS A 1 63  ? -6.567  -13.984 -10.572 1.00 61.60 ? 65  HIS A ND1 1 
ATOM   417  C CD2 . HIS A 1 63  ? -8.265  -15.344 -10.377 1.00 60.89 ? 65  HIS A CD2 1 
ATOM   418  C CE1 . HIS A 1 63  ? -6.085  -15.162 -10.215 1.00 61.85 ? 65  HIS A CE1 1 
ATOM   419  N NE2 . HIS A 1 63  ? -7.094  -16.005 -10.090 1.00 61.75 ? 65  HIS A NE2 1 
ATOM   420  N N   . PHE A 1 64  ? -9.345  -10.644 -13.975 1.00 55.07 ? 66  PHE A N   1 
ATOM   421  C CA  . PHE A 1 64  ? -10.300 -9.645  -14.454 1.00 55.10 ? 66  PHE A CA  1 
ATOM   422  C C   . PHE A 1 64  ? -10.673 -9.894  -15.915 1.00 57.06 ? 66  PHE A C   1 
ATOM   423  O O   . PHE A 1 64  ? -10.412 -10.967 -16.453 1.00 58.53 ? 66  PHE A O   1 
ATOM   424  C CB  . PHE A 1 64  ? -9.716  -8.237  -14.317 1.00 51.63 ? 66  PHE A CB  1 
ATOM   425  C CG  . PHE A 1 64  ? -9.675  -7.723  -12.900 1.00 48.78 ? 66  PHE A CG  1 
ATOM   426  C CD1 . PHE A 1 64  ? -10.848 -7.575  -12.162 1.00 48.08 ? 66  PHE A CD1 1 
ATOM   427  C CD2 . PHE A 1 64  ? -8.466  -7.353  -12.315 1.00 46.11 ? 66  PHE A CD2 1 
ATOM   428  C CE1 . PHE A 1 64  ? -10.815 -7.059  -10.856 1.00 47.21 ? 66  PHE A CE1 1 
ATOM   429  C CE2 . PHE A 1 64  ? -8.420  -6.837  -11.013 1.00 45.44 ? 66  PHE A CE2 1 
ATOM   430  C CZ  . PHE A 1 64  ? -9.597  -6.690  -10.285 1.00 46.07 ? 66  PHE A CZ  1 
ATOM   431  N N   . ASN A 1 65  ? -11.283 -8.895  -16.549 1.00 58.96 ? 67  ASN A N   1 
ATOM   432  C CA  . ASN A 1 65  ? -11.695 -8.988  -17.950 1.00 60.03 ? 67  ASN A CA  1 
ATOM   433  C C   . ASN A 1 65  ? -12.539 -10.230 -18.217 1.00 60.69 ? 67  ASN A C   1 
ATOM   434  O O   . ASN A 1 65  ? -13.613 -10.404 -17.636 1.00 61.19 ? 67  ASN A O   1 
ATOM   435  C CB  . ASN A 1 65  ? -10.468 -8.984  -18.857 1.00 60.04 ? 67  ASN A CB  1 
ATOM   436  N N   . GLU A 1 69  ? -15.094 -3.989  -15.329 1.00 60.40 ? 71  GLU A N   1 
ATOM   437  C CA  . GLU A 1 69  ? -14.522 -2.667  -15.553 1.00 58.70 ? 71  GLU A CA  1 
ATOM   438  C C   . GLU A 1 69  ? -14.827 -1.715  -14.396 1.00 56.74 ? 71  GLU A C   1 
ATOM   439  O O   . GLU A 1 69  ? -15.887 -1.789  -13.772 1.00 57.26 ? 71  GLU A O   1 
ATOM   440  C CB  . GLU A 1 69  ? -15.052 -2.085  -16.861 1.00 59.82 ? 71  GLU A CB  1 
ATOM   441  N N   . ASN A 1 70  ? -13.884 -0.818  -14.126 1.00 52.94 ? 72  ASN A N   1 
ATOM   442  C CA  . ASN A 1 70  ? -14.014 0.165   -13.056 1.00 48.01 ? 72  ASN A CA  1 
ATOM   443  C C   . ASN A 1 70  ? -14.230 -0.442  -11.674 1.00 43.35 ? 72  ASN A C   1 
ATOM   444  O O   . ASN A 1 70  ? -15.081 -0.008  -10.896 1.00 41.25 ? 72  ASN A O   1 
ATOM   445  C CB  . ASN A 1 70  ? -15.117 1.169   -13.396 1.00 49.37 ? 72  ASN A CB  1 
ATOM   446  C CG  . ASN A 1 70  ? -14.681 2.151   -14.469 1.00 51.21 ? 72  ASN A CG  1 
ATOM   447  O OD1 . ASN A 1 70  ? -14.144 1.753   -15.504 1.00 51.86 ? 72  ASN A OD1 1 
ATOM   448  N ND2 . ASN A 1 70  ? -14.902 3.439   -14.227 1.00 51.93 ? 72  ASN A ND2 1 
ATOM   449  N N   . VAL A 1 71  ? -13.431 -1.458  -11.385 1.00 38.76 ? 73  VAL A N   1 
ATOM   450  C CA  . VAL A 1 71  ? -13.461 -2.130  -10.099 1.00 34.67 ? 73  VAL A CA  1 
ATOM   451  C C   . VAL A 1 71  ? -12.016 -2.186  -9.626  1.00 32.04 ? 73  VAL A C   1 
ATOM   452  O O   . VAL A 1 71  ? -11.114 -2.489  -10.404 1.00 32.05 ? 73  VAL A O   1 
ATOM   453  C CB  . VAL A 1 71  ? -13.996 -3.570  -10.210 1.00 35.57 ? 73  VAL A CB  1 
ATOM   454  C CG1 . VAL A 1 71  ? -13.991 -4.230  -8.835  1.00 32.80 ? 73  VAL A CG1 1 
ATOM   455  C CG2 . VAL A 1 71  ? -15.401 -3.560  -10.801 1.00 35.77 ? 73  VAL A CG2 1 
ATOM   456  N N   . ALA A 1 72  ? -11.792 -1.869  -8.361  1.00 27.00 ? 74  ALA A N   1 
ATOM   457  C CA  . ALA A 1 72  ? -10.449 -1.919  -7.813  1.00 25.09 ? 74  ALA A CA  1 
ATOM   458  C C   . ALA A 1 72  ? -10.474 -2.872  -6.634  1.00 23.48 ? 74  ALA A C   1 
ATOM   459  O O   . ALA A 1 72  ? -11.267 -2.701  -5.702  1.00 22.31 ? 74  ALA A O   1 
ATOM   460  C CB  . ALA A 1 72  ? -10.004 -0.525  -7.366  1.00 25.89 ? 74  ALA A CB  1 
ATOM   461  N N   . GLU A 1 73  ? -9.622  -3.888  -6.679  1.00 21.43 ? 75  GLU A N   1 
ATOM   462  C CA  . GLU A 1 73  ? -9.566  -4.857  -5.597  1.00 22.05 ? 75  GLU A CA  1 
ATOM   463  C C   . GLU A 1 73  ? -8.431  -4.546  -4.647  1.00 21.66 ? 75  GLU A C   1 
ATOM   464  O O   . GLU A 1 73  ? -7.369  -4.058  -5.053  1.00 20.45 ? 75  GLU A O   1 
ATOM   465  C CB  . GLU A 1 73  ? -9.367  -6.273  -6.140  1.00 24.90 ? 75  GLU A CB  1 
ATOM   466  C CG  . GLU A 1 73  ? -10.527 -6.810  -6.951  1.00 27.13 ? 75  GLU A CG  1 
ATOM   467  C CD  . GLU A 1 73  ? -10.324 -8.265  -7.349  1.00 29.63 ? 75  GLU A CD  1 
ATOM   468  O OE1 . GLU A 1 73  ? -9.165  -8.735  -7.317  1.00 31.23 ? 75  GLU A OE1 1 
ATOM   469  O OE2 . GLU A 1 73  ? -11.320 -8.929  -7.703  1.00 28.22 ? 75  GLU A OE2 1 
ATOM   470  N N   . ILE A 1 74  ? -8.652  -4.842  -3.375  1.00 20.08 ? 76  ILE A N   1 
ATOM   471  C CA  . ILE A 1 74  ? -7.629  -4.619  -2.381  1.00 19.45 ? 76  ILE A CA  1 
ATOM   472  C C   . ILE A 1 74  ? -7.903  -5.524  -1.197  1.00 20.43 ? 76  ILE A C   1 
ATOM   473  O O   . ILE A 1 74  ? -9.052  -5.882  -0.926  1.00 20.35 ? 76  ILE A O   1 
ATOM   474  C CB  . ILE A 1 74  ? -7.599  -3.144  -1.927  1.00 19.46 ? 76  ILE A CB  1 
ATOM   475  C CG1 . ILE A 1 74  ? -6.294  -2.865  -1.179  1.00 21.94 ? 76  ILE A CG1 1 
ATOM   476  C CG2 . ILE A 1 74  ? -8.821  -2.828  -1.064  1.00 19.70 ? 76  ILE A CG2 1 
ATOM   477  C CD1 . ILE A 1 74  ? -6.015  -1.400  -0.942  1.00 23.95 ? 76  ILE A CD1 1 
ATOM   478  N N   . ASN A 1 75  ? -6.845  -5.923  -0.510  1.00 20.17 ? 77  ASN A N   1 
ATOM   479  C CA  . ASN A 1 75  ? -7.009  -6.773  0.650   1.00 23.08 ? 77  ASN A CA  1 
ATOM   480  C C   . ASN A 1 75  ? -7.974  -6.093  1.616   1.00 22.46 ? 77  ASN A C   1 
ATOM   481  O O   . ASN A 1 75  ? -7.901  -4.886  1.829   1.00 23.71 ? 77  ASN A O   1 
ATOM   482  C CB  . ASN A 1 75  ? -5.663  -7.021  1.323   1.00 24.00 ? 77  ASN A CB  1 
ATOM   483  C CG  . ASN A 1 75  ? -5.811  -7.718  2.665   1.00 28.41 ? 77  ASN A CG  1 
ATOM   484  O OD1 . ASN A 1 75  ? -6.024  -7.072  3.688   1.00 23.06 ? 77  ASN A OD1 1 
ATOM   485  N ND2 . ASN A 1 75  ? -5.721  -9.043  2.658   1.00 25.92 ? 77  ASN A ND2 1 
ATOM   486  N N   . ARG A 1 76  ? -8.876  -6.878  2.197   1.00 25.10 ? 78  ARG A N   1 
ATOM   487  C CA  . ARG A 1 76  ? -9.883  -6.366  3.128   1.00 25.86 ? 78  ARG A CA  1 
ATOM   488  C C   . ARG A 1 76  ? -9.332  -5.562  4.302   1.00 26.03 ? 78  ARG A C   1 
ATOM   489  O O   . ARG A 1 76  ? -9.775  -4.443  4.566   1.00 24.16 ? 78  ARG A O   1 
ATOM   490  C CB  . ARG A 1 76  ? -10.714 -7.525  3.677   1.00 28.87 ? 78  ARG A CB  1 
ATOM   491  C CG  . ARG A 1 76  ? -11.905 -7.087  4.499   1.00 33.24 ? 78  ARG A CG  1 
ATOM   492  C CD  . ARG A 1 76  ? -12.731 -8.267  4.988   1.00 35.34 ? 78  ARG A CD  1 
ATOM   493  N NE  . ARG A 1 76  ? -13.952 -7.798  5.634   1.00 41.20 ? 78  ARG A NE  1 
ATOM   494  C CZ  . ARG A 1 76  ? -15.087 -7.529  4.996   1.00 42.30 ? 78  ARG A CZ  1 
ATOM   495  N NH1 . ARG A 1 76  ? -15.179 -7.694  3.681   1.00 42.70 ? 78  ARG A NH1 1 
ATOM   496  N NH2 . ARG A 1 76  ? -16.131 -7.075  5.677   1.00 45.13 ? 78  ARG A NH2 1 
ATOM   497  N N   . GLN A 1 77  ? -8.381  -6.144  5.020   1.00 25.92 ? 79  GLN A N   1 
ATOM   498  C CA  . GLN A 1 77  ? -7.803  -5.472  6.175   1.00 29.27 ? 79  GLN A CA  1 
ATOM   499  C C   . GLN A 1 77  ? -7.056  -4.201  5.794   1.00 27.64 ? 79  GLN A C   1 
ATOM   500  O O   . GLN A 1 77  ? -7.126  -3.194  6.503   1.00 29.07 ? 79  GLN A O   1 
ATOM   501  C CB  . GLN A 1 77  ? -6.897  -6.443  6.937   1.00 31.20 ? 79  GLN A CB  1 
ATOM   502  C CG  . GLN A 1 77  ? -7.685  -7.548  7.654   1.00 34.35 ? 79  GLN A CG  1 
ATOM   503  C CD  . GLN A 1 77  ? -8.303  -8.564  6.700   1.00 36.73 ? 79  GLN A CD  1 
ATOM   504  O OE1 . GLN A 1 77  ? -9.367  -9.120  6.973   1.00 40.11 ? 79  GLN A OE1 1 
ATOM   505  N NE2 . GLN A 1 77  ? -7.627  -8.823  5.587   1.00 36.57 ? 79  GLN A NE2 1 
ATOM   506  N N   . VAL A 1 78  ? -6.358  -4.238  4.664   1.00 27.64 ? 80  VAL A N   1 
ATOM   507  C CA  . VAL A 1 78  ? -5.636  -3.066  4.193   1.00 24.78 ? 80  VAL A CA  1 
ATOM   508  C C   . VAL A 1 78  ? -6.653  -1.967  3.872   1.00 24.18 ? 80  VAL A C   1 
ATOM   509  O O   . VAL A 1 78  ? -6.498  -0.813  4.287   1.00 22.47 ? 80  VAL A O   1 
ATOM   510  C CB  . VAL A 1 78  ? -4.827  -3.390  2.917   1.00 26.27 ? 80  VAL A CB  1 
ATOM   511  C CG1 . VAL A 1 78  ? -4.186  -2.124  2.361   1.00 25.44 ? 80  VAL A CG1 1 
ATOM   512  C CG2 . VAL A 1 78  ? -3.767  -4.439  3.228   1.00 25.51 ? 80  VAL A CG2 1 
ATOM   513  N N   . GLY A 1 79  ? -7.696  -2.341  3.134   1.00 22.50 ? 81  GLY A N   1 
ATOM   514  C CA  . GLY A 1 79  ? -8.724  -1.390  2.746   1.00 26.24 ? 81  GLY A CA  1 
ATOM   515  C C   . GLY A 1 79  ? -9.431  -0.694  3.902   1.00 27.05 ? 81  GLY A C   1 
ATOM   516  O O   . GLY A 1 79  ? -9.676  0.508   3.850   1.00 26.39 ? 81  GLY A O   1 
ATOM   517  N N   . GLN A 1 80  ? -9.762  -1.445  4.945   1.00 27.18 ? 82  GLN A N   1 
ATOM   518  C CA  . GLN A 1 80  ? -10.441 -0.863  6.093   1.00 30.02 ? 82  GLN A CA  1 
ATOM   519  C C   . GLN A 1 80  ? -9.562  0.193   6.757   1.00 30.56 ? 82  GLN A C   1 
ATOM   520  O O   . GLN A 1 80  ? -10.041 1.266   7.127   1.00 30.67 ? 82  GLN A O   1 
ATOM   521  C CB  . GLN A 1 80  ? -10.806 -1.960  7.094   1.00 31.69 ? 82  GLN A CB  1 
ATOM   522  C CG  . GLN A 1 80  ? -11.715 -3.017  6.508   1.00 35.85 ? 82  GLN A CG  1 
ATOM   523  C CD  . GLN A 1 80  ? -12.131 -4.054  7.529   1.00 39.83 ? 82  GLN A CD  1 
ATOM   524  O OE1 . GLN A 1 80  ? -11.291 -4.636  8.222   1.00 42.99 ? 82  GLN A OE1 1 
ATOM   525  N NE2 . GLN A 1 80  ? -13.433 -4.295  7.625   1.00 42.32 ? 82  GLN A NE2 1 
ATOM   526  N N   . LYS A 1 81  ? -8.274  -0.112  6.897   1.00 30.38 ? 83  LYS A N   1 
ATOM   527  C CA  . LYS A 1 81  ? -7.331  0.827   7.495   1.00 31.97 ? 83  LYS A CA  1 
ATOM   528  C C   . LYS A 1 81  ? -7.210  2.081   6.635   1.00 31.99 ? 83  LYS A C   1 
ATOM   529  O O   . LYS A 1 81  ? -6.764  3.126   7.107   1.00 31.14 ? 83  LYS A O   1 
ATOM   530  C CB  . LYS A 1 81  ? -5.953  0.177   7.658   1.00 33.13 ? 83  LYS A CB  1 
ATOM   531  C CG  . LYS A 1 81  ? -5.869  -0.858  8.778   1.00 34.94 ? 83  LYS A CG  1 
ATOM   532  C CD  . LYS A 1 81  ? -6.130  -0.220  10.134  1.00 38.75 ? 83  LYS A CD  1 
ATOM   533  C CE  . LYS A 1 81  ? -5.647  -1.101  11.285  1.00 41.26 ? 83  LYS A CE  1 
ATOM   534  N NZ  . LYS A 1 81  ? -6.283  -2.446  11.287  1.00 43.34 ? 83  LYS A NZ  1 
ATOM   535  N N   . LEU A 1 82  ? -7.598  1.976   5.365   1.00 30.00 ? 84  LEU A N   1 
ATOM   536  C CA  . LEU A 1 82  ? -7.541  3.125   4.467   1.00 30.18 ? 84  LEU A CA  1 
ATOM   537  C C   . LEU A 1 82  ? -8.857  3.890   4.549   1.00 31.03 ? 84  LEU A C   1 
ATOM   538  O O   . LEU A 1 82  ? -9.051  4.886   3.851   1.00 32.19 ? 84  LEU A O   1 
ATOM   539  C CB  . LEU A 1 82  ? -7.311  2.676   3.026   1.00 31.15 ? 84  LEU A CB  1 
ATOM   540  C CG  . LEU A 1 82  ? -5.951  2.079   2.665   1.00 31.80 ? 84  LEU A CG  1 
ATOM   541  C CD1 . LEU A 1 82  ? -6.027  1.493   1.269   1.00 31.46 ? 84  LEU A CD1 1 
ATOM   542  C CD2 . LEU A 1 82  ? -4.868  3.146   2.748   1.00 28.96 ? 84  LEU A CD2 1 
ATOM   543  N N   . GLY A 1 83  ? -9.759  3.408   5.400   1.00 29.90 ? 85  GLY A N   1 
ATOM   544  C CA  . GLY A 1 83  ? -11.051 4.048   5.560   1.00 31.06 ? 85  GLY A CA  1 
ATOM   545  C C   . GLY A 1 83  ? -12.009 3.667   4.447   1.00 30.77 ? 85  GLY A C   1 
ATOM   546  O O   . GLY A 1 83  ? -12.948 4.399   4.148   1.00 30.49 ? 85  GLY A O   1 
ATOM   547  N N   . LEU A 1 84  ? -11.773 2.511   3.834   1.00 29.62 ? 86  LEU A N   1 
ATOM   548  C CA  . LEU A 1 84  ? -12.618 2.058   2.742   1.00 28.65 ? 86  LEU A CA  1 
ATOM   549  C C   . LEU A 1 84  ? -13.565 0.963   3.181   1.00 28.68 ? 86  LEU A C   1 
ATOM   550  O O   . LEU A 1 84  ? -13.286 0.224   4.126   1.00 28.33 ? 86  LEU A O   1 
ATOM   551  C CB  . LEU A 1 84  ? -11.763 1.541   1.584   1.00 26.71 ? 86  LEU A CB  1 
ATOM   552  C CG  . LEU A 1 84  ? -10.769 2.529   0.973   1.00 26.32 ? 86  LEU A CG  1 
ATOM   553  C CD1 . LEU A 1 84  ? -9.987  1.845   -0.138  1.00 22.67 ? 86  LEU A CD1 1 
ATOM   554  C CD2 . LEU A 1 84  ? -11.506 3.735   0.434   1.00 22.30 ? 86  LEU A CD2 1 
ATOM   555  N N   . SER A 1 85  ? -14.684 0.869   2.473   1.00 30.07 ? 87  SER A N   1 
ATOM   556  C CA  . SER A 1 85  ? -15.704 -0.135  2.729   1.00 31.57 ? 87  SER A CA  1 
ATOM   557  C C   . SER A 1 85  ? -16.064 -0.779  1.398   1.00 32.04 ? 87  SER A C   1 
ATOM   558  O O   . SER A 1 85  ? -16.039 -0.123  0.356   1.00 31.70 ? 87  SER A O   1 
ATOM   559  C CB  . SER A 1 85  ? -16.960 0.514   3.328   1.00 33.80 ? 87  SER A CB  1 
ATOM   560  O OG  . SER A 1 85  ? -16.673 1.161   4.556   1.00 36.33 ? 87  SER A OG  1 
ATOM   561  N N   . SER A 1 86  ? -16.400 -2.062  1.433   1.00 33.96 ? 88  SER A N   1 
ATOM   562  C CA  . SER A 1 86  ? -16.778 -2.771  0.219   1.00 36.35 ? 88  SER A CA  1 
ATOM   563  C C   . SER A 1 86  ? -17.850 -1.971  -0.513  1.00 35.65 ? 88  SER A C   1 
ATOM   564  O O   . SER A 1 86  ? -18.732 -1.386  0.116   1.00 35.79 ? 88  SER A O   1 
ATOM   565  C CB  . SER A 1 86  ? -17.318 -4.160  0.567   1.00 38.99 ? 88  SER A CB  1 
ATOM   566  O OG  . SER A 1 86  ? -17.705 -4.860  -0.607  1.00 43.23 ? 88  SER A OG  1 
ATOM   567  N N   . GLY A 1 87  ? -17.759 -1.922  -1.840  1.00 34.69 ? 89  GLY A N   1 
ATOM   568  C CA  . GLY A 1 87  ? -18.754 -1.194  -2.610  1.00 32.69 ? 89  GLY A CA  1 
ATOM   569  C C   . GLY A 1 87  ? -18.618 0.322   -2.639  1.00 32.07 ? 89  GLY A C   1 
ATOM   570  O O   . GLY A 1 87  ? -19.369 0.986   -3.358  1.00 29.88 ? 89  GLY A O   1 
ATOM   571  N N   . ASP A 1 88  ? -17.685 0.886   -1.873  1.00 30.52 ? 90  ASP A N   1 
ATOM   572  C CA  . ASP A 1 88  ? -17.507 2.338   -1.885  1.00 29.19 ? 90  ASP A CA  1 
ATOM   573  C C   . ASP A 1 88  ? -17.107 2.792   -3.282  1.00 28.94 ? 90  ASP A C   1 
ATOM   574  O O   . ASP A 1 88  ? -16.428 2.074   -4.017  1.00 26.05 ? 90  ASP A O   1 
ATOM   575  C CB  . ASP A 1 88  ? -16.394 2.794   -0.932  1.00 31.77 ? 90  ASP A CB  1 
ATOM   576  C CG  . ASP A 1 88  ? -16.832 2.872   0.516   1.00 34.37 ? 90  ASP A CG  1 
ATOM   577  O OD1 . ASP A 1 88  ? -18.052 2.948   0.791   1.00 33.53 ? 90  ASP A OD1 1 
ATOM   578  O OD2 . ASP A 1 88  ? -15.931 2.887   1.385   1.00 34.45 ? 90  ASP A OD2 1 
ATOM   579  N N   . GLN A 1 89  ? -17.525 3.993   -3.641  1.00 28.41 ? 91  GLN A N   1 
ATOM   580  C CA  . GLN A 1 89  ? -17.171 4.558   -4.929  1.00 29.98 ? 91  GLN A CA  1 
ATOM   581  C C   . GLN A 1 89  ? -16.008 5.493   -4.617  1.00 28.28 ? 91  GLN A C   1 
ATOM   582  O O   . GLN A 1 89  ? -16.165 6.430   -3.832  1.00 27.31 ? 91  GLN A O   1 
ATOM   583  C CB  . GLN A 1 89  ? -18.339 5.368   -5.499  1.00 31.16 ? 91  GLN A CB  1 
ATOM   584  C CG  . GLN A 1 89  ? -19.632 4.589   -5.644  1.00 38.23 ? 91  GLN A CG  1 
ATOM   585  C CD  . GLN A 1 89  ? -19.542 3.517   -6.707  1.00 40.00 ? 91  GLN A CD  1 
ATOM   586  O OE1 . GLN A 1 89  ? -19.462 3.815   -7.895  1.00 43.27 ? 91  GLN A OE1 1 
ATOM   587  N NE2 . GLN A 1 89  ? -19.550 2.258   -6.282  1.00 41.66 ? 91  GLN A NE2 1 
ATOM   588  N N   . VAL A 1 90  ? -14.840 5.240   -5.195  1.00 25.71 ? 92  VAL A N   1 
ATOM   589  C CA  . VAL A 1 90  ? -13.701 6.121   -4.942  1.00 25.08 ? 92  VAL A CA  1 
ATOM   590  C C   . VAL A 1 90  ? -13.122 6.619   -6.256  1.00 23.74 ? 92  VAL A C   1 
ATOM   591  O O   . VAL A 1 90  ? -13.363 6.037   -7.308  1.00 22.20 ? 92  VAL A O   1 
ATOM   592  C CB  . VAL A 1 90  ? -12.592 5.412   -4.119  1.00 25.59 ? 92  VAL A CB  1 
ATOM   593  C CG1 . VAL A 1 90  ? -13.126 5.032   -2.738  1.00 26.09 ? 92  VAL A CG1 1 
ATOM   594  C CG2 . VAL A 1 90  ? -12.104 4.170   -4.844  1.00 24.60 ? 92  VAL A CG2 1 
ATOM   595  N N   . PHE A 1 91  ? -12.362 7.705   -6.193  1.00 23.81 ? 93  PHE A N   1 
ATOM   596  C CA  . PHE A 1 91  ? -11.756 8.260   -7.387  1.00 24.36 ? 93  PHE A CA  1 
ATOM   597  C C   . PHE A 1 91  ? -10.261 7.966   -7.420  1.00 23.90 ? 93  PHE A C   1 
ATOM   598  O O   . PHE A 1 91  ? -9.508  8.432   -6.556  1.00 25.23 ? 93  PHE A O   1 
ATOM   599  C CB  . PHE A 1 91  ? -11.986 9.770   -7.445  1.00 23.01 ? 93  PHE A CB  1 
ATOM   600  C CG  . PHE A 1 91  ? -11.590 10.389  -8.758  1.00 23.73 ? 93  PHE A CG  1 
ATOM   601  C CD1 . PHE A 1 91  ? -10.553 11.314  -8.825  1.00 22.89 ? 93  PHE A CD1 1 
ATOM   602  C CD2 . PHE A 1 91  ? -12.261 10.050  -9.929  1.00 22.40 ? 93  PHE A CD2 1 
ATOM   603  C CE1 . PHE A 1 91  ? -10.189 11.900  -10.045 1.00 26.36 ? 93  PHE A CE1 1 
ATOM   604  C CE2 . PHE A 1 91  ? -11.906 10.629  -11.157 1.00 25.73 ? 93  PHE A CE2 1 
ATOM   605  C CZ  . PHE A 1 91  ? -10.872 11.553  -11.212 1.00 23.66 ? 93  PHE A CZ  1 
ATOM   606  N N   . LEU A 1 92  ? -9.830  7.191   -8.411  1.00 21.88 ? 94  LEU A N   1 
ATOM   607  C CA  . LEU A 1 92  ? -8.413  6.863   -8.532  1.00 22.88 ? 94  LEU A CA  1 
ATOM   608  C C   . LEU A 1 92  ? -7.751  7.956   -9.347  1.00 22.30 ? 94  LEU A C   1 
ATOM   609  O O   . LEU A 1 92  ? -8.049  8.125   -10.523 1.00 24.92 ? 94  LEU A O   1 
ATOM   610  C CB  . LEU A 1 92  ? -8.210  5.510   -9.235  1.00 19.49 ? 94  LEU A CB  1 
ATOM   611  C CG  . LEU A 1 92  ? -8.870  4.278   -8.611  1.00 20.26 ? 94  LEU A CG  1 
ATOM   612  C CD1 . LEU A 1 92  ? -8.383  3.006   -9.327  1.00 20.29 ? 94  LEU A CD1 1 
ATOM   613  C CD2 . LEU A 1 92  ? -8.518  4.218   -7.134  1.00 20.72 ? 94  LEU A CD2 1 
ATOM   614  N N   . ARG A 1 93  ? -6.849  8.697   -8.721  1.00 23.57 ? 95  ARG A N   1 
ATOM   615  C CA  . ARG A 1 93  ? -6.161  9.766   -9.408  1.00 25.14 ? 95  ARG A CA  1 
ATOM   616  C C   . ARG A 1 93  ? -4.673  9.463   -9.452  1.00 25.34 ? 95  ARG A C   1 
ATOM   617  O O   . ARG A 1 93  ? -3.997  9.467   -8.421  1.00 23.74 ? 95  ARG A O   1 
ATOM   618  C CB  . ARG A 1 93  ? -6.406  11.111  -8.701  1.00 23.86 ? 95  ARG A CB  1 
ATOM   619  C CG  . ARG A 1 93  ? -5.691  12.285  -9.369  1.00 26.36 ? 95  ARG A CG  1 
ATOM   620  C CD  . ARG A 1 93  ? -5.894  13.589  -8.613  1.00 25.57 ? 95  ARG A CD  1 
ATOM   621  N NE  . ARG A 1 93  ? -7.257  14.096  -8.746  1.00 26.59 ? 95  ARG A NE  1 
ATOM   622  C CZ  . ARG A 1 93  ? -8.007  14.497  -7.727  1.00 26.77 ? 95  ARG A CZ  1 
ATOM   623  N NH1 . ARG A 1 93  ? -7.530  14.443  -6.490  1.00 27.12 ? 95  ARG A NH1 1 
ATOM   624  N NH2 . ARG A 1 93  ? -9.229  14.967  -7.944  1.00 27.29 ? 95  ARG A NH2 1 
ATOM   625  N N   . PRO A 1 94  ? -4.144  9.180   -10.652 1.00 26.47 ? 96  PRO A N   1 
ATOM   626  C CA  . PRO A 1 94  ? -2.722  8.875   -10.809 1.00 26.98 ? 96  PRO A CA  1 
ATOM   627  C C   . PRO A 1 94  ? -1.878  10.081  -10.408 1.00 28.15 ? 96  PRO A C   1 
ATOM   628  O O   . PRO A 1 94  ? -2.246  11.224  -10.688 1.00 27.93 ? 96  PRO A O   1 
ATOM   629  C CB  . PRO A 1 94  ? -2.596  8.560   -12.298 1.00 27.13 ? 96  PRO A CB  1 
ATOM   630  C CG  . PRO A 1 94  ? -3.937  8.013   -12.647 1.00 28.94 ? 96  PRO A CG  1 
ATOM   631  C CD  . PRO A 1 94  ? -4.870  8.958   -11.915 1.00 27.80 ? 96  PRO A CD  1 
ATOM   632  N N   . CYS A 1 95  ? -0.754  9.822   -9.750  1.00 29.41 ? 97  CYS A N   1 
ATOM   633  C CA  . CYS A 1 95  ? 0.151   10.881  -9.317  1.00 32.41 ? 97  CYS A CA  1 
ATOM   634  C C   . CYS A 1 95  ? 1.253   11.040  -10.360 1.00 35.22 ? 97  CYS A C   1 
ATOM   635  O O   . CYS A 1 95  ? 2.038   10.124  -10.590 1.00 34.81 ? 97  CYS A O   1 
ATOM   636  C CB  . CYS A 1 95  ? 0.750   10.527  -7.958  1.00 31.71 ? 97  CYS A CB  1 
ATOM   637  S SG  . CYS A 1 95  ? -0.500  10.320  -6.656  1.00 30.32 ? 97  CYS A SG  1 
ATOM   638  N N   . SER A 1 96  ? 1.301   12.207  -10.993 1.00 39.07 ? 98  SER A N   1 
ATOM   639  C CA  . SER A 1 96  ? 2.292   12.466  -12.030 1.00 43.27 ? 98  SER A CA  1 
ATOM   640  C C   . SER A 1 96  ? 3.701   12.112  -11.580 1.00 45.17 ? 98  SER A C   1 
ATOM   641  O O   . SER A 1 96  ? 4.499   11.600  -12.366 1.00 47.89 ? 98  SER A O   1 
ATOM   642  C CB  . SER A 1 96  ? 2.231   13.931  -12.464 1.00 44.19 ? 98  SER A CB  1 
ATOM   643  O OG  . SER A 1 96  ? 0.980   14.223  -13.064 1.00 43.97 ? 98  SER A OG  1 
ATOM   644  N N   . HIS A 1 97  ? 4.005   12.369  -10.313 1.00 45.96 ? 99  HIS A N   1 
ATOM   645  C CA  . HIS A 1 97  ? 5.331   12.067  -9.799  1.00 47.41 ? 99  HIS A CA  1 
ATOM   646  C C   . HIS A 1 97  ? 5.300   11.595  -8.358  1.00 46.58 ? 99  HIS A C   1 
ATOM   647  O O   . HIS A 1 97  ? 4.350   11.860  -7.624  1.00 46.35 ? 99  HIS A O   1 
ATOM   648  C CB  . HIS A 1 97  ? 6.240   13.296  -9.913  1.00 50.91 ? 99  HIS A CB  1 
ATOM   649  C CG  . HIS A 1 97  ? 6.566   13.678  -11.323 1.00 53.55 ? 99  HIS A CG  1 
ATOM   650  N ND1 . HIS A 1 97  ? 7.302   12.869  -12.161 1.00 55.65 ? 99  HIS A ND1 1 
ATOM   651  C CD2 . HIS A 1 97  ? 6.247   14.778  -12.045 1.00 55.38 ? 99  HIS A CD2 1 
ATOM   652  C CE1 . HIS A 1 97  ? 7.423   13.453  -13.340 1.00 56.72 ? 99  HIS A CE1 1 
ATOM   653  N NE2 . HIS A 1 97  ? 6.792   14.614  -13.296 1.00 57.13 ? 99  HIS A NE2 1 
ATOM   654  N N   . VAL A 1 98  ? 6.354   10.885  -7.972  1.00 45.44 ? 100 VAL A N   1 
ATOM   655  C CA  . VAL A 1 98  ? 6.499   10.365  -6.622  1.00 43.07 ? 100 VAL A CA  1 
ATOM   656  C C   . VAL A 1 98  ? 7.982   10.303  -6.292  1.00 42.91 ? 100 VAL A C   1 
ATOM   657  O O   . VAL A 1 98  ? 8.790   9.841   -7.101  1.00 43.12 ? 100 VAL A O   1 
ATOM   658  C CB  . VAL A 1 98  ? 5.900   8.945   -6.489  1.00 43.75 ? 100 VAL A CB  1 
ATOM   659  C CG1 . VAL A 1 98  ? 6.573   7.995   -7.477  1.00 40.02 ? 100 VAL A CG1 1 
ATOM   660  C CG2 . VAL A 1 98  ? 6.072   8.443   -5.055  1.00 39.17 ? 100 VAL A CG2 1 
ATOM   661  N N   . VAL A 1 99  ? 8.346   10.771  -5.108  1.00 41.36 ? 101 VAL A N   1 
ATOM   662  C CA  . VAL A 1 99  ? 9.744   10.746  -4.709  1.00 41.43 ? 101 VAL A CA  1 
ATOM   663  C C   . VAL A 1 99  ? 10.135  9.349   -4.236  1.00 40.88 ? 101 VAL A C   1 
ATOM   664  O O   . VAL A 1 99  ? 9.327   8.643   -3.631  1.00 39.97 ? 101 VAL A O   1 
ATOM   665  C CB  . VAL A 1 99  ? 10.013  11.757  -3.572  1.00 41.68 ? 101 VAL A CB  1 
ATOM   666  C CG1 . VAL A 1 99  ? 9.477   13.127  -3.964  1.00 40.56 ? 101 VAL A CG1 1 
ATOM   667  C CG2 . VAL A 1 99  ? 9.370   11.279  -2.273  1.00 42.91 ? 101 VAL A CG2 1 
ATOM   668  N N   . SER A 1 100 ? 11.368  8.943   -4.530  1.00 39.24 ? 102 SER A N   1 
ATOM   669  C CA  . SER A 1 100 ? 11.854  7.641   -4.095  1.00 39.95 ? 102 SER A CA  1 
ATOM   670  C C   . SER A 1 100 ? 12.334  7.780   -2.653  1.00 39.61 ? 102 SER A C   1 
ATOM   671  O O   . SER A 1 100 ? 13.071  8.713   -2.330  1.00 40.58 ? 102 SER A O   1 
ATOM   672  C CB  . SER A 1 100 ? 13.009  7.180   -4.982  1.00 40.43 ? 102 SER A CB  1 
ATOM   673  O OG  . SER A 1 100 ? 12.569  6.954   -6.310  1.00 43.99 ? 102 SER A OG  1 
ATOM   674  N N   . CYS A 1 101 ? 11.917  6.865   -1.783  1.00 37.50 ? 103 CYS A N   1 
ATOM   675  C CA  . CYS A 1 101 ? 12.329  6.928   -0.383  1.00 36.93 ? 103 CYS A CA  1 
ATOM   676  C C   . CYS A 1 101 ? 13.766  6.497   -0.160  1.00 36.59 ? 103 CYS A C   1 
ATOM   677  O O   . CYS A 1 101 ? 14.151  5.389   -0.529  1.00 36.67 ? 103 CYS A O   1 
ATOM   678  C CB  . CYS A 1 101 ? 11.431  6.050   0.495   1.00 35.88 ? 103 CYS A CB  1 
ATOM   679  S SG  . CYS A 1 101 ? 9.743   6.611   0.610   1.00 33.67 ? 103 CYS A SG  1 
ATOM   680  N N   . GLN A 1 102 ? 14.556  7.379   0.445   1.00 36.49 ? 104 GLN A N   1 
ATOM   681  C CA  . GLN A 1 102 ? 15.948  7.071   0.760   1.00 37.14 ? 104 GLN A CA  1 
ATOM   682  C C   . GLN A 1 102 ? 15.925  6.354   2.103   1.00 34.25 ? 104 GLN A C   1 
ATOM   683  O O   . GLN A 1 102 ? 16.741  5.483   2.379   1.00 33.90 ? 104 GLN A O   1 
ATOM   684  C CB  . GLN A 1 102 ? 16.775  8.356   0.888   1.00 39.57 ? 104 GLN A CB  1 
ATOM   685  C CG  . GLN A 1 102 ? 17.315  8.909   -0.424  1.00 45.36 ? 104 GLN A CG  1 
ATOM   686  C CD  . GLN A 1 102 ? 16.242  9.097   -1.474  1.00 47.74 ? 104 GLN A CD  1 
ATOM   687  O OE1 . GLN A 1 102 ? 15.701  8.126   -2.004  1.00 51.91 ? 104 GLN A OE1 1 
ATOM   688  N NE2 . GLN A 1 102 ? 15.926  10.351  -1.783  1.00 50.14 ? 104 GLN A NE2 1 
ATOM   689  N N   . GLN A 1 103 ? 14.958  6.724   2.931   1.00 32.80 ? 105 GLN A N   1 
ATOM   690  C CA  . GLN A 1 103 ? 14.829  6.131   4.250   1.00 30.92 ? 105 GLN A CA  1 
ATOM   691  C C   . GLN A 1 103 ? 13.382  6.173   4.709   1.00 27.91 ? 105 GLN A C   1 
ATOM   692  O O   . GLN A 1 103 ? 12.663  7.124   4.418   1.00 28.07 ? 105 GLN A O   1 
ATOM   693  C CB  . GLN A 1 103 ? 15.716  6.903   5.233   1.00 32.17 ? 105 GLN A CB  1 
ATOM   694  C CG  . GLN A 1 103 ? 15.674  6.417   6.667   1.00 35.22 ? 105 GLN A CG  1 
ATOM   695  C CD  . GLN A 1 103 ? 16.758  7.067   7.514   1.00 37.96 ? 105 GLN A CD  1 
ATOM   696  O OE1 . GLN A 1 103 ? 17.947  6.870   7.270   1.00 36.36 ? 105 GLN A OE1 1 
ATOM   697  N NE2 . GLN A 1 103 ? 16.351  7.856   8.504   1.00 38.83 ? 105 GLN A NE2 1 
ATOM   698  N N   . VAL A 1 104 ? 12.957  5.127   5.411   1.00 25.87 ? 106 VAL A N   1 
ATOM   699  C CA  . VAL A 1 104 ? 11.600  5.063   5.937   1.00 25.07 ? 106 VAL A CA  1 
ATOM   700  C C   . VAL A 1 104 ? 11.667  4.554   7.373   1.00 24.84 ? 106 VAL A C   1 
ATOM   701  O O   . VAL A 1 104 ? 12.438  3.642   7.690   1.00 25.54 ? 106 VAL A O   1 
ATOM   702  C CB  . VAL A 1 104 ? 10.697  4.110   5.099   1.00 26.30 ? 106 VAL A CB  1 
ATOM   703  C CG1 . VAL A 1 104 ? 11.214  2.674   5.181   1.00 25.60 ? 106 VAL A CG1 1 
ATOM   704  C CG2 . VAL A 1 104 ? 9.250   4.185   5.597   1.00 23.64 ? 106 VAL A CG2 1 
ATOM   705  N N   . GLU A 1 105 ? 10.878  5.154   8.249   1.00 22.28 ? 107 GLU A N   1 
ATOM   706  C CA  . GLU A 1 105 ? 10.864  4.728   9.639   1.00 23.63 ? 107 GLU A CA  1 
ATOM   707  C C   . GLU A 1 105 ? 9.455   4.253   9.968   1.00 23.84 ? 107 GLU A C   1 
ATOM   708  O O   . GLU A 1 105 ? 8.481   4.941   9.683   1.00 25.97 ? 107 GLU A O   1 
ATOM   709  C CB  . GLU A 1 105 ? 11.305  5.894   10.538  1.00 24.54 ? 107 GLU A CB  1 
ATOM   710  C CG  . GLU A 1 105 ? 12.715  6.395   10.174  1.00 25.18 ? 107 GLU A CG  1 
ATOM   711  C CD  . GLU A 1 105 ? 13.256  7.473   11.101  1.00 29.19 ? 107 GLU A CD  1 
ATOM   712  O OE1 . GLU A 1 105 ? 12.873  7.495   12.287  1.00 27.31 ? 107 GLU A OE1 1 
ATOM   713  O OE2 . GLU A 1 105 ? 14.092  8.287   10.641  1.00 29.95 ? 107 GLU A OE2 1 
ATOM   714  N N   . VAL A 1 106 ? 9.351   3.061   10.543  1.00 23.59 ? 108 VAL A N   1 
ATOM   715  C CA  . VAL A 1 106 ? 8.053   2.498   10.888  1.00 25.48 ? 108 VAL A CA  1 
ATOM   716  C C   . VAL A 1 106 ? 8.104   1.891   12.286  1.00 25.98 ? 108 VAL A C   1 
ATOM   717  O O   . VAL A 1 106 ? 9.185   1.641   12.817  1.00 27.41 ? 108 VAL A O   1 
ATOM   718  C CB  . VAL A 1 106 ? 7.664   1.374   9.898   1.00 25.20 ? 108 VAL A CB  1 
ATOM   719  C CG1 . VAL A 1 106 ? 7.933   1.821   8.455   1.00 24.55 ? 108 VAL A CG1 1 
ATOM   720  C CG2 . VAL A 1 106 ? 8.452   0.116   10.214  1.00 25.62 ? 108 VAL A CG2 1 
ATOM   721  N N   . GLU A 1 107 ? 6.939   1.674   12.886  1.00 26.92 ? 109 GLU A N   1 
ATOM   722  C CA  . GLU A 1 107 ? 6.872   1.038   14.199  1.00 30.80 ? 109 GLU A CA  1 
ATOM   723  C C   . GLU A 1 107 ? 5.676   0.103   14.251  1.00 30.59 ? 109 GLU A C   1 
ATOM   724  O O   . GLU A 1 107 ? 4.657   0.364   13.620  1.00 30.56 ? 109 GLU A O   1 
ATOM   725  C CB  . GLU A 1 107 ? 6.767   2.072   15.325  1.00 34.53 ? 109 GLU A CB  1 
ATOM   726  C CG  . GLU A 1 107 ? 5.519   2.934   15.332  1.00 39.32 ? 109 GLU A CG  1 
ATOM   727  C CD  . GLU A 1 107 ? 5.350   3.669   16.656  1.00 43.42 ? 109 GLU A CD  1 
ATOM   728  O OE1 . GLU A 1 107 ? 6.368   4.119   17.229  1.00 44.36 ? 109 GLU A OE1 1 
ATOM   729  O OE2 . GLU A 1 107 ? 4.201   3.803   17.126  1.00 45.87 ? 109 GLU A OE2 1 
ATOM   730  N N   . PRO A 1 108 ? 5.791   -1.012  14.990  1.00 30.26 ? 110 PRO A N   1 
ATOM   731  C CA  . PRO A 1 108 ? 4.676   -1.954  15.088  1.00 27.55 ? 110 PRO A CA  1 
ATOM   732  C C   . PRO A 1 108 ? 3.431   -1.244  15.606  1.00 26.09 ? 110 PRO A C   1 
ATOM   733  O O   . PRO A 1 108 ? 3.529   -0.298  16.386  1.00 23.52 ? 110 PRO A O   1 
ATOM   734  C CB  . PRO A 1 108 ? 5.201   -3.005  16.058  1.00 29.46 ? 110 PRO A CB  1 
ATOM   735  C CG  . PRO A 1 108 ? 6.663   -3.028  15.745  1.00 31.50 ? 110 PRO A CG  1 
ATOM   736  C CD  . PRO A 1 108 ? 6.991   -1.555  15.649  1.00 31.04 ? 110 PRO A CD  1 
ATOM   737  N N   . LEU A 1 109 ? 2.266   -1.701  15.162  1.00 23.42 ? 111 LEU A N   1 
ATOM   738  C CA  . LEU A 1 109 ? 1.004   -1.103  15.566  1.00 24.85 ? 111 LEU A CA  1 
ATOM   739  C C   . LEU A 1 109 ? 0.718   -1.325  17.048  1.00 23.60 ? 111 LEU A C   1 
ATOM   740  O O   . LEU A 1 109 ? 0.117   -0.475  17.698  1.00 23.62 ? 111 LEU A O   1 
ATOM   741  C CB  . LEU A 1 109 ? -0.143  -1.684  14.732  1.00 24.05 ? 111 LEU A CB  1 
ATOM   742  C CG  . LEU A 1 109 ? -1.546  -1.131  14.998  1.00 26.42 ? 111 LEU A CG  1 
ATOM   743  C CD1 . LEU A 1 109 ? -1.584  0.359   14.660  1.00 27.67 ? 111 LEU A CD1 1 
ATOM   744  C CD2 . LEU A 1 109 ? -2.570  -1.895  14.143  1.00 24.44 ? 111 LEU A CD2 1 
ATOM   745  N N   . SER A 1 110 ? 1.156   -2.465  17.567  1.00 22.74 ? 112 SER A N   1 
ATOM   746  C CA  . SER A 1 110 ? 0.936   -2.807  18.970  1.00 24.70 ? 112 SER A CA  1 
ATOM   747  C C   . SER A 1 110 ? 2.135   -3.534  19.560  1.00 23.99 ? 112 SER A C   1 
ATOM   748  O O   . SER A 1 110 ? 3.062   -3.909  18.844  1.00 24.19 ? 112 SER A O   1 
ATOM   749  C CB  . SER A 1 110 ? -0.286  -3.716  19.102  1.00 26.35 ? 112 SER A CB  1 
ATOM   750  O OG  . SER A 1 110 ? 0.010   -5.005  18.581  1.00 26.33 ? 112 SER A OG  1 
ATOM   751  N N   . ALA A 1 111 ? 2.099   -3.739  20.874  1.00 25.12 ? 113 ALA A N   1 
ATOM   752  C CA  . ALA A 1 111 ? 3.166   -4.439  21.573  1.00 25.45 ? 113 ALA A CA  1 
ATOM   753  C C   . ALA A 1 111 ? 3.253   -5.867  21.048  1.00 25.24 ? 113 ALA A C   1 
ATOM   754  O O   . ALA A 1 111 ? 4.347   -6.417  20.891  1.00 27.32 ? 113 ALA A O   1 
ATOM   755  C CB  . ALA A 1 111 ? 2.890   -4.445  23.079  1.00 26.17 ? 113 ALA A CB  1 
ATOM   756  N N   . ASP A 1 112 ? 2.097   -6.467  20.779  1.00 24.46 ? 114 ASP A N   1 
ATOM   757  C CA  . ASP A 1 112 ? 2.055   -7.825  20.252  1.00 25.24 ? 114 ASP A CA  1 
ATOM   758  C C   . ASP A 1 112 ? 2.776   -7.872  18.909  1.00 24.20 ? 114 ASP A C   1 
ATOM   759  O O   . ASP A 1 112 ? 3.598   -8.763  18.660  1.00 24.17 ? 114 ASP A O   1 
ATOM   760  C CB  . ASP A 1 112 ? 0.602   -8.295  20.068  1.00 26.74 ? 114 ASP A CB  1 
ATOM   761  C CG  . ASP A 1 112 ? -0.124  -8.487  21.390  1.00 26.76 ? 114 ASP A CG  1 
ATOM   762  O OD1 . ASP A 1 112 ? 0.554   -8.667  22.421  1.00 27.14 ? 114 ASP A OD1 1 
ATOM   763  O OD2 . ASP A 1 112 ? -1.373  -8.474  21.396  1.00 29.04 ? 114 ASP A OD2 1 
ATOM   764  N N   . ASP A 1 113 ? 2.463   -6.912  18.045  1.00 23.10 ? 115 ASP A N   1 
ATOM   765  C CA  . ASP A 1 113 ? 3.091   -6.843  16.732  1.00 24.55 ? 115 ASP A CA  1 
ATOM   766  C C   . ASP A 1 113 ? 4.595   -6.779  16.906  1.00 24.60 ? 115 ASP A C   1 
ATOM   767  O O   . ASP A 1 113 ? 5.337   -7.457  16.200  1.00 24.30 ? 115 ASP A O   1 
ATOM   768  C CB  . ASP A 1 113 ? 2.608   -5.608  15.958  1.00 23.95 ? 115 ASP A CB  1 
ATOM   769  C CG  . ASP A 1 113 ? 1.189   -5.749  15.465  1.00 25.47 ? 115 ASP A CG  1 
ATOM   770  O OD1 . ASP A 1 113 ? 0.941   -6.660  14.651  1.00 23.48 ? 115 ASP A OD1 1 
ATOM   771  O OD2 . ASP A 1 113 ? 0.318   -4.951  15.884  1.00 28.51 ? 115 ASP A OD2 1 
ATOM   772  N N   . TRP A 1 114 ? 5.041   -5.960  17.853  1.00 25.54 ? 116 TRP A N   1 
ATOM   773  C CA  . TRP A 1 114 ? 6.464   -5.820  18.122  1.00 26.69 ? 116 TRP A CA  1 
ATOM   774  C C   . TRP A 1 114 ? 7.068   -7.153  18.562  1.00 27.97 ? 116 TRP A C   1 
ATOM   775  O O   . TRP A 1 114 ? 8.132   -7.558  18.075  1.00 24.98 ? 116 TRP A O   1 
ATOM   776  C CB  . TRP A 1 114 ? 6.695   -4.765  19.207  1.00 29.83 ? 116 TRP A CB  1 
ATOM   777  C CG  . TRP A 1 114 ? 8.131   -4.662  19.657  1.00 33.39 ? 116 TRP A CG  1 
ATOM   778  C CD1 . TRP A 1 114 ? 8.588   -4.720  20.939  1.00 33.02 ? 116 TRP A CD1 1 
ATOM   779  C CD2 . TRP A 1 114 ? 9.290   -4.483  18.826  1.00 33.29 ? 116 TRP A CD2 1 
ATOM   780  N NE1 . TRP A 1 114 ? 9.955   -4.592  20.962  1.00 33.65 ? 116 TRP A NE1 1 
ATOM   781  C CE2 . TRP A 1 114 ? 10.413  -4.446  19.679  1.00 33.82 ? 116 TRP A CE2 1 
ATOM   782  C CE3 . TRP A 1 114 ? 9.485   -4.350  17.445  1.00 34.34 ? 116 TRP A CE3 1 
ATOM   783  C CZ2 . TRP A 1 114 ? 11.717  -4.282  19.199  1.00 34.65 ? 116 TRP A CZ2 1 
ATOM   784  C CZ3 . TRP A 1 114 ? 10.787  -4.186  16.962  1.00 34.50 ? 116 TRP A CZ3 1 
ATOM   785  C CH2 . TRP A 1 114 ? 11.884  -4.155  17.841  1.00 34.97 ? 116 TRP A CH2 1 
ATOM   786  N N   . GLU A 1 115 ? 6.389   -7.830  19.485  1.00 27.22 ? 117 GLU A N   1 
ATOM   787  C CA  . GLU A 1 115 ? 6.874   -9.116  19.975  1.00 30.47 ? 117 GLU A CA  1 
ATOM   788  C C   . GLU A 1 115 ? 6.950   -10.126 18.845  1.00 29.10 ? 117 GLU A C   1 
ATOM   789  O O   . GLU A 1 115 ? 7.897   -10.906 18.761  1.00 30.86 ? 117 GLU A O   1 
ATOM   790  C CB  . GLU A 1 115 ? 5.965   -9.661  21.075  1.00 33.62 ? 117 GLU A CB  1 
ATOM   791  C CG  . GLU A 1 115 ? 6.353   -11.063 21.507  1.00 40.50 ? 117 GLU A CG  1 
ATOM   792  C CD  . GLU A 1 115 ? 7.775   -11.129 22.035  1.00 43.78 ? 117 GLU A CD  1 
ATOM   793  O OE1 . GLU A 1 115 ? 8.366   -12.228 22.014  1.00 44.83 ? 117 GLU A OE1 1 
ATOM   794  O OE2 . GLU A 1 115 ? 8.300   -10.084 22.478  1.00 46.81 ? 117 GLU A OE2 1 
ATOM   795  N N   . ILE A 1 116 ? 5.948   -10.115 17.973  1.00 27.57 ? 118 ILE A N   1 
ATOM   796  C CA  . ILE A 1 116 ? 5.940   -11.044 16.859  1.00 27.80 ? 118 ILE A CA  1 
ATOM   797  C C   . ILE A 1 116 ? 7.115   -10.706 15.942  1.00 29.32 ? 118 ILE A C   1 
ATOM   798  O O   . ILE A 1 116 ? 7.862   -11.590 15.521  1.00 28.05 ? 118 ILE A O   1 
ATOM   799  C CB  . ILE A 1 116 ? 4.601   -10.968 16.085  1.00 26.37 ? 118 ILE A CB  1 
ATOM   800  C CG1 . ILE A 1 116 ? 3.460   -11.468 16.982  1.00 27.74 ? 118 ILE A CG1 1 
ATOM   801  C CG2 . ILE A 1 116 ? 4.676   -11.803 14.819  1.00 28.72 ? 118 ILE A CG2 1 
ATOM   802  C CD1 . ILE A 1 116 ? 2.055   -11.326 16.380  1.00 23.48 ? 118 ILE A CD1 1 
ATOM   803  N N   . LEU A 1 117 ? 7.288   -9.421  15.660  1.00 30.31 ? 119 LEU A N   1 
ATOM   804  C CA  . LEU A 1 117 ? 8.377   -8.978  14.799  1.00 33.58 ? 119 LEU A CA  1 
ATOM   805  C C   . LEU A 1 117 ? 9.714   -9.504  15.312  1.00 34.34 ? 119 LEU A C   1 
ATOM   806  O O   . LEU A 1 117 ? 10.472  -10.127 14.567  1.00 35.12 ? 119 LEU A O   1 
ATOM   807  C CB  . LEU A 1 117 ? 8.388   -7.446  14.731  1.00 32.97 ? 119 LEU A CB  1 
ATOM   808  C CG  . LEU A 1 117 ? 9.214   -6.735  13.653  1.00 35.11 ? 119 LEU A CG  1 
ATOM   809  C CD1 . LEU A 1 117 ? 8.756   -5.284  13.542  1.00 34.91 ? 119 LEU A CD1 1 
ATOM   810  C CD2 . LEU A 1 117 ? 10.692  -6.799  13.995  1.00 36.47 ? 119 LEU A CD2 1 
ATOM   811  N N   . GLU A 1 118 ? 9.988   -9.274  16.594  1.00 35.86 ? 120 GLU A N   1 
ATOM   812  C CA  . GLU A 1 118 ? 11.238  -9.714  17.206  1.00 38.73 ? 120 GLU A CA  1 
ATOM   813  C C   . GLU A 1 118 ? 11.559  -11.191 16.976  1.00 39.31 ? 120 GLU A C   1 
ATOM   814  O O   . GLU A 1 118 ? 12.722  -11.560 16.841  1.00 38.99 ? 120 GLU A O   1 
ATOM   815  C CB  . GLU A 1 118 ? 11.211  -9.435  18.711  1.00 41.04 ? 120 GLU A CB  1 
ATOM   816  C CG  . GLU A 1 118 ? 11.078  -7.960  19.074  1.00 45.73 ? 120 GLU A CG  1 
ATOM   817  C CD  . GLU A 1 118 ? 10.952  -7.734  20.572  1.00 48.80 ? 120 GLU A CD  1 
ATOM   818  O OE1 . GLU A 1 118 ? 10.028  -8.304  21.190  1.00 49.55 ? 120 GLU A OE1 1 
ATOM   819  O OE2 . GLU A 1 118 ? 11.777  -6.982  21.134  1.00 52.51 ? 120 GLU A OE2 1 
ATOM   820  N N   . LEU A 1 119 ? 10.534  -12.037 16.930  1.00 39.26 ? 121 LEU A N   1 
ATOM   821  C CA  . LEU A 1 119 ? 10.757  -13.463 16.732  1.00 39.69 ? 121 LEU A CA  1 
ATOM   822  C C   . LEU A 1 119 ? 10.539  -13.876 15.287  1.00 41.32 ? 121 LEU A C   1 
ATOM   823  O O   . LEU A 1 119 ? 10.670  -15.048 14.945  1.00 42.05 ? 121 LEU A O   1 
ATOM   824  C CB  . LEU A 1 119 ? 9.841   -14.278 17.650  1.00 38.46 ? 121 LEU A CB  1 
ATOM   825  C CG  . LEU A 1 119 ? 10.033  -14.066 19.155  1.00 38.96 ? 121 LEU A CG  1 
ATOM   826  C CD1 . LEU A 1 119 ? 8.979   -14.847 19.911  1.00 36.98 ? 121 LEU A CD1 1 
ATOM   827  C CD2 . LEU A 1 119 ? 11.439  -14.496 19.579  1.00 37.16 ? 121 LEU A CD2 1 
ATOM   828  N N   . HIS A 1 120 ? 10.220  -12.899 14.444  1.00 42.63 ? 122 HIS A N   1 
ATOM   829  C CA  . HIS A 1 120 ? 9.982   -13.136 13.022  1.00 44.29 ? 122 HIS A CA  1 
ATOM   830  C C   . HIS A 1 120 ? 10.630  -12.011 12.205  1.00 45.00 ? 122 HIS A C   1 
ATOM   831  O O   . HIS A 1 120 ? 10.141  -11.648 11.139  1.00 44.85 ? 122 HIS A O   1 
ATOM   832  C CB  . HIS A 1 120 ? 8.472   -13.166 12.743  1.00 42.67 ? 122 HIS A CB  1 
ATOM   833  C CG  . HIS A 1 120 ? 7.760   -14.336 13.351  1.00 41.24 ? 122 HIS A CG  1 
ATOM   834  N ND1 . HIS A 1 120 ? 7.593   -15.535 12.687  1.00 39.89 ? 122 HIS A ND1 1 
ATOM   835  C CD2 . HIS A 1 120 ? 7.162   -14.489 14.556  1.00 41.18 ? 122 HIS A CD2 1 
ATOM   836  C CE1 . HIS A 1 120 ? 6.921   -16.374 13.457  1.00 39.69 ? 122 HIS A CE1 1 
ATOM   837  N NE2 . HIS A 1 120 ? 6.648   -15.764 14.596  1.00 40.89 ? 122 HIS A NE2 1 
ATOM   838  N N   . ALA A 1 121 ? 11.733  -11.467 12.709  1.00 48.09 ? 123 ALA A N   1 
ATOM   839  C CA  . ALA A 1 121 ? 12.429  -10.374 12.034  1.00 49.89 ? 123 ALA A CA  1 
ATOM   840  C C   . ALA A 1 121 ? 13.522  -10.833 11.070  1.00 50.51 ? 123 ALA A C   1 
ATOM   841  O O   . ALA A 1 121 ? 14.707  -10.590 11.305  1.00 51.59 ? 123 ALA A O   1 
ATOM   842  C CB  . ALA A 1 121 ? 13.023  -9.427  13.072  1.00 50.93 ? 123 ALA A CB  1 
ATOM   843  N N   . ILE A 1 122 ? 13.126  -11.479 9.978   1.00 50.13 ? 124 ILE A N   1 
ATOM   844  C CA  . ILE A 1 122 ? 14.092  -11.954 8.992   1.00 48.96 ? 124 ILE A CA  1 
ATOM   845  C C   . ILE A 1 122 ? 13.875  -11.286 7.635   1.00 48.03 ? 124 ILE A C   1 
ATOM   846  O O   . ILE A 1 122 ? 12.927  -11.605 6.920   1.00 47.92 ? 124 ILE A O   1 
ATOM   847  C CB  . ILE A 1 122 ? 13.992  -13.470 8.854   1.00 48.82 ? 124 ILE A CB  1 
ATOM   848  N N   . SER A 1 123 ? 14.764  -10.362 7.283   1.00 47.71 ? 125 SER A N   1 
ATOM   849  C CA  . SER A 1 123 ? 14.672  -9.651  6.011   1.00 45.49 ? 125 SER A CA  1 
ATOM   850  C C   . SER A 1 123 ? 13.298  -9.005  5.854   1.00 44.59 ? 125 SER A C   1 
ATOM   851  O O   . SER A 1 123 ? 12.619  -9.195  4.840   1.00 43.32 ? 125 SER A O   1 
ATOM   852  C CB  . SER A 1 123 ? 14.932  -10.609 4.859   1.00 46.49 ? 125 SER A CB  1 
ATOM   853  N N   . LEU A 1 124 ? 12.899  -8.237  6.863   1.00 42.42 ? 126 LEU A N   1 
ATOM   854  C CA  . LEU A 1 124 ? 11.608  -7.570  6.840   1.00 41.84 ? 126 LEU A CA  1 
ATOM   855  C C   . LEU A 1 124 ? 11.431  -6.665  5.627   1.00 42.04 ? 126 LEU A C   1 
ATOM   856  O O   . LEU A 1 124 ? 10.348  -6.617  5.045   1.00 41.34 ? 126 LEU A O   1 
ATOM   857  C CB  . LEU A 1 124 ? 11.406  -6.750  8.113   1.00 40.22 ? 126 LEU A CB  1 
ATOM   858  C CG  . LEU A 1 124 ? 10.056  -6.029  8.199   1.00 40.83 ? 126 LEU A CG  1 
ATOM   859  C CD1 . LEU A 1 124 ? 8.922   -7.045  8.190   1.00 40.50 ? 126 LEU A CD1 1 
ATOM   860  C CD2 . LEU A 1 124 ? 10.005  -5.191  9.455   1.00 40.89 ? 126 LEU A CD2 1 
ATOM   861  N N   . GLU A 1 125 ? 12.487  -5.953  5.242   1.00 41.80 ? 127 GLU A N   1 
ATOM   862  C CA  . GLU A 1 125 ? 12.402  -5.049  4.098   1.00 42.69 ? 127 GLU A CA  1 
ATOM   863  C C   . GLU A 1 125 ? 12.073  -5.755  2.786   1.00 42.17 ? 127 GLU A C   1 
ATOM   864  O O   . GLU A 1 125 ? 11.356  -5.205  1.951   1.00 41.59 ? 127 GLU A O   1 
ATOM   865  C CB  . GLU A 1 125 ? 13.699  -4.247  3.941   1.00 44.99 ? 127 GLU A CB  1 
ATOM   866  C CG  . GLU A 1 125 ? 13.793  -3.505  2.617   1.00 47.96 ? 127 GLU A CG  1 
ATOM   867  C CD  . GLU A 1 125 ? 14.618  -2.240  2.704   1.00 49.26 ? 127 GLU A CD  1 
ATOM   868  O OE1 . GLU A 1 125 ? 15.708  -2.278  3.314   1.00 50.72 ? 127 GLU A OE1 1 
ATOM   869  O OE2 . GLU A 1 125 ? 14.174  -1.211  2.151   1.00 49.53 ? 127 GLU A OE2 1 
ATOM   870  N N   . GLN A 1 126 ? 12.592  -6.966  2.603   1.00 41.42 ? 128 GLN A N   1 
ATOM   871  C CA  . GLN A 1 126 ? 12.322  -7.715  1.381   1.00 42.06 ? 128 GLN A CA  1 
ATOM   872  C C   . GLN A 1 126 ? 10.848  -8.112  1.325   1.00 40.48 ? 128 GLN A C   1 
ATOM   873  O O   . GLN A 1 126 ? 10.209  -8.006  0.279   1.00 41.30 ? 128 GLN A O   1 
ATOM   874  C CB  . GLN A 1 126 ? 13.219  -8.958  1.307   1.00 44.50 ? 128 GLN A CB  1 
ATOM   875  C CG  . GLN A 1 126 ? 14.715  -8.623  1.241   1.00 49.49 ? 128 GLN A CG  1 
ATOM   876  C CD  . GLN A 1 126 ? 15.594  -9.840  0.992   1.00 50.94 ? 128 GLN A CD  1 
ATOM   877  O OE1 . GLN A 1 126 ? 15.476  -10.507 -0.038  1.00 51.84 ? 128 GLN A OE1 1 
ATOM   878  N NE2 . GLN A 1 126 ? 16.482  -10.131 1.936   1.00 52.00 ? 128 GLN A NE2 1 
ATOM   879  N N   . HIS A 1 127 ? 10.313  -8.565  2.455   1.00 37.74 ? 129 HIS A N   1 
ATOM   880  C CA  . HIS A 1 127 ? 8.911   -8.953  2.531   1.00 35.53 ? 129 HIS A CA  1 
ATOM   881  C C   . HIS A 1 127 ? 8.062   -7.706  2.321   1.00 33.70 ? 129 HIS A C   1 
ATOM   882  O O   . HIS A 1 127 ? 7.032   -7.742  1.651   1.00 32.65 ? 129 HIS A O   1 
ATOM   883  C CB  . HIS A 1 127 ? 8.604   -9.570  3.901   1.00 35.85 ? 129 HIS A CB  1 
ATOM   884  C CG  . HIS A 1 127 ? 9.042   -10.996 4.033   1.00 38.91 ? 129 HIS A CG  1 
ATOM   885  N ND1 . HIS A 1 127 ? 8.329   -12.048 3.500   1.00 39.33 ? 129 HIS A ND1 1 
ATOM   886  C CD2 . HIS A 1 127 ? 10.136  -11.541 4.619   1.00 38.97 ? 129 HIS A CD2 1 
ATOM   887  C CE1 . HIS A 1 127 ? 8.964   -13.181 3.749   1.00 39.98 ? 129 HIS A CE1 1 
ATOM   888  N NE2 . HIS A 1 127 ? 10.063  -12.900 4.427   1.00 39.33 ? 129 HIS A NE2 1 
ATOM   889  N N   . LEU A 1 128 ? 8.510   -6.598  2.896   1.00 31.26 ? 130 LEU A N   1 
ATOM   890  C CA  . LEU A 1 128 ? 7.798   -5.337  2.761   1.00 32.23 ? 130 LEU A CA  1 
ATOM   891  C C   . LEU A 1 128 ? 7.645   -4.959  1.285   1.00 31.03 ? 130 LEU A C   1 
ATOM   892  O O   . LEU A 1 128 ? 6.546   -4.672  0.823   1.00 31.43 ? 130 LEU A O   1 
ATOM   893  C CB  . LEU A 1 128 ? 8.561   -4.229  3.490   1.00 31.39 ? 130 LEU A CB  1 
ATOM   894  C CG  . LEU A 1 128 ? 7.844   -2.883  3.607   1.00 31.78 ? 130 LEU A CG  1 
ATOM   895  C CD1 . LEU A 1 128 ? 6.659   -3.031  4.545   1.00 30.31 ? 130 LEU A CD1 1 
ATOM   896  C CD2 . LEU A 1 128 ? 8.807   -1.826  4.142   1.00 32.69 ? 130 LEU A CD2 1 
ATOM   897  N N   . LEU A 1 129 ? 8.758   -4.971  0.554   1.00 31.87 ? 131 LEU A N   1 
ATOM   898  C CA  . LEU A 1 129 ? 8.769   -4.611  -0.865  1.00 31.57 ? 131 LEU A CA  1 
ATOM   899  C C   . LEU A 1 129 ? 7.905   -5.521  -1.734  1.00 29.94 ? 131 LEU A C   1 
ATOM   900  O O   . LEU A 1 129 ? 7.389   -5.095  -2.767  1.00 28.02 ? 131 LEU A O   1 
ATOM   901  C CB  . LEU A 1 129 ? 10.210  -4.614  -1.388  1.00 34.03 ? 131 LEU A CB  1 
ATOM   902  C CG  . LEU A 1 129 ? 11.166  -3.616  -0.721  1.00 34.86 ? 131 LEU A CG  1 
ATOM   903  C CD1 . LEU A 1 129 ? 12.615  -3.927  -1.110  1.00 35.30 ? 131 LEU A CD1 1 
ATOM   904  C CD2 . LEU A 1 129 ? 10.791  -2.210  -1.142  1.00 36.59 ? 131 LEU A CD2 1 
ATOM   905  N N   . ASP A 1 130 ? 7.754   -6.774  -1.316  1.00 29.38 ? 132 ASP A N   1 
ATOM   906  C CA  . ASP A 1 130 ? 6.942   -7.739  -2.057  1.00 28.81 ? 132 ASP A CA  1 
ATOM   907  C C   . ASP A 1 130 ? 5.452   -7.471  -1.847  1.00 27.03 ? 132 ASP A C   1 
ATOM   908  O O   . ASP A 1 130 ? 4.612   -7.958  -2.608  1.00 25.50 ? 132 ASP A O   1 
ATOM   909  C CB  . ASP A 1 130 ? 7.219   -9.160  -1.563  1.00 33.06 ? 132 ASP A CB  1 
ATOM   910  C CG  . ASP A 1 130 ? 8.586   -9.673  -1.959  1.00 35.83 ? 132 ASP A CG  1 
ATOM   911  O OD1 . ASP A 1 130 ? 9.027   -10.665 -1.347  1.00 37.61 ? 132 ASP A OD1 1 
ATOM   912  O OD2 . ASP A 1 130 ? 9.207   -9.101  -2.877  1.00 39.16 ? 132 ASP A OD2 1 
ATOM   913  N N   . GLN A 1 131 ? 5.124   -6.699  -0.818  1.00 25.23 ? 133 GLN A N   1 
ATOM   914  C CA  . GLN A 1 131 ? 3.721   -6.456  -0.493  1.00 23.92 ? 133 GLN A CA  1 
ATOM   915  C C   . GLN A 1 131 ? 3.261   -5.010  -0.553  1.00 22.58 ? 133 GLN A C   1 
ATOM   916  O O   . GLN A 1 131 ? 2.057   -4.752  -0.562  1.00 23.06 ? 133 GLN A O   1 
ATOM   917  C CB  . GLN A 1 131 ? 3.431   -7.042  0.896   1.00 23.41 ? 133 GLN A CB  1 
ATOM   918  C CG  . GLN A 1 131 ? 3.745   -8.534  0.995   1.00 21.63 ? 133 GLN A CG  1 
ATOM   919  C CD  . GLN A 1 131 ? 3.926   -9.005  2.427   1.00 21.00 ? 133 GLN A CD  1 
ATOM   920  O OE1 . GLN A 1 131 ? 4.997   -9.493  2.801   1.00 25.87 ? 133 GLN A OE1 1 
ATOM   921  N NE2 . GLN A 1 131 ? 2.885   -8.857  3.236   1.00 13.61 ? 133 GLN A NE2 1 
ATOM   922  N N   . ILE A 1 132 ? 4.202   -4.071  -0.579  1.00 22.79 ? 134 ILE A N   1 
ATOM   923  C CA  . ILE A 1 132 ? 3.857   -2.655  -0.658  1.00 24.25 ? 134 ILE A CA  1 
ATOM   924  C C   . ILE A 1 132 ? 5.022   -1.832  -1.207  1.00 26.19 ? 134 ILE A C   1 
ATOM   925  O O   . ILE A 1 132 ? 6.183   -2.089  -0.881  1.00 23.30 ? 134 ILE A O   1 
ATOM   926  C CB  . ILE A 1 132 ? 3.430   -2.087  0.723   1.00 24.68 ? 134 ILE A CB  1 
ATOM   927  C CG1 . ILE A 1 132 ? 2.862   -0.677  0.548   1.00 24.61 ? 134 ILE A CG1 1 
ATOM   928  C CG2 . ILE A 1 132 ? 4.616   -2.055  1.674   1.00 24.11 ? 134 ILE A CG2 1 
ATOM   929  C CD1 . ILE A 1 132 ? 2.247   -0.095  1.819   1.00 25.26 ? 134 ILE A CD1 1 
ATOM   930  N N   . ARG A 1 133 ? 4.711   -0.851  -2.052  1.00 26.23 ? 135 ARG A N   1 
ATOM   931  C CA  . ARG A 1 133 ? 5.752   -0.014  -2.641  1.00 27.91 ? 135 ARG A CA  1 
ATOM   932  C C   . ARG A 1 133 ? 5.552   1.476   -2.409  1.00 27.01 ? 135 ARG A C   1 
ATOM   933  O O   . ARG A 1 133 ? 6.509   2.242   -2.449  1.00 28.53 ? 135 ARG A O   1 
ATOM   934  C CB  . ARG A 1 133 ? 5.867   -0.309  -4.140  1.00 29.92 ? 135 ARG A CB  1 
ATOM   935  C CG  . ARG A 1 133 ? 6.519   -1.651  -4.445  1.00 33.97 ? 135 ARG A CG  1 
ATOM   936  C CD  . ARG A 1 133 ? 7.971   -1.686  -3.982  1.00 38.06 ? 135 ARG A CD  1 
ATOM   937  N NE  . ARG A 1 133 ? 8.804   -0.741  -4.723  1.00 41.55 ? 135 ARG A NE  1 
ATOM   938  C CZ  . ARG A 1 133 ? 9.257   -0.941  -5.958  1.00 43.77 ? 135 ARG A CZ  1 
ATOM   939  N NH1 . ARG A 1 133 ? 8.967   -2.064  -6.604  1.00 43.57 ? 135 ARG A NH1 1 
ATOM   940  N NH2 . ARG A 1 133 ? 9.985   -0.004  -6.557  1.00 43.08 ? 135 ARG A NH2 1 
ATOM   941  N N   . ILE A 1 134 ? 4.315   1.892   -2.166  1.00 25.47 ? 136 ILE A N   1 
ATOM   942  C CA  . ILE A 1 134 ? 4.034   3.298   -1.906  1.00 24.68 ? 136 ILE A CA  1 
ATOM   943  C C   . ILE A 1 134 ? 3.619   3.435   -0.447  1.00 25.73 ? 136 ILE A C   1 
ATOM   944  O O   . ILE A 1 134 ? 2.739   2.714   0.031   1.00 24.43 ? 136 ILE A O   1 
ATOM   945  C CB  . ILE A 1 134 ? 2.884   3.853   -2.796  1.00 23.76 ? 136 ILE A CB  1 
ATOM   946  C CG1 . ILE A 1 134 ? 3.324   3.935   -4.267  1.00 24.11 ? 136 ILE A CG1 1 
ATOM   947  C CG2 . ILE A 1 134 ? 2.470   5.242   -2.301  1.00 24.32 ? 136 ILE A CG2 1 
ATOM   948  C CD1 . ILE A 1 134 ? 4.495   4.878   -4.534  1.00 25.80 ? 136 ILE A CD1 1 
ATOM   949  N N   . VAL A 1 135 ? 4.267   4.350   0.260   1.00 24.20 ? 137 VAL A N   1 
ATOM   950  C CA  . VAL A 1 135 ? 3.955   4.591   1.657   1.00 26.47 ? 137 VAL A CA  1 
ATOM   951  C C   . VAL A 1 135 ? 3.665   6.072   1.875   1.00 26.25 ? 137 VAL A C   1 
ATOM   952  O O   . VAL A 1 135 ? 4.052   6.921   1.073   1.00 26.14 ? 137 VAL A O   1 
ATOM   953  C CB  . VAL A 1 135 ? 5.129   4.169   2.573   1.00 26.77 ? 137 VAL A CB  1 
ATOM   954  C CG1 . VAL A 1 135 ? 5.272   2.653   2.573   1.00 26.85 ? 137 VAL A CG1 1 
ATOM   955  C CG2 . VAL A 1 135 ? 6.433   4.809   2.077   1.00 28.53 ? 137 VAL A CG2 1 
ATOM   956  N N   . PHE A 1 136 ? 2.962   6.369   2.954   1.00 26.52 ? 138 PHE A N   1 
ATOM   957  C CA  . PHE A 1 136 ? 2.643   7.745   3.311   1.00 28.00 ? 138 PHE A CA  1 
ATOM   958  C C   . PHE A 1 136 ? 2.541   7.785   4.823   1.00 27.66 ? 138 PHE A C   1 
ATOM   959  O O   . PHE A 1 136 ? 2.183   6.788   5.446   1.00 26.68 ? 138 PHE A O   1 
ATOM   960  C CB  . PHE A 1 136 ? 1.335   8.196   2.649   1.00 27.36 ? 138 PHE A CB  1 
ATOM   961  C CG  . PHE A 1 136 ? 0.139   7.349   2.995   1.00 29.38 ? 138 PHE A CG  1 
ATOM   962  C CD1 . PHE A 1 136 ? -0.636  7.632   4.118   1.00 28.28 ? 138 PHE A CD1 1 
ATOM   963  C CD2 . PHE A 1 136 ? -0.239  6.286   2.173   1.00 29.28 ? 138 PHE A CD2 1 
ATOM   964  C CE1 . PHE A 1 136 ? -1.776  6.869   4.416   1.00 29.37 ? 138 PHE A CE1 1 
ATOM   965  C CE2 . PHE A 1 136 ? -1.378  5.519   2.467   1.00 28.76 ? 138 PHE A CE2 1 
ATOM   966  C CZ  . PHE A 1 136 ? -2.143  5.814   3.586   1.00 27.69 ? 138 PHE A CZ  1 
ATOM   967  N N   . PRO A 1 137 ? 2.865   8.935   5.440   1.00 29.77 ? 139 PRO A N   1 
ATOM   968  C CA  . PRO A 1 137 ? 2.804   9.070   6.901   1.00 28.05 ? 139 PRO A CA  1 
ATOM   969  C C   . PRO A 1 137 ? 1.477   8.647   7.525   1.00 27.45 ? 139 PRO A C   1 
ATOM   970  O O   . PRO A 1 137 ? 0.409   9.030   7.057   1.00 27.41 ? 139 PRO A O   1 
ATOM   971  C CB  . PRO A 1 137 ? 3.097   10.556  7.125   1.00 30.93 ? 139 PRO A CB  1 
ATOM   972  C CG  . PRO A 1 137 ? 3.992   10.905  5.971   1.00 30.10 ? 139 PRO A CG  1 
ATOM   973  C CD  . PRO A 1 137 ? 3.300   10.196  4.815   1.00 30.02 ? 139 PRO A CD  1 
ATOM   974  N N   . LYS A 1 138 ? 1.565   7.855   8.590   1.00 25.39 ? 140 LYS A N   1 
ATOM   975  C CA  . LYS A 1 138 ? 0.404   7.357   9.319   1.00 26.09 ? 140 LYS A CA  1 
ATOM   976  C C   . LYS A 1 138 ? -0.291  6.177   8.646   1.00 24.44 ? 140 LYS A C   1 
ATOM   977  O O   . LYS A 1 138 ? -1.328  5.723   9.110   1.00 23.27 ? 140 LYS A O   1 
ATOM   978  C CB  . LYS A 1 138 ? -0.602  8.489   9.586   1.00 28.58 ? 140 LYS A CB  1 
ATOM   979  C CG  . LYS A 1 138 ? -0.023  9.603   10.473  1.00 32.96 ? 140 LYS A CG  1 
ATOM   980  C CD  . LYS A 1 138 ? -1.052  10.665  10.813  1.00 37.56 ? 140 LYS A CD  1 
ATOM   981  C CE  . LYS A 1 138 ? -0.407  11.847  11.537  1.00 38.76 ? 140 LYS A CE  1 
ATOM   982  N NZ  . LYS A 1 138 ? 0.335   11.431  12.763  1.00 41.59 ? 140 LYS A NZ  1 
ATOM   983  N N   . ALA A 1 139 ? 0.277   5.674   7.557   1.00 24.06 ? 141 ALA A N   1 
ATOM   984  C CA  . ALA A 1 139 ? -0.315  4.518   6.896   1.00 24.35 ? 141 ALA A CA  1 
ATOM   985  C C   . ALA A 1 139 ? -0.143  3.335   7.848   1.00 24.51 ? 141 ALA A C   1 
ATOM   986  O O   . ALA A 1 139 ? 0.900   3.193   8.490   1.00 23.90 ? 141 ALA A O   1 
ATOM   987  C CB  . ALA A 1 139 ? 0.391   4.240   5.581   1.00 23.69 ? 141 ALA A CB  1 
ATOM   988  N N   . VAL A 1 140 ? -1.180  2.513   7.961   1.00 24.29 ? 142 VAL A N   1 
ATOM   989  C CA  . VAL A 1 140 ? -1.153  1.337   8.826   1.00 24.25 ? 142 VAL A CA  1 
ATOM   990  C C   . VAL A 1 140 ? -1.470  0.134   7.951   1.00 24.25 ? 142 VAL A C   1 
ATOM   991  O O   . VAL A 1 140 ? -2.562  0.033   7.397   1.00 22.79 ? 142 VAL A O   1 
ATOM   992  C CB  . VAL A 1 140 ? -2.203  1.445   9.953   1.00 24.02 ? 142 VAL A CB  1 
ATOM   993  C CG1 . VAL A 1 140 ? -2.225  0.163   10.766  1.00 21.63 ? 142 VAL A CG1 1 
ATOM   994  C CG2 . VAL A 1 140 ? -1.871  2.639   10.859  1.00 25.07 ? 142 VAL A CG2 1 
ATOM   995  N N   . VAL A 1 141 ? -0.513  -0.775  7.817   1.00 23.01 ? 143 VAL A N   1 
ATOM   996  C CA  . VAL A 1 141 ? -0.719  -1.933  6.963   1.00 22.42 ? 143 VAL A CA  1 
ATOM   997  C C   . VAL A 1 141 ? -0.165  -3.231  7.531   1.00 23.42 ? 143 VAL A C   1 
ATOM   998  O O   . VAL A 1 141 ? 0.788   -3.228  8.315   1.00 21.49 ? 143 VAL A O   1 
ATOM   999  C CB  . VAL A 1 141 ? -0.048  -1.727  5.582   1.00 21.95 ? 143 VAL A CB  1 
ATOM   1000 C CG1 . VAL A 1 141 ? -0.622  -0.491  4.879   1.00 17.10 ? 143 VAL A CG1 1 
ATOM   1001 C CG2 . VAL A 1 141 ? 1.461   -1.589  5.763   1.00 19.89 ? 143 VAL A CG2 1 
ATOM   1002 N N   . PRO A 1 142 ? -0.760  -4.363  7.125   1.00 22.01 ? 144 PRO A N   1 
ATOM   1003 C CA  . PRO A 1 142 ? -0.325  -5.679  7.578   1.00 23.11 ? 144 PRO A CA  1 
ATOM   1004 C C   . PRO A 1 142 ? 0.719   -6.198  6.597   1.00 21.81 ? 144 PRO A C   1 
ATOM   1005 O O   . PRO A 1 142 ? 0.553   -6.086  5.383   1.00 25.33 ? 144 PRO A O   1 
ATOM   1006 C CB  . PRO A 1 142 ? -1.613  -6.495  7.539   1.00 22.40 ? 144 PRO A CB  1 
ATOM   1007 C CG  . PRO A 1 142 ? -2.281  -5.969  6.308   1.00 23.52 ? 144 PRO A CG  1 
ATOM   1008 C CD  . PRO A 1 142 ? -2.047  -4.458  6.405   1.00 25.96 ? 144 PRO A CD  1 
ATOM   1009 N N   . ILE A 1 143 ? 1.800   -6.747  7.124   1.00 22.05 ? 145 ILE A N   1 
ATOM   1010 C CA  . ILE A 1 143 ? 2.863   -7.294  6.296   1.00 21.28 ? 145 ILE A CA  1 
ATOM   1011 C C   . ILE A 1 143 ? 3.154   -8.718  6.736   1.00 22.61 ? 145 ILE A C   1 
ATOM   1012 O O   . ILE A 1 143 ? 3.459   -8.957  7.907   1.00 22.56 ? 145 ILE A O   1 
ATOM   1013 C CB  . ILE A 1 143 ? 4.157   -6.465  6.445   1.00 22.32 ? 145 ILE A CB  1 
ATOM   1014 C CG1 . ILE A 1 143 ? 3.921   -5.031  5.956   1.00 23.63 ? 145 ILE A CG1 1 
ATOM   1015 C CG2 . ILE A 1 143 ? 5.294   -7.128  5.684   1.00 22.31 ? 145 ILE A CG2 1 
ATOM   1016 C CD1 . ILE A 1 143 ? 3.493   -4.933  4.494   1.00 21.19 ? 145 ILE A CD1 1 
ATOM   1017 N N   . TRP A 1 144 ? 3.039   -9.670  5.816   1.00 22.93 ? 146 TRP A N   1 
ATOM   1018 C CA  . TRP A 1 144 ? 3.345   -11.056 6.143   1.00 22.86 ? 146 TRP A CA  1 
ATOM   1019 C C   . TRP A 1 144 ? 4.864   -11.192 6.246   1.00 24.65 ? 146 TRP A C   1 
ATOM   1020 O O   . TRP A 1 144 ? 5.587   -10.782 5.337   1.00 21.22 ? 146 TRP A O   1 
ATOM   1021 C CB  . TRP A 1 144 ? 2.815   -12.005 5.061   1.00 22.83 ? 146 TRP A CB  1 
ATOM   1022 C CG  . TRP A 1 144 ? 1.317   -12.062 4.992   1.00 23.81 ? 146 TRP A CG  1 
ATOM   1023 C CD1 . TRP A 1 144 ? 0.493   -11.217 4.303   1.00 24.14 ? 146 TRP A CD1 1 
ATOM   1024 C CD2 . TRP A 1 144 ? 0.459   -12.978 5.691   1.00 24.19 ? 146 TRP A CD2 1 
ATOM   1025 N NE1 . TRP A 1 144 ? -0.823  -11.551 4.530   1.00 25.70 ? 146 TRP A NE1 1 
ATOM   1026 C CE2 . TRP A 1 144 ? -0.872  -12.626 5.379   1.00 25.05 ? 146 TRP A CE2 1 
ATOM   1027 C CE3 . TRP A 1 144 ? 0.691   -14.063 6.552   1.00 24.78 ? 146 TRP A CE3 1 
ATOM   1028 C CZ2 . TRP A 1 144 ? -1.977  -13.321 5.900   1.00 25.40 ? 146 TRP A CZ2 1 
ATOM   1029 C CZ3 . TRP A 1 144 ? -0.411  -14.759 7.073   1.00 26.11 ? 146 TRP A CZ3 1 
ATOM   1030 C CH2 . TRP A 1 144 ? -1.728  -14.380 6.741   1.00 23.27 ? 146 TRP A CH2 1 
ATOM   1031 N N   . VAL A 1 145 ? 5.345   -11.754 7.354   1.00 24.68 ? 147 VAL A N   1 
ATOM   1032 C CA  . VAL A 1 145 ? 6.780   -11.933 7.555   1.00 27.67 ? 147 VAL A CA  1 
ATOM   1033 C C   . VAL A 1 145 ? 7.199   -13.344 7.170   1.00 29.01 ? 147 VAL A C   1 
ATOM   1034 O O   . VAL A 1 145 ? 8.382   -13.635 7.006   1.00 30.52 ? 147 VAL A O   1 
ATOM   1035 C CB  . VAL A 1 145 ? 7.181   -11.624 9.011   1.00 30.05 ? 147 VAL A CB  1 
ATOM   1036 C CG1 . VAL A 1 145 ? 6.969   -10.143 9.285   1.00 28.91 ? 147 VAL A CG1 1 
ATOM   1037 C CG2 . VAL A 1 145 ? 6.356   -12.464 9.979   1.00 32.26 ? 147 VAL A CG2 1 
ATOM   1038 N N   . ASP A 1 146 ? 6.205   -14.217 7.036   1.00 28.88 ? 148 ASP A N   1 
ATOM   1039 C CA  . ASP A 1 146 ? 6.406   -15.592 6.605   1.00 29.69 ? 148 ASP A CA  1 
ATOM   1040 C C   . ASP A 1 146 ? 5.034   -16.173 6.304   1.00 30.27 ? 148 ASP A C   1 
ATOM   1041 O O   . ASP A 1 146 ? 4.019   -15.490 6.462   1.00 30.52 ? 148 ASP A O   1 
ATOM   1042 C CB  . ASP A 1 146 ? 7.153   -16.433 7.657   1.00 30.46 ? 148 ASP A CB  1 
ATOM   1043 C CG  . ASP A 1 146 ? 6.412   -16.535 8.976   1.00 31.16 ? 148 ASP A CG  1 
ATOM   1044 O OD1 . ASP A 1 146 ? 5.198   -16.837 8.968   1.00 29.12 ? 148 ASP A OD1 1 
ATOM   1045 O OD2 . ASP A 1 146 ? 7.056   -16.324 10.024  1.00 32.48 ? 148 ASP A OD2 1 
ATOM   1046 N N   . GLN A 1 147 ? 5.001   -17.425 5.865   1.00 30.88 ? 149 GLN A N   1 
ATOM   1047 C CA  . GLN A 1 147 ? 3.754   -18.090 5.504   1.00 31.74 ? 149 GLN A CA  1 
ATOM   1048 C C   . GLN A 1 147 ? 2.652   -18.045 6.562   1.00 31.22 ? 149 GLN A C   1 
ATOM   1049 O O   . GLN A 1 147 ? 1.475   -17.934 6.225   1.00 28.78 ? 149 GLN A O   1 
ATOM   1050 C CB  . GLN A 1 147 ? 4.032   -19.559 5.145   1.00 36.49 ? 149 GLN A CB  1 
ATOM   1051 C CG  . GLN A 1 147 ? 5.166   -19.765 4.152   1.00 41.24 ? 149 GLN A CG  1 
ATOM   1052 C CD  . GLN A 1 147 ? 5.434   -21.233 3.856   1.00 45.13 ? 149 GLN A CD  1 
ATOM   1053 O OE1 . GLN A 1 147 ? 5.679   -22.034 4.765   1.00 46.98 ? 149 GLN A OE1 1 
ATOM   1054 N NE2 . GLN A 1 147 ? 5.398   -21.594 2.576   1.00 46.22 ? 149 GLN A NE2 1 
ATOM   1055 N N   . GLN A 1 148 ? 3.029   -18.121 7.832   1.00 28.42 ? 150 GLN A N   1 
ATOM   1056 C CA  . GLN A 1 148 ? 2.044   -18.147 8.916   1.00 30.29 ? 150 GLN A CA  1 
ATOM   1057 C C   . GLN A 1 148 ? 1.777   -16.830 9.630   1.00 28.99 ? 150 GLN A C   1 
ATOM   1058 O O   . GLN A 1 148 ? 0.739   -16.674 10.273  1.00 27.35 ? 150 GLN A O   1 
ATOM   1059 C CB  . GLN A 1 148 ? 2.491   -19.111 10.015  1.00 29.71 ? 150 GLN A CB  1 
ATOM   1060 C CG  . GLN A 1 148 ? 2.838   -20.514 9.618   1.00 32.76 ? 150 GLN A CG  1 
ATOM   1061 C CD  . GLN A 1 148 ? 3.656   -21.174 10.711  1.00 35.64 ? 150 GLN A CD  1 
ATOM   1062 O OE1 . GLN A 1 148 ? 4.833   -20.864 10.884  1.00 38.68 ? 150 GLN A OE1 1 
ATOM   1063 N NE2 . GLN A 1 148 ? 3.029   -22.058 11.474  1.00 34.21 ? 150 GLN A NE2 1 
ATOM   1064 N N   . THR A 1 149 ? 2.707   -15.891 9.526   1.00 29.54 ? 151 THR A N   1 
ATOM   1065 C CA  . THR A 1 149 ? 2.583   -14.661 10.289  1.00 28.63 ? 151 THR A CA  1 
ATOM   1066 C C   . THR A 1 149 ? 2.672   -13.316 9.596   1.00 27.06 ? 151 THR A C   1 
ATOM   1067 O O   . THR A 1 149 ? 3.475   -13.112 8.689   1.00 25.88 ? 151 THR A O   1 
ATOM   1068 C CB  . THR A 1 149 ? 3.648   -14.659 11.395  1.00 30.28 ? 151 THR A CB  1 
ATOM   1069 O OG1 . THR A 1 149 ? 3.904   -16.011 11.804  1.00 32.67 ? 151 THR A OG1 1 
ATOM   1070 C CG2 . THR A 1 149 ? 3.182   -13.855 12.579  1.00 32.34 ? 151 THR A CG2 1 
ATOM   1071 N N   . TYR A 1 150 ? 1.856   -12.385 10.075  1.00 26.55 ? 152 TYR A N   1 
ATOM   1072 C CA  . TYR A 1 150 ? 1.857   -11.028 9.559   1.00 27.41 ? 152 TYR A CA  1 
ATOM   1073 C C   . TYR A 1 150 ? 1.854   -10.101 10.764  1.00 28.21 ? 152 TYR A C   1 
ATOM   1074 O O   . TYR A 1 150 ? 1.468   -10.502 11.865  1.00 29.27 ? 152 TYR A O   1 
ATOM   1075 C CB  . TYR A 1 150 ? 0.620   -10.769 8.690   1.00 26.25 ? 152 TYR A CB  1 
ATOM   1076 C CG  . TYR A 1 150 ? -0.699  -10.842 9.424   1.00 23.92 ? 152 TYR A CG  1 
ATOM   1077 C CD1 . TYR A 1 150 ? -1.175  -9.760  10.155  1.00 26.95 ? 152 TYR A CD1 1 
ATOM   1078 C CD2 . TYR A 1 150 ? -1.467  -12.003 9.395   1.00 26.31 ? 152 TYR A CD2 1 
ATOM   1079 C CE1 . TYR A 1 150 ? -2.387  -9.829  10.842  1.00 25.76 ? 152 TYR A CE1 1 
ATOM   1080 C CE2 . TYR A 1 150 ? -2.680  -12.087 10.082  1.00 23.66 ? 152 TYR A CE2 1 
ATOM   1081 C CZ  . TYR A 1 150 ? -3.136  -10.995 10.801  1.00 27.17 ? 152 TYR A CZ  1 
ATOM   1082 O OH  . TYR A 1 150 ? -4.344  -11.061 11.465  1.00 25.57 ? 152 TYR A OH  1 
ATOM   1083 N N   . ILE A 1 151 ? 2.311   -8.873  10.565  1.00 26.62 ? 153 ILE A N   1 
ATOM   1084 C CA  . ILE A 1 151 ? 2.311   -7.894  11.637  1.00 25.73 ? 153 ILE A CA  1 
ATOM   1085 C C   . ILE A 1 151 ? 1.826   -6.581  11.064  1.00 23.23 ? 153 ILE A C   1 
ATOM   1086 O O   . ILE A 1 151 ? 2.055   -6.285  9.886   1.00 22.35 ? 153 ILE A O   1 
ATOM   1087 C CB  . ILE A 1 151 ? 3.720   -7.662  12.237  1.00 30.03 ? 153 ILE A CB  1 
ATOM   1088 C CG1 . ILE A 1 151 ? 4.672   -7.170  11.144  1.00 30.69 ? 153 ILE A CG1 1 
ATOM   1089 C CG2 . ILE A 1 151 ? 4.231   -8.944  12.891  1.00 30.25 ? 153 ILE A CG2 1 
ATOM   1090 C CD1 . ILE A 1 151 ? 5.999   -6.669  11.672  1.00 35.32 ? 153 ILE A CD1 1 
ATOM   1091 N N   . PHE A 1 152 ? 1.127   -5.810  11.883  1.00 21.56 ? 154 PHE A N   1 
ATOM   1092 C CA  . PHE A 1 152 ? 0.655   -4.509  11.455  1.00 22.76 ? 154 PHE A CA  1 
ATOM   1093 C C   . PHE A 1 152 ? 1.731   -3.508  11.832  1.00 24.23 ? 154 PHE A C   1 
ATOM   1094 O O   . PHE A 1 152 ? 2.247   -3.541  12.956  1.00 22.52 ? 154 PHE A O   1 
ATOM   1095 C CB  . PHE A 1 152 ? -0.639  -4.126  12.163  1.00 22.76 ? 154 PHE A CB  1 
ATOM   1096 C CG  . PHE A 1 152 ? -1.880  -4.591  11.454  1.00 24.26 ? 154 PHE A CG  1 
ATOM   1097 C CD1 . PHE A 1 152 ? -2.541  -5.747  11.860  1.00 25.31 ? 154 PHE A CD1 1 
ATOM   1098 C CD2 . PHE A 1 152 ? -2.384  -3.870  10.374  1.00 23.72 ? 154 PHE A CD2 1 
ATOM   1099 C CE1 . PHE A 1 152 ? -3.696  -6.178  11.196  1.00 25.92 ? 154 PHE A CE1 1 
ATOM   1100 C CE2 . PHE A 1 152 ? -3.536  -4.292  9.701   1.00 26.46 ? 154 PHE A CE2 1 
ATOM   1101 C CZ  . PHE A 1 152 ? -4.189  -5.445  10.115  1.00 23.32 ? 154 PHE A CZ  1 
ATOM   1102 N N   . ILE A 1 153 ? 2.079   -2.636  10.892  1.00 23.18 ? 155 ILE A N   1 
ATOM   1103 C CA  . ILE A 1 153 ? 3.076   -1.611  11.153  1.00 25.46 ? 155 ILE A CA  1 
ATOM   1104 C C   . ILE A 1 153 ? 2.506   -0.272  10.742  1.00 25.03 ? 155 ILE A C   1 
ATOM   1105 O O   . ILE A 1 153 ? 1.610   -0.194  9.900   1.00 25.05 ? 155 ILE A O   1 
ATOM   1106 C CB  . ILE A 1 153 ? 4.377   -1.832  10.351  1.00 25.84 ? 155 ILE A CB  1 
ATOM   1107 C CG1 . ILE A 1 153 ? 4.067   -1.841  8.849   1.00 26.04 ? 155 ILE A CG1 1 
ATOM   1108 C CG2 . ILE A 1 153 ? 5.052   -3.114  10.802  1.00 27.05 ? 155 ILE A CG2 1 
ATOM   1109 C CD1 . ILE A 1 153 ? 5.298   -1.892  7.972   1.00 27.35 ? 155 ILE A CD1 1 
ATOM   1110 N N   . GLN A 1 154 ? 3.016   0.784   11.353  1.00 23.79 ? 156 GLN A N   1 
ATOM   1111 C CA  . GLN A 1 154 ? 2.576   2.116   11.005  1.00 24.85 ? 156 GLN A CA  1 
ATOM   1112 C C   . GLN A 1 154 ? 3.786   2.851   10.446  1.00 24.19 ? 156 GLN A C   1 
ATOM   1113 O O   . GLN A 1 154 ? 4.863   2.812   11.036  1.00 23.12 ? 156 GLN A O   1 
ATOM   1114 C CB  . GLN A 1 154 ? 2.025   2.851   12.232  1.00 26.81 ? 156 GLN A CB  1 
ATOM   1115 C CG  . GLN A 1 154 ? 1.805   4.339   11.988  1.00 31.42 ? 156 GLN A CG  1 
ATOM   1116 C CD  . GLN A 1 154 ? 1.198   5.062   13.182  1.00 34.68 ? 156 GLN A CD  1 
ATOM   1117 O OE1 . GLN A 1 154 ? 1.380   4.658   14.332  1.00 36.05 ? 156 GLN A OE1 1 
ATOM   1118 N NE2 . GLN A 1 154 ? 0.491   6.152   12.912  1.00 35.10 ? 156 GLN A NE2 1 
ATOM   1119 N N   . ILE A 1 155 ? 3.611   3.491   9.293   1.00 24.03 ? 157 ILE A N   1 
ATOM   1120 C CA  . ILE A 1 155 ? 4.682   4.254   8.665   1.00 24.93 ? 157 ILE A CA  1 
ATOM   1121 C C   . ILE A 1 155 ? 4.745   5.568   9.443   1.00 27.02 ? 157 ILE A C   1 
ATOM   1122 O O   . ILE A 1 155 ? 3.759   6.302   9.513   1.00 27.54 ? 157 ILE A O   1 
ATOM   1123 C CB  . ILE A 1 155 ? 4.353   4.565   7.187   1.00 26.17 ? 157 ILE A CB  1 
ATOM   1124 C CG1 . ILE A 1 155 ? 3.919   3.284   6.465   1.00 24.83 ? 157 ILE A CG1 1 
ATOM   1125 C CG2 . ILE A 1 155 ? 5.567   5.172   6.492   1.00 24.88 ? 157 ILE A CG2 1 
ATOM   1126 C CD1 . ILE A 1 155 ? 4.917   2.146   6.537   1.00 24.25 ? 157 ILE A CD1 1 
ATOM   1127 N N   . VAL A 1 156 ? 5.888   5.864   10.048  1.00 25.84 ? 158 VAL A N   1 
ATOM   1128 C CA  . VAL A 1 156 ? 5.999   7.096   10.821  1.00 26.49 ? 158 VAL A CA  1 
ATOM   1129 C C   . VAL A 1 156 ? 6.581   8.243   10.017  1.00 27.27 ? 158 VAL A C   1 
ATOM   1130 O O   . VAL A 1 156 ? 5.998   9.330   9.960   1.00 27.87 ? 158 VAL A O   1 
ATOM   1131 C CB  . VAL A 1 156 ? 6.876   6.909   12.075  1.00 24.80 ? 158 VAL A CB  1 
ATOM   1132 C CG1 . VAL A 1 156 ? 6.876   8.187   12.907  1.00 25.49 ? 158 VAL A CG1 1 
ATOM   1133 C CG2 . VAL A 1 156 ? 6.364   5.746   12.894  1.00 25.42 ? 158 VAL A CG2 1 
ATOM   1134 N N   . THR A 1 157 ? 7.718   7.996   9.374   1.00 27.83 ? 159 THR A N   1 
ATOM   1135 C CA  . THR A 1 157 ? 8.384   9.050   8.619   1.00 30.83 ? 159 THR A CA  1 
ATOM   1136 C C   . THR A 1 157 ? 9.011   8.615   7.306   1.00 31.74 ? 159 THR A C   1 
ATOM   1137 O O   . THR A 1 157 ? 9.485   7.484   7.171   1.00 32.30 ? 159 THR A O   1 
ATOM   1138 C CB  . THR A 1 157 ? 9.507   9.679   9.465   1.00 31.99 ? 159 THR A CB  1 
ATOM   1139 O OG1 . THR A 1 157 ? 9.019   9.939   10.784  1.00 34.17 ? 159 THR A OG1 1 
ATOM   1140 C CG2 . THR A 1 157 ? 9.987   10.981  8.832   1.00 34.30 ? 159 THR A CG2 1 
ATOM   1141 N N   . LEU A 1 158 ? 9.032   9.538   6.350   1.00 33.24 ? 160 LEU A N   1 
ATOM   1142 C CA  . LEU A 1 158 ? 9.635   9.286   5.047   1.00 35.50 ? 160 LEU A CA  1 
ATOM   1143 C C   . LEU A 1 158 ? 10.769  10.283  4.828   1.00 36.59 ? 160 LEU A C   1 
ATOM   1144 O O   . LEU A 1 158 ? 10.675  11.440  5.236   1.00 33.80 ? 160 LEU A O   1 
ATOM   1145 C CB  . LEU A 1 158 ? 8.614   9.475   3.925   1.00 36.33 ? 160 LEU A CB  1 
ATOM   1146 C CG  . LEU A 1 158 ? 7.268   8.755   4.015   1.00 38.14 ? 160 LEU A CG  1 
ATOM   1147 C CD1 . LEU A 1 158 ? 6.469   9.053   2.750   1.00 36.15 ? 160 LEU A CD1 1 
ATOM   1148 C CD2 . LEU A 1 158 ? 7.485   7.257   4.188   1.00 37.77 ? 160 LEU A CD2 1 
ATOM   1149 N N   . MET A 1 159 ? 11.836  9.831   4.182   1.00 37.04 ? 161 MET A N   1 
ATOM   1150 C CA  . MET A 1 159 ? 12.961  10.700  3.876   1.00 39.71 ? 161 MET A CA  1 
ATOM   1151 C C   . MET A 1 159 ? 13.329  10.467  2.413   1.00 38.18 ? 161 MET A C   1 
ATOM   1152 O O   . MET A 1 159 ? 13.636  9.344   2.016   1.00 37.71 ? 161 MET A O   1 
ATOM   1153 C CB  . MET A 1 159 ? 14.143  10.376  4.793   1.00 41.96 ? 161 MET A CB  1 
ATOM   1154 C CG  . MET A 1 159 ? 15.229  11.434  4.800   1.00 47.38 ? 161 MET A CG  1 
ATOM   1155 S SD  . MET A 1 159 ? 16.284  11.298  6.255   1.00 50.95 ? 161 MET A SD  1 
ATOM   1156 C CE  . MET A 1 159 ? 17.576  10.195  5.636   1.00 48.35 ? 161 MET A CE  1 
ATOM   1157 N N   . PRO A 1 160 ? 13.307  11.524  1.587   1.00 38.81 ? 162 PRO A N   1 
ATOM   1158 C CA  . PRO A 1 160 ? 12.976  12.927  1.874   1.00 39.54 ? 162 PRO A CA  1 
ATOM   1159 C C   . PRO A 1 160 ? 11.533  13.156  2.313   1.00 39.58 ? 162 PRO A C   1 
ATOM   1160 O O   . PRO A 1 160 ? 10.664  12.310  2.094   1.00 38.68 ? 162 PRO A O   1 
ATOM   1161 C CB  . PRO A 1 160 ? 13.285  13.623  0.552   1.00 39.60 ? 162 PRO A CB  1 
ATOM   1162 C CG  . PRO A 1 160 ? 12.895  12.581  -0.450  1.00 39.94 ? 162 PRO A CG  1 
ATOM   1163 C CD  . PRO A 1 160 ? 13.516  11.329  0.142   1.00 38.41 ? 162 PRO A CD  1 
ATOM   1164 N N   . ALA A 1 161 ? 11.284  14.307  2.929   1.00 39.78 ? 163 ALA A N   1 
ATOM   1165 C CA  . ALA A 1 161 ? 9.943   14.652  3.392   1.00 40.50 ? 163 ALA A CA  1 
ATOM   1166 C C   . ALA A 1 161 ? 9.011   14.752  2.190   1.00 40.65 ? 163 ALA A C   1 
ATOM   1167 O O   . ALA A 1 161 ? 9.324   15.423  1.204   1.00 41.49 ? 163 ALA A O   1 
ATOM   1168 C CB  . ALA A 1 161 ? 9.971   15.979  4.149   1.00 40.65 ? 163 ALA A CB  1 
ATOM   1169 N N   . ALA A 1 162 ? 7.867   14.078  2.272   1.00 39.87 ? 164 ALA A N   1 
ATOM   1170 C CA  . ALA A 1 162 ? 6.894   14.080  1.184   1.00 37.40 ? 164 ALA A CA  1 
ATOM   1171 C C   . ALA A 1 162 ? 5.569   13.512  1.669   1.00 36.97 ? 164 ALA A C   1 
ATOM   1172 O O   . ALA A 1 162 ? 5.533   12.716  2.602   1.00 36.88 ? 164 ALA A O   1 
ATOM   1173 C CB  . ALA A 1 162 ? 7.418   13.250  0.025   1.00 36.90 ? 164 ALA A CB  1 
ATOM   1174 N N   . PRO A 1 163 ? 4.459   13.913  1.035   1.00 37.17 ? 165 PRO A N   1 
ATOM   1175 C CA  . PRO A 1 163 ? 3.144   13.412  1.440   1.00 36.75 ? 165 PRO A CA  1 
ATOM   1176 C C   . PRO A 1 163 ? 3.022   11.905  1.213   1.00 35.31 ? 165 PRO A C   1 
ATOM   1177 O O   . PRO A 1 163 ? 2.213   11.235  1.851   1.00 35.25 ? 165 PRO A O   1 
ATOM   1178 C CB  . PRO A 1 163 ? 2.191   14.214  0.563   1.00 37.34 ? 165 PRO A CB  1 
ATOM   1179 C CG  . PRO A 1 163 ? 2.990   14.401  -0.691  1.00 37.86 ? 165 PRO A CG  1 
ATOM   1180 C CD  . PRO A 1 163 ? 4.343   14.789  -0.145  1.00 36.83 ? 165 PRO A CD  1 
ATOM   1181 N N   . TYR A 1 164 ? 3.839   11.385  0.303   1.00 33.71 ? 166 TYR A N   1 
ATOM   1182 C CA  . TYR A 1 164 ? 3.847   9.964   -0.016  1.00 32.09 ? 166 TYR A CA  1 
ATOM   1183 C C   . TYR A 1 164 ? 5.142   9.661   -0.763  1.00 31.70 ? 166 TYR A C   1 
ATOM   1184 O O   . TYR A 1 164 ? 5.750   10.565  -1.339  1.00 31.38 ? 166 TYR A O   1 
ATOM   1185 C CB  . TYR A 1 164 ? 2.613   9.609   -0.861  1.00 33.39 ? 166 TYR A CB  1 
ATOM   1186 C CG  . TYR A 1 164 ? 2.484   10.387  -2.156  1.00 33.02 ? 166 TYR A CG  1 
ATOM   1187 C CD1 . TYR A 1 164 ? 3.216   10.028  -3.286  1.00 33.98 ? 166 TYR A CD1 1 
ATOM   1188 C CD2 . TYR A 1 164 ? 1.631   11.485  -2.249  1.00 33.43 ? 166 TYR A CD2 1 
ATOM   1189 C CE1 . TYR A 1 164 ? 3.099   10.747  -4.487  1.00 33.94 ? 166 TYR A CE1 1 
ATOM   1190 C CE2 . TYR A 1 164 ? 1.506   12.211  -3.441  1.00 32.90 ? 166 TYR A CE2 1 
ATOM   1191 C CZ  . TYR A 1 164 ? 2.242   11.837  -4.551  1.00 34.59 ? 166 TYR A CZ  1 
ATOM   1192 O OH  . TYR A 1 164 ? 2.119   12.546  -5.725  1.00 36.68 ? 166 TYR A OH  1 
ATOM   1193 N N   . GLY A 1 165 ? 5.571   8.401   -0.750  1.00 29.65 ? 167 GLY A N   1 
ATOM   1194 C CA  . GLY A 1 165 ? 6.810   8.046   -1.420  1.00 28.44 ? 167 GLY A CA  1 
ATOM   1195 C C   . GLY A 1 165 ? 6.893   6.603   -1.879  1.00 29.49 ? 167 GLY A C   1 
ATOM   1196 O O   . GLY A 1 165 ? 6.063   5.768   -1.522  1.00 27.13 ? 167 GLY A O   1 
ATOM   1197 N N   . ARG A 1 166 ? 7.917   6.294   -2.664  1.00 30.17 ? 168 ARG A N   1 
ATOM   1198 C CA  . ARG A 1 166 ? 8.072   4.940   -3.179  1.00 32.37 ? 168 ARG A CA  1 
ATOM   1199 C C   . ARG A 1 166 ? 9.263   4.209   -2.581  1.00 31.92 ? 168 ARG A C   1 
ATOM   1200 O O   . ARG A 1 166 ? 10.394  4.708   -2.609  1.00 31.38 ? 168 ARG A O   1 
ATOM   1201 C CB  . ARG A 1 166 ? 8.198   4.985   -4.703  1.00 34.18 ? 168 ARG A CB  1 
ATOM   1202 C CG  . ARG A 1 166 ? 8.253   3.627   -5.381  1.00 38.00 ? 168 ARG A CG  1 
ATOM   1203 C CD  . ARG A 1 166 ? 8.466   3.805   -6.872  1.00 40.23 ? 168 ARG A CD  1 
ATOM   1204 N NE  . ARG A 1 166 ? 9.676   4.581   -7.134  1.00 43.03 ? 168 ARG A NE  1 
ATOM   1205 C CZ  . ARG A 1 166 ? 9.919   5.241   -8.262  1.00 44.31 ? 168 ARG A CZ  1 
ATOM   1206 N NH1 . ARG A 1 166 ? 9.033   5.227   -9.250  1.00 44.57 ? 168 ARG A NH1 1 
ATOM   1207 N NH2 . ARG A 1 166 ? 11.050  5.918   -8.400  1.00 44.14 ? 168 ARG A NH2 1 
ATOM   1208 N N   . LEU A 1 167 ? 8.999   3.026   -2.030  1.00 32.27 ? 169 LEU A N   1 
ATOM   1209 C CA  . LEU A 1 167 ? 10.037  2.199   -1.426  1.00 32.61 ? 169 LEU A CA  1 
ATOM   1210 C C   . LEU A 1 167 ? 10.869  1.551   -2.525  1.00 34.68 ? 169 LEU A C   1 
ATOM   1211 O O   . LEU A 1 167 ? 10.337  1.122   -3.554  1.00 33.37 ? 169 LEU A O   1 
ATOM   1212 C CB  . LEU A 1 167 ? 9.414   1.107   -0.545  1.00 33.41 ? 169 LEU A CB  1 
ATOM   1213 C CG  . LEU A 1 167 ? 8.458   1.541   0.576   1.00 33.05 ? 169 LEU A CG  1 
ATOM   1214 C CD1 . LEU A 1 167 ? 7.935   0.316   1.319   1.00 29.63 ? 169 LEU A CD1 1 
ATOM   1215 C CD2 . LEU A 1 167 ? 9.178   2.477   1.541   1.00 33.51 ? 169 LEU A CD2 1 
ATOM   1216 N N   . GLU A 1 168 ? 12.177  1.480   -2.301  1.00 34.98 ? 170 GLU A N   1 
ATOM   1217 C CA  . GLU A 1 168 ? 13.092  0.889   -3.269  1.00 35.53 ? 170 GLU A CA  1 
ATOM   1218 C C   . GLU A 1 168 ? 13.940  -0.162  -2.565  1.00 35.74 ? 170 GLU A C   1 
ATOM   1219 O O   . GLU A 1 168 ? 13.986  -0.210  -1.334  1.00 32.78 ? 170 GLU A O   1 
ATOM   1220 C CB  . GLU A 1 168 ? 14.010  1.965   -3.854  1.00 38.05 ? 170 GLU A CB  1 
ATOM   1221 C CG  . GLU A 1 168 ? 13.298  3.238   -4.294  1.00 39.13 ? 170 GLU A CG  1 
ATOM   1222 C CD  . GLU A 1 168 ? 12.597  3.101   -5.636  1.00 41.85 ? 170 GLU A CD  1 
ATOM   1223 O OE1 . GLU A 1 168 ? 11.960  4.087   -6.073  1.00 42.51 ? 170 GLU A OE1 1 
ATOM   1224 O OE2 . GLU A 1 168 ? 12.685  2.015   -6.254  1.00 40.96 ? 170 GLU A OE2 1 
ATOM   1225 N N   . THR A 1 169 ? 14.620  -0.991  -3.352  1.00 36.16 ? 171 THR A N   1 
ATOM   1226 C CA  . THR A 1 169 ? 15.470  -2.043  -2.809  1.00 38.35 ? 171 THR A CA  1 
ATOM   1227 C C   . THR A 1 169 ? 16.605  -1.476  -1.956  1.00 38.52 ? 171 THR A C   1 
ATOM   1228 O O   . THR A 1 169 ? 17.135  -2.166  -1.083  1.00 39.61 ? 171 THR A O   1 
ATOM   1229 C CB  . THR A 1 169 ? 16.095  -2.896  -3.939  1.00 41.37 ? 171 THR A CB  1 
ATOM   1230 O OG1 . THR A 1 169 ? 15.065  -3.354  -4.827  1.00 44.58 ? 171 THR A OG1 1 
ATOM   1231 C CG2 . THR A 1 169 ? 16.816  -4.107  -3.351  1.00 42.45 ? 171 THR A CG2 1 
ATOM   1232 N N   . ASN A 1 170 ? 16.980  -0.223  -2.202  1.00 36.69 ? 172 ASN A N   1 
ATOM   1233 C CA  . ASN A 1 170 ? 18.058  0.394   -1.440  1.00 37.26 ? 172 ASN A CA  1 
ATOM   1234 C C   . ASN A 1 170 ? 17.554  1.336   -0.352  1.00 36.24 ? 172 ASN A C   1 
ATOM   1235 O O   . ASN A 1 170 ? 18.354  1.983   0.329   1.00 34.81 ? 172 ASN A O   1 
ATOM   1236 C CB  . ASN A 1 170 ? 19.016  1.148   -2.374  1.00 37.20 ? 172 ASN A CB  1 
ATOM   1237 C CG  . ASN A 1 170 ? 18.484  2.500   -2.792  1.00 39.65 ? 172 ASN A CG  1 
ATOM   1238 O OD1 . ASN A 1 170 ? 17.359  2.616   -3.280  1.00 42.37 ? 172 ASN A OD1 1 
ATOM   1239 N ND2 . ASN A 1 170 ? 19.296  3.537   -2.608  1.00 41.25 ? 172 ASN A ND2 1 
ATOM   1240 N N   . THR A 1 171 ? 16.234  1.422   -0.197  1.00 35.08 ? 173 THR A N   1 
ATOM   1241 C CA  . THR A 1 171 ? 15.646  2.273   0.835   1.00 34.82 ? 173 THR A CA  1 
ATOM   1242 C C   . THR A 1 171 ? 16.109  1.764   2.191   1.00 34.77 ? 173 THR A C   1 
ATOM   1243 O O   . THR A 1 171 ? 16.080  0.562   2.445   1.00 35.30 ? 173 THR A O   1 
ATOM   1244 C CB  . THR A 1 171 ? 14.101  2.212   0.834   1.00 35.14 ? 173 THR A CB  1 
ATOM   1245 O OG1 . THR A 1 171 ? 13.592  2.796   -0.370  1.00 33.90 ? 173 THR A OG1 1 
ATOM   1246 C CG2 . THR A 1 171 ? 13.541  2.968   2.043   1.00 34.12 ? 173 THR A CG2 1 
ATOM   1247 N N   . LYS A 1 172 ? 16.547  2.668   3.060   1.00 34.19 ? 174 LYS A N   1 
ATOM   1248 C CA  . LYS A 1 172 ? 16.978  2.254   4.388   1.00 35.65 ? 174 LYS A CA  1 
ATOM   1249 C C   . LYS A 1 172 ? 15.721  2.132   5.242   1.00 33.61 ? 174 LYS A C   1 
ATOM   1250 O O   . LYS A 1 172 ? 14.975  3.097   5.398   1.00 33.03 ? 174 LYS A O   1 
ATOM   1251 C CB  . LYS A 1 172 ? 17.931  3.285   4.999   1.00 37.25 ? 174 LYS A CB  1 
ATOM   1252 C CG  . LYS A 1 172 ? 18.461  2.886   6.371   1.00 41.20 ? 174 LYS A CG  1 
ATOM   1253 C CD  . LYS A 1 172 ? 19.450  3.912   6.896   1.00 43.87 ? 174 LYS A CD  1 
ATOM   1254 C CE  . LYS A 1 172 ? 19.997  3.518   8.260   1.00 44.96 ? 174 LYS A CE  1 
ATOM   1255 N NZ  . LYS A 1 172 ? 20.921  4.563   8.794   1.00 44.40 ? 174 LYS A NZ  1 
ATOM   1256 N N   . LEU A 1 173 ? 15.484  0.939   5.777   1.00 33.88 ? 175 LEU A N   1 
ATOM   1257 C CA  . LEU A 1 173 ? 14.311  0.692   6.609   1.00 34.00 ? 175 LEU A CA  1 
ATOM   1258 C C   . LEU A 1 173 ? 14.675  0.668   8.085   1.00 33.69 ? 175 LEU A C   1 
ATOM   1259 O O   . LEU A 1 173 ? 15.439  -0.189  8.525   1.00 31.95 ? 175 LEU A O   1 
ATOM   1260 C CB  . LEU A 1 173 ? 13.664  -0.642  6.232   1.00 33.61 ? 175 LEU A CB  1 
ATOM   1261 C CG  . LEU A 1 173 ? 12.535  -1.138  7.145   1.00 34.08 ? 175 LEU A CG  1 
ATOM   1262 C CD1 . LEU A 1 173 ? 11.383  -0.144  7.152   1.00 32.21 ? 175 LEU A CD1 1 
ATOM   1263 C CD2 . LEU A 1 173 ? 12.062  -2.496  6.657   1.00 34.22 ? 175 LEU A CD2 1 
ATOM   1264 N N   . LEU A 1 174 ? 14.118  1.610   8.841   1.00 33.07 ? 176 LEU A N   1 
ATOM   1265 C CA  . LEU A 1 174 ? 14.369  1.699   10.275  1.00 32.49 ? 176 LEU A CA  1 
ATOM   1266 C C   . LEU A 1 174 ? 13.127  1.275   11.052  1.00 32.67 ? 176 LEU A C   1 
ATOM   1267 O O   . LEU A 1 174 ? 12.021  1.740   10.776  1.00 32.38 ? 176 LEU A O   1 
ATOM   1268 C CB  . LEU A 1 174 ? 14.750  3.132   10.652  1.00 32.62 ? 176 LEU A CB  1 
ATOM   1269 C CG  . LEU A 1 174 ? 16.021  3.674   9.991   1.00 34.15 ? 176 LEU A CG  1 
ATOM   1270 C CD1 . LEU A 1 174 ? 16.161  5.160   10.273  1.00 34.92 ? 176 LEU A CD1 1 
ATOM   1271 C CD2 . LEU A 1 174 ? 17.227  2.912   10.509  1.00 34.74 ? 176 LEU A CD2 1 
ATOM   1272 N N   . ILE A 1 175 ? 13.323  0.393   12.027  1.00 33.05 ? 177 ILE A N   1 
ATOM   1273 C CA  . ILE A 1 175 ? 12.238  -0.111  12.854  1.00 34.11 ? 177 ILE A CA  1 
ATOM   1274 C C   . ILE A 1 175 ? 12.457  0.274   14.313  1.00 33.95 ? 177 ILE A C   1 
ATOM   1275 O O   . ILE A 1 175 ? 13.532  0.059   14.864  1.00 35.26 ? 177 ILE A O   1 
ATOM   1276 C CB  . ILE A 1 175 ? 12.159  -1.649  12.792  1.00 35.13 ? 177 ILE A CB  1 
ATOM   1277 C CG1 . ILE A 1 175 ? 12.016  -2.109  11.341  1.00 36.23 ? 177 ILE A CG1 1 
ATOM   1278 C CG2 . ILE A 1 175 ? 10.985  -2.147  13.628  1.00 35.94 ? 177 ILE A CG2 1 
ATOM   1279 C CD1 . ILE A 1 175 ? 12.343  -3.582  11.152  1.00 37.99 ? 177 ILE A CD1 1 
ATOM   1280 N N   . GLN A 1 176 ? 11.434  0.847   14.933  1.00 32.71 ? 178 GLN A N   1 
ATOM   1281 C CA  . GLN A 1 176 ? 11.513  1.225   16.335  1.00 32.69 ? 178 GLN A CA  1 
ATOM   1282 C C   . GLN A 1 176 ? 10.478  0.399   17.098  1.00 32.57 ? 178 GLN A C   1 
ATOM   1283 O O   . GLN A 1 176 ? 9.460   -0.005  16.533  1.00 30.62 ? 178 GLN A O   1 
ATOM   1284 C CB  . GLN A 1 176 ? 11.214  2.707   16.490  1.00 31.93 ? 178 GLN A CB  1 
ATOM   1285 C CG  . GLN A 1 176 ? 9.796   3.065   16.140  1.00 33.30 ? 178 GLN A CG  1 
ATOM   1286 C CD  . GLN A 1 176 ? 9.658   4.507   15.722  1.00 32.98 ? 178 GLN A CD  1 
ATOM   1287 O OE1 . GLN A 1 176 ? 10.339  4.965   14.801  1.00 31.17 ? 178 GLN A OE1 1 
ATOM   1288 N NE2 . GLN A 1 176 ? 8.768   5.232   16.387  1.00 35.09 ? 178 GLN A NE2 1 
ATOM   1289 N N   . PRO A 1 177 ? 10.732  0.126   18.388  1.00 33.25 ? 179 PRO A N   1 
ATOM   1290 C CA  . PRO A 1 177 ? 9.791   -0.662  19.189  1.00 34.23 ? 179 PRO A CA  1 
ATOM   1291 C C   . PRO A 1 177 ? 8.441   0.023   19.389  1.00 35.27 ? 179 PRO A C   1 
ATOM   1292 O O   . PRO A 1 177 ? 8.354   1.246   19.143  1.00 34.79 ? 179 PRO A O   1 
ATOM   1293 C CB  . PRO A 1 177 ? 10.540  -0.859  20.507  1.00 35.26 ? 179 PRO A CB  1 
ATOM   1294 C CG  . PRO A 1 177 ? 11.979  -0.847  20.080  1.00 36.40 ? 179 PRO A CG  1 
ATOM   1295 C CD  . PRO A 1 177 ? 12.003  0.312   19.111  1.00 34.46 ? 179 PRO A CD  1 
HETATM 1296 S S   . SO4 B 2 .   ? -4.463  -11.172 -8.656  1.00 50.49 ? 182 SO4 A S   1 
HETATM 1297 O O1  . SO4 B 2 .   ? -5.715  -10.316 -8.083  1.00 51.53 ? 182 SO4 A O1  1 
HETATM 1298 O O2  . SO4 B 2 .   ? -3.876  -11.791 -7.490  1.00 50.18 ? 182 SO4 A O2  1 
HETATM 1299 O O3  . SO4 B 2 .   ? -4.887  -12.034 -9.538  1.00 51.71 ? 182 SO4 A O3  1 
HETATM 1300 O O4  . SO4 B 2 .   ? -3.576  -10.153 -9.154  1.00 49.54 ? 182 SO4 A O4  1 
HETATM 1301 O O   . HOH C 3 .   ? -15.923 -6.315  -1.579  1.00 40.82 ? 183 HOH A O   1 
HETATM 1302 O O   . HOH C 3 .   ? 0.204   2.338   0.033   1.00 21.31 ? 184 HOH A O   1 
HETATM 1303 O O   . HOH C 3 .   ? -4.206  0.856   5.121   1.00 43.68 ? 185 HOH A O   1 
HETATM 1304 O O   . HOH C 3 .   ? -4.329  -5.966  -1.896  1.00 23.53 ? 186 HOH A O   1 
HETATM 1305 O O   . HOH C 3 .   ? -9.775  12.158  -0.757  1.00 22.26 ? 187 HOH A O   1 
HETATM 1306 O O   . HOH C 3 .   ? -3.120  -10.097 4.453   1.00 32.11 ? 188 HOH A O   1 
HETATM 1307 O O   . HOH C 3 .   ? 3.345   -2.122  -7.165  1.00 22.86 ? 189 HOH A O   1 
HETATM 1308 O O   . HOH C 3 .   ? -4.966  -8.850  8.243   1.00 40.67 ? 190 HOH A O   1 
HETATM 1309 O O   . HOH C 3 .   ? 0.389   -7.380  2.990   1.00 18.49 ? 191 HOH A O   1 
HETATM 1310 O O   . HOH C 3 .   ? -9.557  8.470   0.721   1.00 36.05 ? 192 HOH A O   1 
HETATM 1311 O O   . HOH C 3 .   ? -8.776  8.420   4.613   1.00 29.62 ? 193 HOH A O   1 
HETATM 1312 O O   . HOH C 3 .   ? 3.389   9.789   10.901  1.00 40.54 ? 194 HOH A O   1 
HETATM 1313 O O   . HOH C 3 .   ? -6.948  -7.650  -16.374 1.00 31.18 ? 195 HOH A O   1 
HETATM 1314 O O   . HOH C 3 .   ? -6.491  -7.461  -3.790  1.00 22.17 ? 196 HOH A O   1 
HETATM 1315 O O   . HOH C 3 .   ? -6.886  -8.887  -5.934  1.00 37.25 ? 197 HOH A O   1 
HETATM 1316 O O   . HOH C 3 .   ? -0.202  -5.572  22.061  1.00 36.97 ? 198 HOH A O   1 
HETATM 1317 O O   . HOH C 3 .   ? 3.689   8.692   -9.117  1.00 28.97 ? 199 HOH A O   1 
HETATM 1318 O O   . HOH C 3 .   ? -8.732  5.969   1.169   1.00 38.44 ? 200 HOH A O   1 
HETATM 1319 O O   . HOH C 3 .   ? 14.937  -1.401  16.675  1.00 49.96 ? 201 HOH A O   1 
HETATM 1320 O O   . HOH C 3 .   ? -2.174  -8.096  2.877   1.00 20.22 ? 202 HOH A O   1 
HETATM 1321 O O   . HOH C 3 .   ? 4.911   -4.250  -7.446  1.00 29.71 ? 203 HOH A O   1 
HETATM 1322 O O   . HOH C 3 .   ? -10.154 -5.291  -18.282 1.00 32.93 ? 204 HOH A O   1 
HETATM 1323 O O   . HOH C 3 .   ? -16.797 -4.879  6.975   1.00 35.87 ? 205 HOH A O   1 
HETATM 1324 O O   . HOH C 3 .   ? 16.109  -0.240  12.590  1.00 34.02 ? 206 HOH A O   1 
HETATM 1325 O O   . HOH C 3 .   ? 10.527  7.565   13.441  1.00 46.35 ? 207 HOH A O   1 
HETATM 1326 O O   . HOH C 3 .   ? 2.449   1.611   -8.220  1.00 29.20 ? 208 HOH A O   1 
HETATM 1327 O O   . HOH C 3 .   ? 15.186  3.352   -7.025  1.00 44.41 ? 209 HOH A O   1 
HETATM 1328 O O   . HOH C 3 .   ? 17.670  -0.863  5.734   1.00 48.36 ? 210 HOH A O   1 
HETATM 1329 O O   . HOH C 3 .   ? -5.902  -8.804  10.814  1.00 37.82 ? 211 HOH A O   1 
HETATM 1330 O O   . HOH C 3 .   ? 2.585   -11.784 -0.291  1.00 33.73 ? 212 HOH A O   1 
HETATM 1331 O O   . HOH C 3 .   ? 0.803   8.568   -18.128 1.00 45.85 ? 213 HOH A O   1 
HETATM 1332 O O   . HOH C 3 .   ? -8.187  -3.664  9.140   1.00 35.75 ? 214 HOH A O   1 
HETATM 1333 O O   . HOH C 3 .   ? 12.076  3.681   13.178  1.00 45.90 ? 215 HOH A O   1 
HETATM 1334 O O   . HOH C 3 .   ? -3.781  12.308  -12.690 1.00 48.98 ? 216 HOH A O   1 
HETATM 1335 O O   . HOH C 3 .   ? -8.749  -11.508 -23.744 1.00 47.01 ? 217 HOH A O   1 
HETATM 1336 O O   . HOH C 3 .   ? 6.604   -11.777 0.891   1.00 50.04 ? 218 HOH A O   1 
HETATM 1337 O O   . HOH C 3 .   ? 11.886  -8.329  -1.856  1.00 46.18 ? 219 HOH A O   1 
HETATM 1338 O O   . HOH C 3 .   ? -3.284  -6.182  19.970  1.00 43.15 ? 220 HOH A O   1 
HETATM 1339 O O   . HOH C 3 .   ? -0.991  8.428   -15.473 1.00 40.25 ? 221 HOH A O   1 
HETATM 1340 O O   . HOH C 3 .   ? -3.516  3.189   6.686   1.00 35.34 ? 222 HOH A O   1 
HETATM 1341 O O   . HOH C 3 .   ? -8.394  14.953  -11.260 1.00 40.92 ? 223 HOH A O   1 
HETATM 1342 O O   . HOH C 3 .   ? 9.904   -6.934  -4.285  1.00 38.40 ? 224 HOH A O   1 
HETATM 1343 O O   . HOH C 3 .   ? 18.223  -0.622  8.392   1.00 48.71 ? 225 HOH A O   1 
HETATM 1344 O O   . HOH C 3 .   ? -14.494 5.894   0.671   1.00 46.48 ? 226 HOH A O   1 
HETATM 1345 O O   . HOH C 3 .   ? 0.017   0.130   -1.772  1.00 17.41 ? 227 HOH A O   1 
HETATM 1346 O O   . HOH C 3 .   ? 2.580   -15.028 2.680   1.00 42.14 ? 228 HOH A O   1 
HETATM 1347 O O   . HOH C 3 .   ? 13.963  9.167   7.653   1.00 55.46 ? 229 HOH A O   1 
HETATM 1348 O O   . HOH C 3 .   ? 6.976   -2.425  -12.068 1.00 58.75 ? 230 HOH A O   1 
HETATM 1349 O O   . HOH C 3 .   ? 12.781  -7.017  -4.997  1.00 57.78 ? 231 HOH A O   1 
HETATM 1350 O O   . HOH C 3 .   ? -5.222  -10.005 5.836   1.00 38.70 ? 232 HOH A O   1 
HETATM 1351 O O   . HOH C 3 .   ? 3.333   -10.576 -2.651  1.00 51.65 ? 233 HOH A O   1 
# 
